data_5FU6
#
_entry.id   5FU6
#
_cell.length_a   75.980
_cell.length_b   135.320
_cell.length_c   101.330
_cell.angle_alpha   90.00
_cell.angle_beta   107.67
_cell.angle_gamma   90.00
#
_symmetry.space_group_name_H-M   'P 1 21 1'
#
loop_
_entity.id
_entity.type
_entity.pdbx_description
1 polymer 'CCR4-NOT TRANSCRIPTION COMPLEX SUBUNIT 1'
2 polymer 'CCR4-NOT TRANSCRIPTION COMPLEX SUBUNIT 2'
3 polymer 'CCR4-NOT TRANSCRIPTION COMPLEX SUBUNIT 3'
#
loop_
_entity_poly.entity_id
_entity_poly.type
_entity_poly.pdbx_seq_one_letter_code
_entity_poly.pdbx_strand_id
1 'polypeptide(L)'
;GPHMLEHSGISQASEYDDPPGLREKAEYLLREWVNLYHSAAAGRDSTKAFSAFVGQMHQQGILKTDDLITRFFRLCTEMC
VEISYRAQAEQQHNPAANPTMIRAKCYHNLDAFVRLIALLVKHSGEATNTVTKINLLNKVLGIVVGVLLQDHDVRQSEFQ
QLPYHRIFIMLLLELNAPEHVLETINFQTLTAFCNTFHILRPTKAPGFVYAWLELISHRIFIARMLAHTPQQKGWPMYAQ
LLIDLFKYLAPFLRNVELTKPMQILYKGTLRVLLVLLHDFPEFLCDYHYGFCDVIPPNCIQLRNLILSAFPRNMRLPDPF
TPNLKVDMLSEINIAPRILTNFTGVMPPQFKKDLDSYLKTRSPVTFLSDLRSNLQVSNEPGNRYNLQLINALVLYVGTQA
IAHIHNKGSTPSMSTITHSAHMDIFQNLAVDLDTEGRYLFLNAIANQLRYPNSHTHYFSCTMLYLFAEANTEAIQEQITR
VLLERLIVNRPHPWGLLITFIELIKNPAFKFWNHEFVEEEPEIEKLFQSVAQCCM
;
A,D
2 'polypeptide(L)'
;GPHMLEMVTDQFGMIGLLTFIRAAETDPGMVHLALGSDLTTLGLNLNSPENLYPKFASPWASSPCRPQDIDFHVPSEYLT
NIHIRDKLAAIKLGRYGEDLLFYLYYMNGGDVLQLLAAVELFNRDWRYHKEERVWITRAPGMEPTMKTNTYERGTYYFFD
CLNWRKVAKEFHLEYDKLEERPHLPSTFNYNPAQQAF
;
B,E
3 'polypeptide(L)'
;GPHMLELTKEQLYQQAMEEAAWHHMPHPSDSERIRQYLPRNPCPTPPYHHQMPPPHSDTVEFYQRLSTETLFFIFYYLEG
TKAQYLAAKALKKQSWRFHTKYMMWFQRHEEPKTITDEFEQGTYIYFDYEKWGQRKKEGFTFEYRYLE
;
C,F
#
# COMPACT_ATOMS: atom_id res chain seq x y z
N TYR A 16 18.53 20.89 17.89
CA TYR A 16 19.09 22.24 17.72
C TYR A 16 18.01 23.26 17.34
N ASP A 17 17.25 23.00 16.24
CA ASP A 17 16.07 23.77 15.82
C ASP A 17 14.94 22.79 15.38
N ASP A 18 14.99 21.56 15.97
CA ASP A 18 14.03 20.45 15.89
C ASP A 18 12.85 20.71 16.82
N PRO A 19 11.60 20.57 16.35
CA PRO A 19 10.44 20.74 17.25
C PRO A 19 10.53 19.82 18.48
N PRO A 20 10.02 20.24 19.67
CA PRO A 20 10.16 19.39 20.88
C PRO A 20 9.52 17.99 20.80
N GLY A 21 10.22 17.00 21.35
CA GLY A 21 9.76 15.62 21.37
C GLY A 21 9.98 14.83 20.10
N LEU A 22 10.32 15.52 18.97
CA LEU A 22 10.58 14.94 17.65
C LEU A 22 11.69 13.88 17.66
N ARG A 23 12.82 14.17 18.33
CA ARG A 23 13.97 13.24 18.43
C ARG A 23 13.56 11.92 19.10
N GLU A 24 12.84 12.02 20.26
CA GLU A 24 12.33 10.89 21.05
C GLU A 24 11.29 10.06 20.26
N LYS A 25 10.45 10.75 19.44
CA LYS A 25 9.41 10.25 18.53
C LYS A 25 10.04 9.46 17.40
N ALA A 26 11.05 10.04 16.73
CA ALA A 26 11.79 9.40 15.62
C ALA A 26 12.64 8.24 16.11
N GLU A 27 13.34 8.39 17.26
CA GLU A 27 14.16 7.33 17.87
C GLU A 27 13.30 6.12 18.32
N TYR A 28 12.00 6.36 18.63
CA TYR A 28 11.03 5.31 18.96
C TYR A 28 10.68 4.59 17.67
N LEU A 29 10.15 5.33 16.65
CA LEU A 29 9.78 4.81 15.32
C LEU A 29 10.89 3.94 14.73
N LEU A 30 12.13 4.42 14.70
CA LEU A 30 13.27 3.62 14.23
C LEU A 30 13.49 2.39 15.10
N ARG A 31 13.64 2.53 16.45
CA ARG A 31 13.85 1.40 17.38
C ARG A 31 12.91 0.23 17.09
N GLU A 32 11.63 0.57 16.77
CA GLU A 32 10.55 -0.33 16.38
C GLU A 32 10.80 -0.92 15.03
N TRP A 33 11.16 -0.09 14.02
CA TRP A 33 11.42 -0.63 12.68
C TRP A 33 12.52 -1.67 12.74
N VAL A 34 13.58 -1.42 13.52
CA VAL A 34 14.69 -2.36 13.78
C VAL A 34 14.12 -3.67 14.35
N ASN A 35 13.08 -3.63 15.18
CA ASN A 35 12.45 -4.85 15.70
C ASN A 35 11.53 -5.54 14.69
N LEU A 36 10.79 -4.74 13.89
CA LEU A 36 9.89 -5.18 12.82
C LEU A 36 10.65 -5.82 11.64
N TYR A 37 11.84 -5.26 11.33
CA TYR A 37 12.72 -5.68 10.24
C TYR A 37 13.18 -7.12 10.43
N HIS A 38 13.66 -7.46 11.65
CA HIS A 38 14.16 -8.80 11.98
C HIS A 38 13.03 -9.86 12.20
N SER A 39 11.77 -9.44 12.41
CA SER A 39 10.61 -10.30 12.65
C SER A 39 10.28 -11.18 11.44
N ALA A 40 9.66 -12.36 11.68
CA ALA A 40 9.29 -13.33 10.64
C ALA A 40 8.13 -12.87 9.73
N ALA A 41 7.18 -12.13 10.31
CA ALA A 41 5.99 -11.62 9.62
C ALA A 41 6.25 -10.59 8.49
N ALA A 42 7.38 -9.84 8.57
CA ALA A 42 7.77 -8.75 7.64
C ALA A 42 7.62 -9.05 6.16
N GLY A 43 8.03 -10.24 5.73
CA GLY A 43 7.88 -10.66 4.34
C GLY A 43 9.10 -10.69 3.46
N ARG A 44 10.30 -10.88 4.07
CA ARG A 44 11.63 -10.97 3.42
C ARG A 44 12.13 -9.62 2.96
N ASP A 45 11.35 -8.95 2.08
CA ASP A 45 11.59 -7.61 1.56
C ASP A 45 11.14 -6.57 2.63
N SER A 46 10.38 -7.04 3.66
CA SER A 46 9.84 -6.30 4.80
C SER A 46 8.67 -5.33 4.40
N THR A 47 7.93 -5.68 3.33
CA THR A 47 6.82 -4.89 2.80
C THR A 47 5.53 -5.08 3.60
N LYS A 48 5.31 -6.27 4.21
CA LYS A 48 4.14 -6.47 5.07
C LYS A 48 4.26 -5.50 6.26
N ALA A 49 5.49 -5.37 6.82
CA ALA A 49 5.86 -4.50 7.94
C ALA A 49 5.88 -3.03 7.57
N PHE A 50 6.19 -2.73 6.28
CA PHE A 50 6.33 -1.37 5.76
C PHE A 50 5.02 -0.60 5.60
N SER A 51 3.98 -1.21 5.02
CA SER A 51 2.66 -0.60 4.81
C SER A 51 2.04 -0.17 6.16
N ALA A 52 2.21 -1.05 7.16
CA ALA A 52 1.80 -0.88 8.55
C ALA A 52 2.67 0.18 9.21
N PHE A 53 3.95 0.31 8.78
CA PHE A 53 4.84 1.30 9.34
C PHE A 53 4.61 2.70 8.77
N VAL A 54 4.33 2.83 7.43
CA VAL A 54 4.07 4.11 6.76
C VAL A 54 2.87 4.79 7.43
N GLY A 55 1.83 3.99 7.69
CA GLY A 55 0.64 4.43 8.39
C GLY A 55 1.01 4.98 9.75
N GLN A 56 1.80 4.21 10.54
CA GLN A 56 2.28 4.63 11.85
C GLN A 56 3.00 5.99 11.79
N MET A 57 3.83 6.22 10.74
CA MET A 57 4.54 7.47 10.46
C MET A 57 3.55 8.61 10.15
N HIS A 58 2.37 8.32 9.56
CA HIS A 58 1.36 9.33 9.22
C HIS A 58 0.66 9.80 10.47
N GLN A 59 0.16 8.86 11.31
CA GLN A 59 -0.55 9.14 12.56
C GLN A 59 0.34 9.85 13.60
N GLN A 60 1.66 9.59 13.57
CA GLN A 60 2.65 10.25 14.42
C GLN A 60 3.16 11.57 13.79
N GLY A 61 2.62 11.87 12.60
CA GLY A 61 2.85 13.09 11.82
C GLY A 61 4.27 13.47 11.44
N ILE A 62 5.15 12.48 11.20
CA ILE A 62 6.55 12.73 10.79
C ILE A 62 6.65 13.02 9.30
N LEU A 63 5.62 12.65 8.53
CA LEU A 63 5.59 12.83 7.07
C LEU A 63 4.79 14.08 6.65
N LYS A 64 4.30 14.89 7.63
CA LYS A 64 3.48 16.10 7.44
C LYS A 64 4.07 17.11 6.45
N THR A 65 5.32 17.56 6.66
CA THR A 65 6.02 18.54 5.81
C THR A 65 7.35 18.02 5.31
N ASP A 66 7.88 18.64 4.24
CA ASP A 66 9.18 18.28 3.64
C ASP A 66 10.29 18.40 4.68
N ASP A 67 10.26 19.48 5.49
CA ASP A 67 11.19 19.77 6.58
C ASP A 67 11.20 18.64 7.63
N LEU A 68 10.00 18.11 7.99
CA LEU A 68 9.91 17.00 8.95
C LEU A 68 10.52 15.70 8.39
N ILE A 69 10.14 15.29 7.15
CA ILE A 69 10.68 14.12 6.45
C ILE A 69 12.24 14.22 6.52
N THR A 70 12.79 15.43 6.25
CA THR A 70 14.21 15.76 6.29
C THR A 70 14.77 15.52 7.68
N ARG A 71 14.15 16.14 8.71
CA ARG A 71 14.61 16.03 10.10
C ARG A 71 14.56 14.61 10.63
N PHE A 72 13.54 13.83 10.23
CA PHE A 72 13.35 12.43 10.60
C PHE A 72 14.51 11.59 10.09
N PHE A 73 14.84 11.75 8.78
CA PHE A 73 15.94 11.05 8.10
C PHE A 73 17.28 11.34 8.73
N ARG A 74 17.48 12.60 9.20
CA ARG A 74 18.70 13.03 9.90
C ARG A 74 18.78 12.39 11.31
N LEU A 75 17.67 12.36 12.04
CA LEU A 75 17.62 11.80 13.39
C LEU A 75 17.83 10.29 13.42
N CYS A 76 17.33 9.61 12.38
CA CYS A 76 17.46 8.16 12.20
C CYS A 76 18.91 7.81 11.98
N THR A 77 19.60 8.63 11.15
CA THR A 77 21.01 8.51 10.80
C THR A 77 21.85 8.75 12.05
N GLU A 78 21.49 9.81 12.83
CA GLU A 78 22.17 10.17 14.07
C GLU A 78 22.08 9.06 15.10
N MET A 79 20.89 8.43 15.24
CA MET A 79 20.65 7.34 16.20
C MET A 79 21.52 6.10 15.90
N CYS A 80 21.71 5.77 14.59
CA CYS A 80 22.52 4.64 14.14
C CYS A 80 24.01 4.92 14.43
N VAL A 81 24.44 6.17 14.24
CA VAL A 81 25.81 6.63 14.49
C VAL A 81 26.12 6.51 16.01
N GLU A 82 25.17 6.88 16.90
CA GLU A 82 25.32 6.75 18.36
C GLU A 82 25.50 5.27 18.69
N ILE A 83 24.65 4.38 18.10
CA ILE A 83 24.66 2.92 18.29
C ILE A 83 26.05 2.37 17.97
N SER A 84 26.68 2.79 16.85
CA SER A 84 28.02 2.34 16.50
C SER A 84 29.03 2.86 17.49
N TYR A 85 28.90 4.13 17.87
CA TYR A 85 29.78 4.75 18.83
C TYR A 85 29.75 4.02 20.16
N ARG A 86 28.53 3.75 20.70
CA ARG A 86 28.22 3.03 21.95
C ARG A 86 28.71 1.60 21.88
N ALA A 87 28.67 0.98 20.69
CA ALA A 87 29.14 -0.38 20.45
C ALA A 87 30.65 -0.36 20.55
N GLN A 88 31.35 0.45 19.71
CA GLN A 88 32.81 0.58 19.74
C GLN A 88 33.36 0.96 21.14
N ALA A 89 32.51 1.59 22.00
CA ALA A 89 32.90 1.96 23.36
C ALA A 89 32.94 0.71 24.23
N GLU A 90 31.82 -0.06 24.27
CA GLU A 90 31.71 -1.31 25.02
C GLU A 90 32.60 -2.45 24.43
N GLN A 91 33.50 -2.10 23.50
CA GLN A 91 34.46 -2.97 22.83
C GLN A 91 35.83 -2.78 23.48
N GLN A 92 36.23 -1.49 23.68
CA GLN A 92 37.50 -1.11 24.29
C GLN A 92 37.39 -1.13 25.82
N HIS A 93 36.30 -0.56 26.37
CA HIS A 93 36.03 -0.49 27.81
C HIS A 93 35.76 -1.86 28.46
N ASN A 94 35.71 -2.93 27.63
CA ASN A 94 35.53 -4.32 28.01
C ASN A 94 36.13 -5.23 26.89
N PRO A 95 37.39 -5.71 27.04
CA PRO A 95 37.98 -6.56 25.99
C PRO A 95 37.39 -7.98 25.93
N ALA A 96 36.61 -8.36 26.97
CA ALA A 96 35.92 -9.65 27.10
C ALA A 96 34.74 -9.76 26.10
N ALA A 97 34.16 -8.60 25.70
CA ALA A 97 33.05 -8.51 24.75
C ALA A 97 33.53 -8.84 23.33
N ASN A 98 32.80 -9.76 22.65
CA ASN A 98 33.10 -10.28 21.31
C ASN A 98 32.98 -9.22 20.18
N PRO A 99 34.06 -8.95 19.40
CA PRO A 99 33.98 -7.94 18.34
C PRO A 99 32.96 -8.24 17.24
N THR A 100 32.78 -9.53 16.92
CA THR A 100 31.83 -10.01 15.92
C THR A 100 30.40 -9.69 16.39
N MET A 101 30.11 -9.90 17.71
CA MET A 101 28.81 -9.61 18.37
C MET A 101 28.53 -8.12 18.41
N ILE A 102 29.58 -7.30 18.66
CA ILE A 102 29.49 -5.85 18.71
C ILE A 102 29.18 -5.35 17.32
N ARG A 103 29.95 -5.80 16.30
CA ARG A 103 29.74 -5.45 14.90
C ARG A 103 28.32 -5.82 14.46
N ALA A 104 27.81 -7.00 14.92
CA ALA A 104 26.45 -7.47 14.62
C ALA A 104 25.36 -6.55 15.15
N LYS A 105 25.60 -5.90 16.29
CA LYS A 105 24.66 -4.94 16.87
C LYS A 105 24.53 -3.71 15.96
N CYS A 106 25.66 -3.24 15.35
CA CYS A 106 25.68 -2.10 14.43
C CYS A 106 24.91 -2.42 13.16
N TYR A 107 25.18 -3.59 12.56
CA TYR A 107 24.55 -4.01 11.32
C TYR A 107 23.06 -4.16 11.48
N HIS A 108 22.63 -4.71 12.62
CA HIS A 108 21.24 -4.91 13.00
C HIS A 108 20.41 -3.65 12.67
N ASN A 109 20.76 -2.54 13.28
CA ASN A 109 20.09 -1.27 13.13
C ASN A 109 20.39 -0.61 11.79
N LEU A 110 21.66 -0.70 11.30
CA LEU A 110 22.00 -0.07 10.04
C LEU A 110 21.23 -0.66 8.85
N ASP A 111 21.15 -2.01 8.76
CA ASP A 111 20.43 -2.74 7.71
C ASP A 111 18.95 -2.43 7.77
N ALA A 112 18.37 -2.39 8.97
CA ALA A 112 16.98 -2.05 9.21
C ALA A 112 16.70 -0.65 8.70
N PHE A 113 17.62 0.31 8.94
CA PHE A 113 17.49 1.69 8.46
C PHE A 113 17.55 1.76 6.97
N VAL A 114 18.53 1.01 6.37
CA VAL A 114 18.79 0.89 4.91
C VAL A 114 17.55 0.39 4.19
N ARG A 115 16.91 -0.69 4.72
CA ARG A 115 15.66 -1.22 4.16
C ARG A 115 14.51 -0.18 4.19
N LEU A 116 14.44 0.64 5.27
CA LEU A 116 13.44 1.69 5.38
C LEU A 116 13.64 2.71 4.24
N ILE A 117 14.90 3.21 4.08
CA ILE A 117 15.22 4.18 3.02
C ILE A 117 14.88 3.57 1.65
N ALA A 118 15.43 2.37 1.35
CA ALA A 118 15.20 1.67 0.08
C ALA A 118 13.71 1.49 -0.20
N LEU A 119 12.90 1.07 0.82
CA LEU A 119 11.46 0.86 0.66
C LEU A 119 10.70 2.16 0.44
N LEU A 120 11.22 3.29 0.96
CA LEU A 120 10.62 4.61 0.80
C LEU A 120 10.84 5.23 -0.58
N VAL A 121 12.04 5.06 -1.15
CA VAL A 121 12.42 5.54 -2.48
C VAL A 121 11.75 4.64 -3.52
N LYS A 122 11.72 3.31 -3.27
CA LYS A 122 11.08 2.34 -4.15
C LYS A 122 9.57 2.48 -4.10
N HIS A 123 9.03 3.12 -3.07
CA HIS A 123 7.59 3.38 -2.99
C HIS A 123 7.24 4.70 -3.67
N SER A 124 8.15 5.70 -3.66
CA SER A 124 7.93 6.97 -4.37
C SER A 124 8.10 6.82 -5.91
N GLY A 125 8.73 5.71 -6.33
CA GLY A 125 8.93 5.36 -7.73
C GLY A 125 7.69 4.70 -8.30
N GLU A 126 7.16 3.70 -7.57
CA GLU A 126 5.95 2.94 -7.89
C GLU A 126 4.72 3.86 -7.81
N ALA A 127 4.51 4.49 -6.62
CA ALA A 127 3.39 5.37 -6.31
C ALA A 127 3.30 6.61 -7.19
N THR A 128 4.42 7.30 -7.46
CA THR A 128 4.36 8.48 -8.33
C THR A 128 5.18 8.24 -9.63
N ASN A 129 6.47 8.64 -9.67
CA ASN A 129 7.34 8.48 -10.84
C ASN A 129 8.82 8.32 -10.45
N THR A 130 9.72 8.15 -11.43
CA THR A 130 11.15 7.96 -11.19
C THR A 130 11.89 9.28 -10.84
N VAL A 131 11.33 10.45 -11.20
CA VAL A 131 11.97 11.75 -10.90
C VAL A 131 11.73 12.11 -9.42
N THR A 132 10.48 12.01 -8.92
CA THR A 132 10.17 12.29 -7.51
C THR A 132 10.78 11.22 -6.59
N LYS A 133 11.09 10.03 -7.16
CA LYS A 133 11.77 8.90 -6.50
C LYS A 133 13.25 9.28 -6.36
N ILE A 134 13.93 9.60 -7.49
CA ILE A 134 15.32 10.03 -7.58
C ILE A 134 15.56 11.25 -6.70
N ASN A 135 14.65 12.26 -6.74
CA ASN A 135 14.75 13.45 -5.89
C ASN A 135 14.80 13.07 -4.40
N LEU A 136 13.99 12.05 -4.00
CA LEU A 136 14.00 11.55 -2.63
C LEU A 136 15.29 10.83 -2.34
N LEU A 137 15.82 10.07 -3.31
CA LEU A 137 17.10 9.39 -3.12
C LEU A 137 18.20 10.40 -2.79
N ASN A 138 18.28 11.47 -3.60
CA ASN A 138 19.26 12.53 -3.43
C ASN A 138 19.08 13.30 -2.13
N LYS A 139 17.83 13.42 -1.67
CA LYS A 139 17.47 14.09 -0.41
C LYS A 139 18.07 13.26 0.76
N VAL A 140 17.94 11.92 0.67
CA VAL A 140 18.47 11.07 1.72
C VAL A 140 19.98 11.12 1.72
N LEU A 141 20.60 10.86 0.56
CA LEU A 141 22.05 10.88 0.36
C LEU A 141 22.70 12.15 0.94
N GLY A 142 22.12 13.32 0.65
CA GLY A 142 22.57 14.60 1.17
C GLY A 142 22.52 14.70 2.69
N ILE A 143 21.40 14.19 3.29
CA ILE A 143 21.13 14.14 4.74
C ILE A 143 22.20 13.28 5.44
N VAL A 144 22.56 12.11 4.81
CA VAL A 144 23.59 11.20 5.32
C VAL A 144 24.98 11.87 5.20
N VAL A 145 25.30 12.43 4.00
CA VAL A 145 26.55 13.16 3.74
C VAL A 145 26.72 14.23 4.80
N GLY A 146 25.63 14.93 5.07
CA GLY A 146 25.56 16.02 6.04
C GLY A 146 25.87 15.58 7.44
N VAL A 147 25.32 14.42 7.81
CA VAL A 147 25.48 13.85 9.16
C VAL A 147 26.95 13.43 9.27
N LEU A 148 27.47 12.86 8.14
CA LEU A 148 28.83 12.36 8.06
C LEU A 148 29.81 13.49 8.31
N LEU A 149 29.80 14.52 7.44
CA LEU A 149 30.71 15.64 7.56
C LEU A 149 30.67 16.32 8.93
N GLN A 150 29.48 16.51 9.54
CA GLN A 150 29.37 17.12 10.85
C GLN A 150 30.11 16.24 11.87
N ASP A 151 29.77 14.94 11.93
CA ASP A 151 30.38 13.92 12.79
C ASP A 151 31.91 13.97 12.62
N HIS A 152 32.35 13.73 11.37
CA HIS A 152 33.73 13.78 10.90
C HIS A 152 34.47 15.01 11.44
N ASP A 153 33.89 16.20 11.25
CA ASP A 153 34.45 17.49 11.71
C ASP A 153 34.42 17.69 13.21
N VAL A 154 33.43 17.14 13.92
CA VAL A 154 33.36 17.34 15.38
C VAL A 154 34.18 16.25 16.12
N ARG A 155 33.90 14.94 15.85
CA ARG A 155 34.56 13.78 16.49
C ARG A 155 36.05 13.64 16.11
N GLN A 156 36.40 14.09 14.91
CA GLN A 156 37.77 14.15 14.41
C GLN A 156 38.47 12.78 14.43
N SER A 157 39.60 12.65 15.16
CA SER A 157 40.39 11.43 15.33
C SER A 157 39.57 10.26 15.94
N GLU A 158 38.36 10.54 16.46
CA GLU A 158 37.48 9.52 17.01
C GLU A 158 36.37 9.16 16.02
N PHE A 159 36.30 9.85 14.84
CA PHE A 159 35.32 9.60 13.77
C PHE A 159 35.30 8.15 13.38
N GLN A 160 34.09 7.58 13.25
CA GLN A 160 33.89 6.17 12.87
C GLN A 160 33.24 6.08 11.49
N GLN A 161 33.88 5.37 10.55
CA GLN A 161 33.33 5.28 9.20
C GLN A 161 32.23 4.20 9.00
N LEU A 162 32.21 3.15 9.85
CA LEU A 162 31.32 1.99 9.71
C LEU A 162 29.83 2.37 9.44
N PRO A 163 29.14 3.29 10.21
CA PRO A 163 27.71 3.54 9.90
C PRO A 163 27.46 3.97 8.44
N TYR A 164 28.25 4.94 7.96
CA TYR A 164 28.11 5.51 6.63
C TYR A 164 28.45 4.57 5.54
N HIS A 165 29.56 3.87 5.71
CA HIS A 165 30.04 2.87 4.76
C HIS A 165 29.01 1.77 4.63
N ARG A 166 28.47 1.23 5.76
CA ARG A 166 27.43 0.20 5.67
C ARG A 166 26.18 0.76 5.03
N ILE A 167 25.74 1.97 5.42
CA ILE A 167 24.55 2.60 4.81
C ILE A 167 24.69 2.70 3.27
N PHE A 168 25.76 3.35 2.81
CA PHE A 168 25.97 3.58 1.39
C PHE A 168 26.01 2.30 0.54
N ILE A 169 26.77 1.27 0.96
CA ILE A 169 26.87 0.07 0.13
C ILE A 169 25.57 -0.74 0.13
N MET A 170 24.97 -0.94 1.31
CA MET A 170 23.75 -1.70 1.43
C MET A 170 22.63 -1.06 0.64
N LEU A 171 22.55 0.29 0.66
CA LEU A 171 21.54 1.04 -0.07
C LEU A 171 21.76 0.87 -1.57
N LEU A 172 23.05 1.03 -2.02
CA LEU A 172 23.44 0.84 -3.42
C LEU A 172 23.00 -0.55 -3.86
N LEU A 173 23.34 -1.59 -3.10
CA LEU A 173 22.98 -2.96 -3.45
C LEU A 173 21.46 -3.21 -3.49
N GLU A 174 20.67 -2.57 -2.58
CA GLU A 174 19.20 -2.64 -2.50
C GLU A 174 18.48 -2.01 -3.73
N LEU A 175 18.95 -0.85 -4.19
CA LEU A 175 18.38 -0.10 -5.31
C LEU A 175 18.93 -0.51 -6.68
N ASN A 176 19.90 -1.42 -6.67
CA ASN A 176 20.54 -1.97 -7.86
C ASN A 176 19.69 -3.18 -8.30
N ALA A 177 19.51 -4.14 -7.32
CA ALA A 177 18.87 -5.46 -7.33
C ALA A 177 19.71 -6.52 -8.17
N PRO A 178 21.00 -6.80 -7.78
CA PRO A 178 21.81 -7.76 -8.56
C PRO A 178 21.69 -9.21 -8.10
N THR A 184 18.63 2.26 -17.93
CA THR A 184 17.81 3.48 -17.99
C THR A 184 17.67 4.11 -16.57
N ILE A 185 16.75 3.56 -15.75
CA ILE A 185 16.38 3.97 -14.38
C ILE A 185 17.58 3.81 -13.41
N ASN A 186 18.43 2.79 -13.66
CA ASN A 186 19.61 2.48 -12.86
C ASN A 186 20.70 3.54 -13.03
N PHE A 187 20.76 4.17 -14.22
CA PHE A 187 21.77 5.20 -14.42
C PHE A 187 21.51 6.43 -13.56
N GLN A 188 20.22 6.74 -13.35
CA GLN A 188 19.80 7.87 -12.52
C GLN A 188 20.21 7.67 -11.07
N THR A 189 20.10 6.41 -10.61
CA THR A 189 20.52 5.94 -9.30
C THR A 189 22.05 6.03 -9.20
N LEU A 190 22.78 5.43 -10.18
CA LEU A 190 24.24 5.42 -10.24
C LEU A 190 24.85 6.81 -10.15
N THR A 191 24.23 7.79 -10.86
CA THR A 191 24.62 9.19 -10.86
C THR A 191 24.47 9.76 -9.44
N ALA A 192 23.36 9.40 -8.71
CA ALA A 192 23.13 9.87 -7.34
C ALA A 192 24.28 9.45 -6.44
N PHE A 193 24.71 8.17 -6.54
CA PHE A 193 25.77 7.58 -5.72
C PHE A 193 27.13 8.20 -6.06
N CYS A 194 27.42 8.36 -7.37
CA CYS A 194 28.59 9.04 -7.90
C CYS A 194 28.74 10.46 -7.35
N ASN A 195 27.65 11.25 -7.37
CA ASN A 195 27.67 12.60 -6.86
C ASN A 195 28.06 12.58 -5.39
N THR A 196 27.41 11.73 -4.57
CA THR A 196 27.69 11.55 -3.14
C THR A 196 29.18 11.16 -2.93
N PHE A 197 29.66 10.11 -3.62
CA PHE A 197 31.06 9.66 -3.58
C PHE A 197 32.00 10.82 -3.89
N HIS A 198 31.69 11.66 -4.89
CA HIS A 198 32.51 12.83 -5.23
C HIS A 198 32.45 13.84 -4.07
N ILE A 199 31.26 14.04 -3.47
CA ILE A 199 31.09 14.97 -2.33
C ILE A 199 31.93 14.48 -1.12
N LEU A 200 32.09 13.14 -1.00
CA LEU A 200 32.84 12.50 0.08
C LEU A 200 34.25 12.10 -0.34
N ARG A 201 34.79 12.77 -1.38
CA ARG A 201 36.14 12.52 -1.90
C ARG A 201 37.20 12.81 -0.76
N PRO A 202 38.31 12.05 -0.64
CA PRO A 202 39.18 12.18 0.54
C PRO A 202 39.75 13.57 0.85
N THR A 203 39.71 14.53 -0.06
CA THR A 203 40.17 15.88 0.30
C THR A 203 39.10 16.60 1.16
N LYS A 204 37.86 16.05 1.13
CA LYS A 204 36.71 16.58 1.87
C LYS A 204 36.44 15.74 3.14
N ALA A 205 36.46 14.41 3.02
CA ALA A 205 36.29 13.48 4.13
C ALA A 205 37.56 12.58 4.19
N PRO A 206 38.73 13.08 4.69
CA PRO A 206 39.95 12.24 4.72
C PRO A 206 39.82 11.05 5.68
N GLY A 207 39.05 11.19 6.76
CA GLY A 207 38.84 10.12 7.71
C GLY A 207 37.93 9.02 7.20
N PHE A 208 37.37 9.18 5.97
CA PHE A 208 36.43 8.22 5.36
C PHE A 208 37.03 7.50 4.18
N VAL A 209 38.28 7.87 3.82
CA VAL A 209 39.06 7.42 2.67
C VAL A 209 39.07 5.88 2.46
N TYR A 210 39.25 5.05 3.50
CA TYR A 210 39.32 3.59 3.28
C TYR A 210 37.97 2.99 2.89
N ALA A 211 36.89 3.49 3.53
CA ALA A 211 35.51 3.11 3.27
C ALA A 211 35.15 3.63 1.91
N TRP A 212 35.67 4.83 1.56
CA TRP A 212 35.45 5.49 0.28
C TRP A 212 36.01 4.69 -0.87
N LEU A 213 37.29 4.25 -0.76
CA LEU A 213 37.94 3.44 -1.80
C LEU A 213 37.24 2.07 -1.90
N GLU A 214 36.70 1.56 -0.78
CA GLU A 214 35.97 0.30 -0.75
C GLU A 214 34.65 0.43 -1.47
N LEU A 215 34.05 1.65 -1.52
CA LEU A 215 32.76 1.94 -2.17
C LEU A 215 32.95 2.17 -3.68
N ILE A 216 33.89 3.11 -4.08
CA ILE A 216 34.16 3.42 -5.49
C ILE A 216 34.76 2.21 -6.24
N SER A 217 35.40 1.26 -5.53
CA SER A 217 36.00 0.07 -6.15
C SER A 217 35.22 -1.23 -5.90
N HIS A 218 34.02 -1.10 -5.27
CA HIS A 218 33.15 -2.25 -4.99
C HIS A 218 32.85 -2.97 -6.28
N ARG A 219 32.89 -4.32 -6.26
CA ARG A 219 32.63 -5.17 -7.42
C ARG A 219 31.29 -4.86 -8.09
N ILE A 220 30.24 -4.44 -7.35
CA ILE A 220 28.95 -4.10 -8.00
C ILE A 220 29.04 -2.72 -8.63
N PHE A 221 29.67 -1.76 -7.91
CA PHE A 221 29.87 -0.40 -8.39
C PHE A 221 30.71 -0.37 -9.69
N ILE A 222 31.91 -1.01 -9.69
CA ILE A 222 32.76 -1.10 -10.86
C ILE A 222 31.97 -1.64 -12.05
N ALA A 223 31.24 -2.79 -11.84
CA ALA A 223 30.40 -3.52 -12.81
C ALA A 223 29.35 -2.62 -13.50
N ARG A 224 28.42 -2.05 -12.73
CA ARG A 224 27.37 -1.18 -13.22
C ARG A 224 28.00 0.03 -13.91
N MET A 225 28.97 0.70 -13.23
CA MET A 225 29.61 1.92 -13.74
C MET A 225 30.37 1.74 -15.05
N LEU A 226 31.28 0.78 -15.13
CA LEU A 226 32.13 0.60 -16.30
C LEU A 226 31.68 -0.42 -17.32
N ALA A 227 31.11 -1.55 -16.88
CA ALA A 227 30.72 -2.59 -17.82
C ALA A 227 29.30 -2.51 -18.30
N HIS A 228 28.33 -2.44 -17.38
CA HIS A 228 26.94 -2.52 -17.75
C HIS A 228 26.26 -1.20 -18.06
N THR A 229 26.88 -0.03 -17.81
CA THR A 229 26.22 1.21 -18.24
C THR A 229 26.41 1.26 -19.76
N PRO A 230 25.29 1.37 -20.52
CA PRO A 230 25.43 1.36 -21.99
C PRO A 230 25.88 2.69 -22.57
N GLN A 231 26.45 2.61 -23.79
CA GLN A 231 27.04 3.71 -24.58
C GLN A 231 28.22 4.39 -23.81
N GLN A 232 28.67 3.70 -22.72
CA GLN A 232 29.74 4.02 -21.78
C GLN A 232 29.60 5.41 -21.14
N LYS A 233 28.37 5.75 -20.73
CA LYS A 233 28.03 7.04 -20.11
C LYS A 233 28.61 7.15 -18.70
N GLY A 234 28.86 6.00 -18.09
CA GLY A 234 29.40 5.90 -16.75
C GLY A 234 30.89 6.14 -16.69
N TRP A 235 31.58 6.01 -17.84
CA TRP A 235 33.03 6.17 -17.91
C TRP A 235 33.53 7.56 -17.46
N PRO A 236 32.99 8.71 -17.93
CA PRO A 236 33.51 10.00 -17.46
C PRO A 236 33.34 10.26 -15.96
N MET A 237 32.24 9.75 -15.36
CA MET A 237 31.98 9.88 -13.92
C MET A 237 32.96 9.06 -13.10
N TYR A 238 33.19 7.79 -13.48
CA TYR A 238 34.17 6.95 -12.80
C TYR A 238 35.59 7.59 -12.82
N ALA A 239 35.99 8.13 -13.99
CA ALA A 239 37.27 8.81 -14.17
C ALA A 239 37.39 9.98 -13.20
N GLN A 240 36.29 10.73 -12.96
CA GLN A 240 36.31 11.83 -11.99
C GLN A 240 36.69 11.32 -10.59
N LEU A 241 36.11 10.17 -10.17
CA LEU A 241 36.37 9.58 -8.86
C LEU A 241 37.84 9.18 -8.75
N LEU A 242 38.41 8.57 -9.81
CA LEU A 242 39.84 8.23 -9.84
C LEU A 242 40.74 9.47 -9.75
N ILE A 243 40.39 10.53 -10.50
CA ILE A 243 41.10 11.80 -10.43
C ILE A 243 41.03 12.37 -8.99
N ASP A 244 39.87 12.25 -8.30
CA ASP A 244 39.72 12.70 -6.91
C ASP A 244 40.70 12.00 -5.97
N LEU A 245 40.93 10.70 -6.23
CA LEU A 245 41.82 9.84 -5.47
C LEU A 245 43.26 10.25 -5.70
N PHE A 246 43.68 10.33 -7.00
CA PHE A 246 45.04 10.76 -7.39
C PHE A 246 45.32 12.19 -6.91
N LYS A 247 44.36 13.12 -7.06
CA LYS A 247 44.50 14.48 -6.59
C LYS A 247 44.81 14.47 -5.07
N TYR A 248 44.14 13.57 -4.30
CA TYR A 248 44.30 13.43 -2.85
C TYR A 248 45.66 12.92 -2.44
N LEU A 249 46.14 11.87 -3.14
CA LEU A 249 47.40 11.20 -2.87
C LEU A 249 48.63 12.03 -3.26
N ALA A 250 48.49 12.84 -4.32
CA ALA A 250 49.56 13.61 -4.95
C ALA A 250 50.53 14.33 -3.97
N PRO A 251 50.10 15.22 -3.02
CA PRO A 251 51.09 15.84 -2.12
C PRO A 251 51.90 14.86 -1.27
N PHE A 252 51.30 13.74 -0.92
CA PHE A 252 51.92 12.73 -0.05
C PHE A 252 52.95 11.95 -0.84
N LEU A 253 52.58 11.55 -2.07
CA LEU A 253 53.42 10.83 -3.03
C LEU A 253 54.60 11.70 -3.46
N ARG A 254 54.31 12.95 -3.81
CA ARG A 254 55.29 13.98 -4.20
C ARG A 254 56.37 14.16 -3.11
N ASN A 255 55.99 14.08 -1.81
CA ASN A 255 56.90 14.28 -0.69
C ASN A 255 57.56 12.99 -0.21
N VAL A 256 58.05 12.15 -1.16
CA VAL A 256 58.75 10.87 -0.93
C VAL A 256 58.11 10.06 0.25
N GLU A 257 58.53 10.28 1.54
CA GLU A 257 58.06 9.57 2.75
C GLU A 257 56.52 9.55 2.86
N LEU A 258 56.04 8.32 3.11
CA LEU A 258 54.66 7.85 3.17
C LEU A 258 54.48 7.15 4.53
N THR A 259 53.36 7.44 5.19
CA THR A 259 53.07 6.85 6.49
C THR A 259 52.56 5.45 6.25
N LYS A 260 52.60 4.57 7.29
CA LYS A 260 52.07 3.22 7.10
C LYS A 260 50.63 3.31 6.58
N PRO A 261 49.71 4.10 7.22
CA PRO A 261 48.35 4.24 6.66
C PRO A 261 48.30 4.66 5.19
N MET A 262 49.22 5.53 4.78
CA MET A 262 49.32 5.97 3.41
C MET A 262 49.77 4.89 2.45
N GLN A 263 50.69 3.99 2.88
CA GLN A 263 51.18 2.85 2.09
C GLN A 263 50.07 1.87 1.83
N ILE A 264 49.19 1.67 2.83
CA ILE A 264 48.02 0.79 2.73
C ILE A 264 47.05 1.35 1.66
N LEU A 265 46.85 2.67 1.64
CA LEU A 265 45.97 3.33 0.68
C LEU A 265 46.62 3.27 -0.69
N TYR A 266 47.98 3.42 -0.76
CA TYR A 266 48.70 3.38 -2.03
C TYR A 266 48.60 2.01 -2.66
N LYS A 267 48.86 0.94 -1.88
CA LYS A 267 48.74 -0.43 -2.39
C LYS A 267 47.29 -0.75 -2.76
N GLY A 268 46.33 -0.17 -2.03
CA GLY A 268 44.90 -0.32 -2.30
C GLY A 268 44.56 0.20 -3.70
N THR A 269 45.09 1.42 -4.00
CA THR A 269 45.00 2.11 -5.28
C THR A 269 45.63 1.22 -6.36
N LEU A 270 46.78 0.57 -6.06
CA LEU A 270 47.44 -0.33 -7.00
C LEU A 270 46.55 -1.52 -7.39
N ARG A 271 45.90 -2.16 -6.40
CA ARG A 271 44.97 -3.27 -6.62
C ARG A 271 43.84 -2.88 -7.56
N VAL A 272 43.17 -1.73 -7.27
CA VAL A 272 42.05 -1.18 -8.04
C VAL A 272 42.47 -0.94 -9.48
N LEU A 273 43.61 -0.28 -9.64
CA LEU A 273 44.13 0.02 -10.97
C LEU A 273 44.52 -1.22 -11.73
N LEU A 274 45.14 -2.20 -11.05
CA LEU A 274 45.50 -3.47 -11.65
C LEU A 274 44.26 -4.19 -12.19
N VAL A 275 43.10 -4.00 -11.56
CA VAL A 275 41.84 -4.63 -11.96
C VAL A 275 41.31 -3.90 -13.18
N LEU A 276 41.34 -2.54 -13.15
CA LEU A 276 40.91 -1.71 -14.28
C LEU A 276 41.78 -1.99 -15.51
N LEU A 277 43.11 -2.14 -15.33
CA LEU A 277 44.05 -2.47 -16.40
C LEU A 277 43.68 -3.79 -17.08
N HIS A 278 43.41 -4.82 -16.29
CA HIS A 278 43.07 -6.16 -16.73
C HIS A 278 41.70 -6.20 -17.37
N ASP A 279 40.66 -5.72 -16.71
CA ASP A 279 39.28 -5.81 -17.17
C ASP A 279 38.80 -4.72 -18.13
N PHE A 280 39.26 -3.48 -17.93
CA PHE A 280 38.85 -2.32 -18.72
C PHE A 280 40.07 -1.55 -19.24
N PRO A 281 40.93 -2.17 -20.08
CA PRO A 281 42.14 -1.46 -20.58
C PRO A 281 41.82 -0.20 -21.39
N GLU A 282 40.78 -0.25 -22.24
CA GLU A 282 40.31 0.88 -23.06
C GLU A 282 39.91 2.06 -22.16
N PHE A 283 39.41 1.77 -20.92
CA PHE A 283 39.01 2.84 -20.00
C PHE A 283 40.22 3.66 -19.59
N LEU A 284 41.30 2.98 -19.13
CA LEU A 284 42.55 3.61 -18.70
C LEU A 284 43.26 4.29 -19.86
N CYS A 285 43.13 3.68 -21.04
CA CYS A 285 43.64 4.10 -22.33
C CYS A 285 43.13 5.50 -22.66
N ASP A 286 41.78 5.64 -22.73
CA ASP A 286 40.98 6.82 -23.03
C ASP A 286 41.20 8.02 -22.10
N TYR A 287 41.38 7.76 -20.80
CA TYR A 287 41.53 8.78 -19.76
C TYR A 287 42.98 8.88 -19.23
N HIS A 288 43.96 8.39 -20.02
CA HIS A 288 45.37 8.43 -19.62
C HIS A 288 45.85 9.86 -19.33
N TYR A 289 45.50 10.83 -20.22
CA TYR A 289 45.90 12.22 -20.10
C TYR A 289 45.40 12.83 -18.77
N GLY A 290 44.12 12.61 -18.49
CA GLY A 290 43.45 13.08 -17.30
C GLY A 290 44.15 12.69 -16.02
N PHE A 291 44.46 11.38 -15.92
CA PHE A 291 45.12 10.81 -14.76
C PHE A 291 46.57 11.26 -14.68
N CYS A 292 47.23 11.38 -15.84
CA CYS A 292 48.63 11.79 -15.92
C CYS A 292 48.84 13.19 -15.46
N ASP A 293 47.83 14.06 -15.63
CA ASP A 293 47.91 15.45 -15.20
C ASP A 293 47.86 15.59 -13.68
N VAL A 294 47.38 14.54 -12.97
CA VAL A 294 47.24 14.62 -11.52
C VAL A 294 48.24 13.72 -10.77
N ILE A 295 48.85 12.73 -11.42
CA ILE A 295 49.83 11.85 -10.78
C ILE A 295 51.22 12.54 -10.79
N PRO A 296 51.87 12.65 -9.60
CA PRO A 296 53.22 13.25 -9.53
C PRO A 296 54.24 12.48 -10.37
N PRO A 297 55.21 13.19 -11.01
CA PRO A 297 56.16 12.52 -11.92
C PRO A 297 57.07 11.39 -11.34
N ASN A 298 57.24 11.33 -10.02
CA ASN A 298 58.05 10.36 -9.30
C ASN A 298 57.35 8.99 -9.15
N CYS A 299 56.02 8.94 -9.40
CA CYS A 299 55.23 7.71 -9.28
C CYS A 299 55.31 6.96 -10.60
N ILE A 300 56.50 6.38 -10.82
CA ILE A 300 56.83 5.64 -12.01
C ILE A 300 55.81 4.51 -12.27
N GLN A 301 55.76 3.49 -11.37
CA GLN A 301 54.88 2.32 -11.46
C GLN A 301 53.40 2.69 -11.53
N LEU A 302 52.91 3.55 -10.63
CA LEU A 302 51.51 3.98 -10.70
C LEU A 302 51.13 4.45 -12.12
N ARG A 303 51.90 5.42 -12.69
CA ARG A 303 51.71 6.02 -14.01
C ARG A 303 51.94 5.00 -15.13
N ASN A 304 52.89 4.06 -14.94
CA ASN A 304 53.19 3.01 -15.92
C ASN A 304 52.03 2.09 -16.12
N LEU A 305 51.16 1.90 -15.09
CA LEU A 305 49.94 1.07 -15.19
C LEU A 305 49.01 1.71 -16.19
N ILE A 306 48.83 3.03 -16.07
CA ILE A 306 47.95 3.76 -16.95
C ILE A 306 48.54 3.76 -18.35
N LEU A 307 49.85 4.02 -18.42
CA LEU A 307 50.53 4.10 -19.71
C LEU A 307 50.72 2.77 -20.39
N SER A 308 50.41 1.63 -19.73
CA SER A 308 50.48 0.27 -20.30
C SER A 308 49.12 -0.28 -20.79
N ALA A 309 48.06 0.52 -20.59
CA ALA A 309 46.73 0.16 -21.04
C ALA A 309 46.64 0.39 -22.51
N PHE A 310 46.20 -0.62 -23.24
CA PHE A 310 46.01 -0.56 -24.67
C PHE A 310 44.76 -1.36 -25.06
N PRO A 311 44.10 -1.03 -26.21
CA PRO A 311 42.92 -1.80 -26.64
C PRO A 311 43.11 -3.32 -26.72
N ARG A 312 42.22 -4.08 -26.05
CA ARG A 312 42.19 -5.55 -25.94
C ARG A 312 42.68 -6.34 -27.19
N ASN A 313 41.94 -6.25 -28.28
CA ASN A 313 42.26 -6.97 -29.51
C ASN A 313 43.25 -6.15 -30.38
N MET A 314 44.50 -6.18 -29.97
CA MET A 314 45.56 -5.47 -30.64
C MET A 314 46.83 -6.23 -30.33
N ARG A 315 47.53 -6.68 -31.37
CA ARG A 315 48.77 -7.39 -31.12
C ARG A 315 49.93 -6.41 -31.17
N LEU A 316 50.71 -6.41 -30.09
CA LEU A 316 51.88 -5.55 -29.99
C LEU A 316 53.09 -6.38 -30.36
N PRO A 317 53.89 -5.93 -31.33
CA PRO A 317 55.12 -6.69 -31.67
C PRO A 317 56.02 -6.78 -30.43
N ASP A 318 56.76 -7.88 -30.25
CA ASP A 318 57.61 -7.93 -29.07
C ASP A 318 58.70 -6.85 -29.19
N PRO A 319 58.86 -5.95 -28.20
CA PRO A 319 59.91 -4.93 -28.30
C PRO A 319 61.32 -5.48 -28.48
N PHE A 320 61.58 -6.73 -28.04
CA PHE A 320 62.87 -7.41 -28.14
C PHE A 320 63.11 -8.16 -29.45
N THR A 321 62.12 -8.22 -30.37
CA THR A 321 62.33 -8.89 -31.66
C THR A 321 63.50 -8.26 -32.42
N PRO A 322 64.51 -9.09 -32.79
CA PRO A 322 65.68 -8.57 -33.52
C PRO A 322 65.26 -8.02 -34.88
N ASN A 323 65.91 -6.92 -35.31
CA ASN A 323 65.66 -6.23 -36.60
C ASN A 323 64.15 -5.93 -36.78
N LEU A 324 63.56 -5.27 -35.78
CA LEU A 324 62.16 -4.89 -35.81
C LEU A 324 62.05 -3.54 -36.49
N LYS A 325 61.55 -3.53 -37.74
CA LYS A 325 61.36 -2.26 -38.43
C LYS A 325 60.00 -1.73 -37.95
N VAL A 326 60.04 -0.65 -37.17
CA VAL A 326 58.86 -0.02 -36.57
C VAL A 326 58.15 0.84 -37.62
N ASP A 327 58.94 1.45 -38.52
CA ASP A 327 58.48 2.29 -39.61
C ASP A 327 57.50 1.61 -40.60
N MET A 328 57.23 0.30 -40.43
CA MET A 328 56.35 -0.43 -41.32
C MET A 328 55.05 -0.94 -40.65
N LEU A 329 54.85 -0.67 -39.35
CA LEU A 329 53.64 -1.11 -38.64
C LEU A 329 52.53 -0.19 -39.03
N SER A 330 51.48 -0.72 -39.66
CA SER A 330 50.35 0.06 -40.17
C SER A 330 49.71 1.00 -39.12
N GLU A 331 49.89 0.71 -37.82
CA GLU A 331 49.36 1.46 -36.66
C GLU A 331 50.02 2.84 -36.46
N ILE A 332 51.26 3.03 -36.94
CA ILE A 332 52.02 4.28 -36.85
C ILE A 332 51.28 5.51 -37.50
N ASN A 333 50.18 5.28 -38.27
CA ASN A 333 49.39 6.36 -38.88
C ASN A 333 48.00 6.53 -38.23
N ILE A 334 47.71 5.80 -37.13
CA ILE A 334 46.41 5.95 -36.46
C ILE A 334 46.59 6.61 -35.10
N ALA A 335 45.89 7.74 -34.89
CA ALA A 335 45.95 8.49 -33.63
C ALA A 335 45.11 7.82 -32.55
N PRO A 336 45.57 7.81 -31.29
CA PRO A 336 44.77 7.21 -30.21
C PRO A 336 43.60 8.10 -29.82
N ARG A 337 42.65 7.54 -29.11
CA ARG A 337 41.50 8.30 -28.63
C ARG A 337 41.92 9.07 -27.34
N ILE A 338 41.59 10.40 -27.25
CA ILE A 338 41.85 11.20 -26.03
C ILE A 338 40.53 11.88 -25.59
N LEU A 339 39.98 11.35 -24.48
CA LEU A 339 38.71 11.79 -23.90
C LEU A 339 38.85 12.93 -22.88
N THR A 340 40.07 13.42 -22.67
CA THR A 340 40.36 14.53 -21.77
C THR A 340 40.73 15.72 -22.67
N ASN A 341 39.85 16.74 -22.80
CA ASN A 341 40.14 17.91 -23.64
C ASN A 341 41.29 18.75 -23.05
N PHE A 342 42.54 18.36 -23.41
CA PHE A 342 43.79 18.92 -22.92
C PHE A 342 44.03 20.39 -23.28
N THR A 343 43.50 20.83 -24.43
CA THR A 343 43.65 22.18 -24.98
C THR A 343 43.18 23.30 -24.04
N GLY A 344 42.25 22.97 -23.14
CA GLY A 344 41.60 23.92 -22.22
C GLY A 344 42.50 24.57 -21.21
N VAL A 345 43.54 23.85 -20.75
CA VAL A 345 44.47 24.35 -19.74
C VAL A 345 45.20 25.61 -20.24
N MET A 346 45.29 25.77 -21.57
CA MET A 346 45.97 26.88 -22.19
C MET A 346 45.22 28.19 -22.06
N PRO A 347 45.91 29.24 -21.55
CA PRO A 347 45.29 30.57 -21.51
C PRO A 347 45.00 31.01 -22.96
N PRO A 348 43.74 31.43 -23.30
CA PRO A 348 43.39 31.74 -24.70
C PRO A 348 44.39 32.52 -25.55
N GLN A 349 45.13 33.47 -24.95
CA GLN A 349 46.12 34.26 -25.68
C GLN A 349 47.33 33.41 -26.06
N PHE A 350 47.78 32.58 -25.10
CA PHE A 350 48.91 31.66 -25.26
C PHE A 350 48.69 30.69 -26.43
N LYS A 351 47.48 30.07 -26.50
CA LYS A 351 47.10 29.15 -27.59
C LYS A 351 47.10 29.85 -28.94
N LYS A 352 46.62 31.12 -28.97
CA LYS A 352 46.54 31.97 -30.16
C LYS A 352 47.97 32.28 -30.65
N ASP A 353 48.87 32.68 -29.71
CA ASP A 353 50.28 33.00 -29.98
C ASP A 353 51.03 31.75 -30.47
N LEU A 354 50.69 30.58 -29.90
CA LEU A 354 51.24 29.28 -30.25
C LEU A 354 50.82 28.91 -31.67
N ASP A 355 49.52 29.07 -32.00
CA ASP A 355 48.99 28.76 -33.33
C ASP A 355 49.59 29.68 -34.40
N SER A 356 49.80 30.96 -34.04
CA SER A 356 50.43 31.98 -34.88
C SER A 356 51.87 31.54 -35.20
N TYR A 357 52.62 31.04 -34.17
CA TYR A 357 54.00 30.56 -34.37
C TYR A 357 54.03 29.29 -35.26
N LEU A 358 53.18 28.30 -34.95
CA LEU A 358 53.11 27.03 -35.70
C LEU A 358 52.85 27.21 -37.19
N LYS A 359 52.06 28.21 -37.58
CA LYS A 359 51.77 28.39 -39.00
C LYS A 359 52.65 29.45 -39.68
N THR A 360 53.41 30.27 -38.93
CA THR A 360 54.20 31.36 -39.53
C THR A 360 55.68 31.44 -39.11
N ARG A 361 56.02 30.91 -37.93
CA ARG A 361 57.34 30.99 -37.30
C ARG A 361 57.55 32.44 -36.77
N SER A 362 56.41 33.10 -36.42
CA SER A 362 56.31 34.47 -35.91
C SER A 362 55.23 34.60 -34.81
N PRO A 363 55.48 35.34 -33.71
CA PRO A 363 56.73 36.08 -33.37
C PRO A 363 57.87 35.15 -32.95
N VAL A 364 59.14 35.54 -33.22
CA VAL A 364 60.29 34.72 -32.78
C VAL A 364 60.55 34.96 -31.26
N THR A 365 59.86 35.98 -30.68
CA THR A 365 59.88 36.31 -29.25
C THR A 365 59.04 35.30 -28.47
N PHE A 366 58.14 34.56 -29.18
CA PHE A 366 57.28 33.53 -28.58
C PHE A 366 58.10 32.43 -27.91
N LEU A 367 59.24 32.03 -28.53
CA LEU A 367 60.14 31.00 -28.00
C LEU A 367 60.81 31.48 -26.73
N SER A 368 61.34 32.73 -26.78
CA SER A 368 61.99 33.44 -25.68
C SER A 368 61.04 33.59 -24.47
N ASP A 369 59.76 33.92 -24.72
CA ASP A 369 58.74 34.07 -23.69
C ASP A 369 58.10 32.76 -23.23
N LEU A 370 58.22 31.69 -24.05
CA LEU A 370 57.66 30.36 -23.80
C LEU A 370 58.01 29.81 -22.42
N ARG A 371 59.33 29.76 -22.11
CA ARG A 371 59.89 29.26 -20.83
C ARG A 371 59.36 30.03 -19.63
N SER A 372 59.11 31.34 -19.81
CA SER A 372 58.54 32.21 -18.79
C SER A 372 57.06 31.89 -18.62
N ASN A 373 56.33 31.67 -19.73
CA ASN A 373 54.90 31.33 -19.71
C ASN A 373 54.64 30.02 -19.02
N LEU A 374 55.58 29.06 -19.16
CA LEU A 374 55.43 27.74 -18.55
C LEU A 374 55.67 27.75 -17.05
N GLN A 375 56.34 28.80 -16.59
CA GLN A 375 56.65 29.07 -15.20
C GLN A 375 55.57 29.94 -14.55
N VAL A 376 54.48 29.31 -14.11
CA VAL A 376 53.42 29.97 -13.34
C VAL A 376 53.88 29.70 -11.86
N SER A 377 55.00 30.44 -11.52
CA SER A 377 55.86 30.45 -10.32
C SER A 377 55.28 31.23 -9.12
N ASN A 378 54.26 30.64 -8.47
CA ASN A 378 53.62 31.23 -7.29
C ASN A 378 53.84 30.30 -6.09
N GLU A 379 54.44 29.11 -6.35
CA GLU A 379 54.80 27.99 -5.46
C GLU A 379 53.59 27.03 -5.05
N PRO A 380 52.30 27.10 -5.57
CA PRO A 380 51.30 26.08 -5.16
C PRO A 380 51.47 24.77 -5.95
N GLY A 381 52.10 24.86 -7.12
CA GLY A 381 52.42 23.75 -8.02
C GLY A 381 53.92 23.52 -8.23
N ASN A 382 54.76 24.22 -7.41
CA ASN A 382 56.23 24.19 -7.34
C ASN A 382 56.92 24.62 -8.65
N ARG A 383 57.18 25.94 -8.76
CA ARG A 383 57.88 26.65 -9.86
C ARG A 383 57.19 26.54 -11.25
N TYR A 384 57.07 25.33 -11.85
CA TYR A 384 56.46 25.17 -13.19
C TYR A 384 54.97 24.79 -13.18
N ASN A 385 54.23 25.23 -14.23
CA ASN A 385 52.83 24.87 -14.40
C ASN A 385 52.90 23.57 -15.18
N LEU A 386 52.85 22.44 -14.46
CA LEU A 386 52.99 21.13 -15.06
C LEU A 386 51.88 20.75 -16.07
N GLN A 387 50.62 21.14 -15.80
CA GLN A 387 49.48 20.86 -16.67
C GLN A 387 49.66 21.52 -18.04
N LEU A 388 50.15 22.79 -18.03
CA LEU A 388 50.45 23.57 -19.23
C LEU A 388 51.61 22.96 -19.98
N ILE A 389 52.64 22.44 -19.27
CA ILE A 389 53.77 21.75 -19.91
C ILE A 389 53.27 20.57 -20.74
N ASN A 390 52.41 19.72 -20.15
CA ASN A 390 51.84 18.55 -20.83
C ASN A 390 50.99 18.86 -22.08
N ALA A 391 50.02 19.78 -21.95
CA ALA A 391 49.14 20.22 -23.05
C ALA A 391 49.94 20.81 -24.21
N LEU A 392 50.95 21.65 -23.90
CA LEU A 392 51.81 22.23 -24.94
C LEU A 392 52.44 21.12 -25.78
N VAL A 393 53.10 20.16 -25.12
CA VAL A 393 53.79 19.03 -25.75
C VAL A 393 52.84 18.22 -26.64
N LEU A 394 51.73 17.71 -26.05
CA LEU A 394 50.73 16.93 -26.79
C LEU A 394 50.14 17.72 -27.95
N TYR A 395 49.79 19.00 -27.72
CA TYR A 395 49.23 19.88 -28.74
C TYR A 395 50.19 20.06 -29.90
N VAL A 396 51.47 20.40 -29.60
CA VAL A 396 52.49 20.60 -30.63
C VAL A 396 52.68 19.31 -31.47
N GLY A 397 52.76 18.15 -30.82
CA GLY A 397 52.88 16.86 -31.48
C GLY A 397 51.71 16.48 -32.39
N THR A 398 50.46 16.71 -31.90
CA THR A 398 49.23 16.41 -32.65
C THR A 398 49.04 17.32 -33.87
N GLN A 399 49.49 18.59 -33.75
CA GLN A 399 49.48 19.60 -34.80
C GLN A 399 50.55 19.26 -35.80
N ALA A 400 51.70 18.73 -35.33
CA ALA A 400 52.82 18.28 -36.15
C ALA A 400 52.39 17.09 -37.00
N ILE A 401 51.75 16.04 -36.34
CA ILE A 401 51.21 14.84 -37.01
C ILE A 401 50.23 15.27 -38.12
N ALA A 402 49.36 16.27 -37.84
CA ALA A 402 48.42 16.84 -38.81
C ALA A 402 49.17 17.54 -39.99
N HIS A 403 50.13 18.43 -39.67
CA HIS A 403 50.92 19.16 -40.65
C HIS A 403 51.77 18.24 -41.55
N ILE A 404 52.20 17.08 -41.03
CA ILE A 404 52.99 16.08 -41.80
C ILE A 404 52.05 15.36 -42.79
N HIS A 405 50.92 14.84 -42.27
CA HIS A 405 49.90 14.14 -43.05
C HIS A 405 49.31 15.03 -44.14
N ASN A 406 49.03 16.31 -43.80
CA ASN A 406 48.49 17.28 -44.74
C ASN A 406 49.49 17.59 -45.84
N LYS A 407 50.79 17.63 -45.52
CA LYS A 407 51.89 17.84 -46.47
C LYS A 407 52.08 16.59 -47.34
N GLY A 408 51.41 15.50 -46.96
CA GLY A 408 51.43 14.22 -47.65
C GLY A 408 52.62 13.36 -47.28
N SER A 409 52.74 13.03 -45.97
CA SER A 409 53.82 12.20 -45.43
C SER A 409 53.44 11.49 -44.12
N THR A 410 54.27 10.51 -43.72
CA THR A 410 54.12 9.78 -42.48
C THR A 410 55.16 10.36 -41.51
N PRO A 411 54.81 10.64 -40.22
CA PRO A 411 55.83 11.14 -39.28
C PRO A 411 57.00 10.17 -39.27
N SER A 412 58.19 10.70 -39.51
CA SER A 412 59.41 9.91 -39.61
C SER A 412 60.54 10.72 -39.07
N MET A 413 61.67 10.06 -38.85
CA MET A 413 62.88 10.69 -38.35
C MET A 413 63.31 11.87 -39.25
N SER A 414 62.89 11.85 -40.54
CA SER A 414 63.23 12.88 -41.54
C SER A 414 62.10 13.90 -41.80
N THR A 415 60.84 13.53 -41.54
CA THR A 415 59.73 14.44 -41.79
C THR A 415 59.43 15.34 -40.59
N ILE A 416 59.70 14.86 -39.36
CA ILE A 416 59.42 15.57 -38.10
C ILE A 416 60.32 16.81 -37.83
N THR A 417 61.48 16.84 -38.47
CA THR A 417 62.50 17.88 -38.30
C THR A 417 62.27 19.13 -39.13
N HIS A 418 62.96 20.23 -38.74
CA HIS A 418 62.96 21.54 -39.39
C HIS A 418 61.54 22.02 -39.71
N SER A 419 60.75 22.16 -38.65
CA SER A 419 59.37 22.65 -38.63
C SER A 419 59.23 23.50 -37.38
N ALA A 420 58.22 24.39 -37.32
CA ALA A 420 57.94 25.23 -36.15
C ALA A 420 57.67 24.37 -34.91
N HIS A 421 57.18 23.14 -35.12
CA HIS A 421 56.90 22.15 -34.08
C HIS A 421 58.17 21.69 -33.39
N MET A 422 59.20 21.29 -34.16
CA MET A 422 60.50 20.85 -33.67
C MET A 422 61.30 22.01 -33.09
N ASP A 423 61.05 23.25 -33.56
CA ASP A 423 61.67 24.47 -33.06
C ASP A 423 61.29 24.71 -31.59
N ILE A 424 60.03 24.38 -31.24
CA ILE A 424 59.51 24.49 -29.89
C ILE A 424 60.23 23.47 -29.00
N PHE A 425 60.23 22.18 -29.41
CA PHE A 425 60.86 21.07 -28.68
C PHE A 425 62.36 21.27 -28.52
N GLN A 426 63.06 21.71 -29.58
CA GLN A 426 64.50 21.96 -29.51
C GLN A 426 64.82 23.18 -28.67
N ASN A 427 63.89 24.16 -28.58
CA ASN A 427 64.13 25.35 -27.76
C ASN A 427 63.99 24.95 -26.32
N LEU A 428 62.84 24.33 -25.98
CA LEU A 428 62.55 23.87 -24.63
C LEU A 428 63.68 22.99 -24.11
N ALA A 429 64.17 22.05 -24.96
CA ALA A 429 65.30 21.19 -24.63
C ALA A 429 66.52 21.98 -24.21
N VAL A 430 66.86 23.13 -24.87
CA VAL A 430 68.06 23.91 -24.51
C VAL A 430 67.80 24.94 -23.39
N ASP A 431 66.81 25.84 -23.61
CA ASP A 431 66.43 27.01 -22.83
C ASP A 431 65.95 26.71 -21.42
N LEU A 432 65.25 25.59 -21.21
CA LEU A 432 64.77 25.26 -19.88
C LEU A 432 65.92 24.84 -18.96
N ASP A 433 65.68 24.90 -17.62
CA ASP A 433 66.65 24.42 -16.63
C ASP A 433 66.45 22.92 -16.42
N THR A 434 67.28 22.26 -15.58
CA THR A 434 67.16 20.82 -15.37
C THR A 434 65.78 20.38 -14.84
N GLU A 435 65.04 21.25 -14.12
CA GLU A 435 63.70 20.90 -13.64
C GLU A 435 62.69 20.99 -14.79
N GLY A 436 62.80 22.06 -15.60
CA GLY A 436 61.92 22.30 -16.74
C GLY A 436 62.09 21.19 -17.74
N ARG A 437 63.35 20.86 -18.05
CA ARG A 437 63.72 19.77 -18.95
C ARG A 437 63.16 18.44 -18.44
N TYR A 438 63.28 18.16 -17.13
CA TYR A 438 62.77 16.90 -16.57
C TYR A 438 61.26 16.81 -16.83
N LEU A 439 60.52 17.87 -16.49
CA LEU A 439 59.07 17.95 -16.67
C LEU A 439 58.68 17.86 -18.12
N PHE A 440 59.46 18.51 -18.99
CA PHE A 440 59.23 18.54 -20.44
C PHE A 440 59.37 17.13 -21.05
N LEU A 441 60.47 16.41 -20.75
CA LEU A 441 60.72 15.06 -21.27
C LEU A 441 59.73 14.06 -20.73
N ASN A 442 59.21 14.27 -19.51
CA ASN A 442 58.21 13.38 -18.92
C ASN A 442 56.94 13.48 -19.73
N ALA A 443 56.64 14.69 -20.23
CA ALA A 443 55.48 14.98 -21.07
C ALA A 443 55.62 14.26 -22.41
N ILE A 444 56.84 14.19 -22.99
CA ILE A 444 57.06 13.45 -24.23
C ILE A 444 56.92 11.96 -23.95
N ALA A 445 57.58 11.47 -22.89
CA ALA A 445 57.57 10.06 -22.47
C ALA A 445 56.17 9.52 -22.13
N ASN A 446 55.28 10.42 -21.76
CA ASN A 446 53.93 10.06 -21.43
C ASN A 446 53.14 9.70 -22.65
N GLN A 447 53.70 9.96 -23.85
CA GLN A 447 53.01 9.66 -25.10
C GLN A 447 53.46 8.33 -25.73
N LEU A 448 54.61 7.79 -25.26
CA LEU A 448 55.20 6.51 -25.69
C LEU A 448 54.43 5.34 -25.10
N ARG A 449 53.37 4.92 -25.78
CA ARG A 449 52.51 3.84 -25.31
C ARG A 449 52.37 2.69 -26.37
N TYR A 450 51.15 2.27 -26.64
CA TYR A 450 50.90 1.21 -27.59
C TYR A 450 51.14 1.73 -29.02
N PRO A 451 51.37 0.86 -30.04
CA PRO A 451 51.60 1.38 -31.39
C PRO A 451 50.43 2.21 -31.92
N ASN A 452 50.71 3.53 -32.11
CA ASN A 452 49.82 4.57 -32.64
C ASN A 452 50.62 5.76 -33.12
N SER A 453 49.98 6.70 -33.80
CA SER A 453 50.68 7.83 -34.39
C SER A 453 51.39 8.72 -33.37
N HIS A 454 50.87 8.83 -32.13
CA HIS A 454 51.52 9.66 -31.09
C HIS A 454 52.82 8.99 -30.58
N THR A 455 52.73 7.69 -30.22
CA THR A 455 53.84 6.83 -29.78
C THR A 455 54.97 6.91 -30.86
N HIS A 456 54.60 6.82 -32.15
CA HIS A 456 55.63 6.93 -33.19
C HIS A 456 56.20 8.37 -33.31
N TYR A 457 55.33 9.40 -33.27
CA TYR A 457 55.78 10.79 -33.35
C TYR A 457 56.72 11.16 -32.22
N PHE A 458 56.32 10.94 -30.95
CA PHE A 458 57.14 11.29 -29.81
C PHE A 458 58.36 10.38 -29.59
N SER A 459 58.37 9.21 -30.25
CA SER A 459 59.52 8.32 -30.18
C SER A 459 60.65 8.93 -30.99
N CYS A 460 60.33 9.38 -32.22
CA CYS A 460 61.26 10.04 -33.11
C CYS A 460 61.72 11.34 -32.50
N THR A 461 60.77 12.17 -31.98
CA THR A 461 61.08 13.45 -31.34
C THR A 461 62.14 13.26 -30.24
N MET A 462 61.87 12.35 -29.28
CA MET A 462 62.79 12.02 -28.20
C MET A 462 64.17 11.53 -28.72
N LEU A 463 64.17 10.69 -29.79
CA LEU A 463 65.40 10.15 -30.40
C LEU A 463 66.21 11.22 -31.13
N TYR A 464 65.51 12.21 -31.72
CA TYR A 464 66.13 13.32 -32.44
C TYR A 464 66.75 14.28 -31.41
N LEU A 465 65.97 14.65 -30.38
CA LEU A 465 66.39 15.54 -29.30
C LEU A 465 67.71 15.09 -28.65
N PHE A 466 67.86 13.77 -28.45
CA PHE A 466 69.09 13.20 -27.90
C PHE A 466 70.21 13.32 -28.93
N ALA A 467 69.96 12.91 -30.16
CA ALA A 467 70.97 12.92 -31.21
C ALA A 467 71.42 14.32 -31.66
N GLU A 468 70.56 15.34 -31.50
CA GLU A 468 70.88 16.71 -31.90
C GLU A 468 71.30 17.60 -30.72
N ALA A 469 71.42 16.99 -29.53
CA ALA A 469 71.80 17.71 -28.32
C ALA A 469 73.25 18.19 -28.39
N ASN A 470 73.45 19.46 -28.02
CA ASN A 470 74.79 20.01 -27.98
C ASN A 470 75.35 20.01 -26.55
N THR A 471 74.49 19.75 -25.53
CA THR A 471 74.84 19.70 -24.11
C THR A 471 74.69 18.27 -23.60
N GLU A 472 75.66 17.82 -22.76
CA GLU A 472 75.61 16.50 -22.12
C GLU A 472 74.33 16.39 -21.26
N ALA A 473 73.93 17.50 -20.57
CA ALA A 473 72.74 17.56 -19.72
C ALA A 473 71.48 17.06 -20.43
N ILE A 474 71.25 17.48 -21.71
CA ILE A 474 70.07 17.04 -22.48
C ILE A 474 70.06 15.51 -22.63
N GLN A 475 71.20 14.95 -23.03
CA GLN A 475 71.43 13.52 -23.19
C GLN A 475 71.25 12.71 -21.87
N GLU A 476 71.80 13.21 -20.76
CA GLU A 476 71.68 12.60 -19.43
C GLU A 476 70.21 12.52 -19.00
N GLN A 477 69.46 13.62 -19.22
CA GLN A 477 68.06 13.72 -18.81
C GLN A 477 67.13 12.80 -19.63
N ILE A 478 67.37 12.64 -20.94
CA ILE A 478 66.62 11.72 -21.82
C ILE A 478 66.83 10.30 -21.35
N THR A 479 68.09 9.92 -21.12
CA THR A 479 68.49 8.61 -20.62
C THR A 479 67.82 8.38 -19.28
N ARG A 480 67.80 9.41 -18.39
CA ARG A 480 67.19 9.32 -17.06
C ARG A 480 65.70 8.99 -17.10
N VAL A 481 64.85 9.76 -17.82
CA VAL A 481 63.41 9.49 -17.82
C VAL A 481 63.12 8.14 -18.47
N LEU A 482 63.88 7.77 -19.54
CA LEU A 482 63.65 6.47 -20.18
C LEU A 482 64.05 5.33 -19.24
N LEU A 483 65.27 5.37 -18.67
CA LEU A 483 65.80 4.35 -17.75
C LEU A 483 65.00 4.22 -16.46
N GLU A 484 64.59 5.36 -15.84
CA GLU A 484 63.76 5.46 -14.63
C GLU A 484 62.57 4.51 -14.84
N ARG A 485 61.86 4.72 -15.97
CA ARG A 485 60.64 4.05 -16.41
C ARG A 485 60.79 2.56 -16.78
N LEU A 486 62.04 2.05 -16.96
CA LEU A 486 62.31 0.63 -17.27
C LEU A 486 63.02 -0.15 -16.14
N ILE A 487 63.60 0.57 -15.16
CA ILE A 487 64.30 0.01 -13.99
C ILE A 487 63.31 -0.45 -12.87
N VAL A 488 62.12 0.15 -12.88
CA VAL A 488 60.98 -0.11 -12.00
C VAL A 488 60.38 -1.45 -12.43
N ASN A 489 59.58 -2.08 -11.56
CA ASN A 489 58.94 -3.36 -11.89
C ASN A 489 57.92 -3.15 -13.03
N ARG A 490 57.51 -4.25 -13.69
CA ARG A 490 56.51 -4.25 -14.78
C ARG A 490 55.17 -3.65 -14.23
N PRO A 491 54.22 -3.17 -15.05
CA PRO A 491 54.21 -3.08 -16.52
C PRO A 491 55.03 -1.91 -17.09
N HIS A 492 55.62 -2.14 -18.28
CA HIS A 492 56.43 -1.19 -19.02
C HIS A 492 55.75 -0.93 -20.37
N PRO A 493 55.36 0.34 -20.69
CA PRO A 493 54.71 0.63 -21.98
C PRO A 493 55.55 0.27 -23.18
N TRP A 494 54.87 -0.17 -24.25
CA TRP A 494 55.48 -0.63 -25.48
C TRP A 494 56.49 0.39 -26.04
N GLY A 495 55.98 1.55 -26.43
CA GLY A 495 56.75 2.66 -27.01
C GLY A 495 58.00 3.03 -26.23
N LEU A 496 57.89 3.04 -24.90
CA LEU A 496 58.99 3.34 -24.01
C LEU A 496 60.18 2.39 -24.25
N LEU A 497 59.92 1.06 -24.33
CA LEU A 497 60.91 0.03 -24.63
C LEU A 497 61.46 0.20 -26.09
N ILE A 498 60.56 0.47 -27.06
CA ILE A 498 60.98 0.69 -28.45
C ILE A 498 61.99 1.83 -28.53
N THR A 499 61.67 3.01 -27.92
CA THR A 499 62.54 4.20 -27.88
C THR A 499 63.88 3.87 -27.18
N PHE A 500 63.84 3.23 -26.00
CA PHE A 500 65.08 2.89 -25.33
C PHE A 500 66.01 1.97 -26.20
N ILE A 501 65.47 0.88 -26.77
CA ILE A 501 66.20 -0.04 -27.63
C ILE A 501 66.79 0.69 -28.84
N GLU A 502 66.03 1.64 -29.41
CA GLU A 502 66.49 2.44 -30.55
C GLU A 502 67.60 3.38 -30.16
N LEU A 503 67.49 4.06 -29.00
CA LEU A 503 68.46 4.98 -28.42
C LEU A 503 69.79 4.32 -28.19
N ILE A 504 69.81 3.17 -27.46
CA ILE A 504 71.04 2.42 -27.11
C ILE A 504 71.82 1.94 -28.33
N LYS A 505 71.21 1.94 -29.54
CA LYS A 505 71.82 1.58 -30.81
C LYS A 505 72.53 2.80 -31.45
N ASN A 506 72.01 4.02 -31.24
CA ASN A 506 72.54 5.28 -31.80
C ASN A 506 73.98 5.53 -31.41
N PRO A 507 74.85 5.94 -32.36
CA PRO A 507 76.27 6.20 -32.00
C PRO A 507 76.41 7.41 -31.07
N ALA A 508 75.43 8.32 -31.12
CA ALA A 508 75.33 9.51 -30.27
C ALA A 508 75.20 9.10 -28.81
N PHE A 509 74.55 7.95 -28.56
CA PHE A 509 74.36 7.37 -27.25
C PHE A 509 75.59 6.60 -26.84
N LYS A 510 76.10 5.74 -27.73
CA LYS A 510 77.27 4.91 -27.49
C LYS A 510 78.44 5.78 -27.01
N PHE A 511 78.59 6.97 -27.66
CA PHE A 511 79.58 7.97 -27.31
C PHE A 511 79.26 8.60 -25.94
N TRP A 512 77.99 8.95 -25.71
CA TRP A 512 77.55 9.55 -24.43
C TRP A 512 77.81 8.55 -23.29
N ASN A 513 77.38 7.29 -23.46
CA ASN A 513 77.53 6.20 -22.51
C ASN A 513 78.98 5.94 -22.17
N HIS A 514 79.89 5.93 -23.15
CA HIS A 514 81.33 5.68 -22.95
C HIS A 514 82.01 6.70 -22.07
N GLU A 515 81.68 7.99 -22.26
CA GLU A 515 82.25 9.09 -21.48
C GLU A 515 81.63 9.18 -20.09
N PHE A 516 80.32 8.91 -19.94
CA PHE A 516 79.60 8.95 -18.67
C PHE A 516 79.87 7.76 -17.77
N VAL A 517 79.87 6.52 -18.31
CA VAL A 517 80.14 5.27 -17.57
C VAL A 517 81.61 5.20 -17.09
N GLU A 518 82.52 5.92 -17.80
CA GLU A 518 83.92 5.98 -17.37
C GLU A 518 84.06 6.85 -16.12
N GLU A 519 83.30 7.96 -16.05
CA GLU A 519 83.31 8.87 -14.89
C GLU A 519 82.51 8.32 -13.66
N GLU A 520 81.26 7.81 -13.88
CA GLU A 520 80.39 7.21 -12.86
C GLU A 520 80.03 5.74 -13.21
N PRO A 521 80.72 4.73 -12.61
CA PRO A 521 80.52 3.33 -13.04
C PRO A 521 79.32 2.56 -12.48
N GLU A 522 78.75 2.99 -11.32
CA GLU A 522 77.57 2.34 -10.69
C GLU A 522 76.34 2.51 -11.59
N ILE A 523 76.44 3.47 -12.53
CA ILE A 523 75.46 3.80 -13.55
C ILE A 523 75.29 2.59 -14.47
N GLU A 524 76.40 1.88 -14.78
CA GLU A 524 76.40 0.70 -15.65
C GLU A 524 75.53 -0.43 -15.09
N LYS A 525 75.44 -0.54 -13.74
CA LYS A 525 74.59 -1.54 -13.10
C LYS A 525 73.12 -1.23 -13.37
N LEU A 526 72.76 0.07 -13.51
CA LEU A 526 71.40 0.51 -13.84
C LEU A 526 70.99 -0.06 -15.19
N PHE A 527 71.84 0.10 -16.23
CA PHE A 527 71.60 -0.42 -17.57
C PHE A 527 71.50 -1.94 -17.56
N GLN A 528 72.33 -2.62 -16.75
CA GLN A 528 72.34 -4.07 -16.58
C GLN A 528 71.00 -4.58 -16.02
N SER A 529 70.31 -3.76 -15.22
CA SER A 529 69.01 -4.10 -14.62
C SER A 529 67.94 -4.24 -15.68
N VAL A 530 67.92 -3.31 -16.65
CA VAL A 530 66.94 -3.22 -17.74
C VAL A 530 66.79 -4.55 -18.54
N ALA A 531 67.89 -5.31 -18.80
CA ALA A 531 67.84 -6.58 -19.55
C ALA A 531 66.84 -7.58 -18.98
N GLN A 532 66.97 -7.86 -17.67
CA GLN A 532 66.16 -8.80 -16.88
C GLN A 532 64.73 -8.26 -16.57
N CYS A 533 64.67 -7.06 -15.96
CA CYS A 533 63.48 -6.31 -15.53
C CYS A 533 62.39 -6.09 -16.61
N CYS A 534 62.78 -5.96 -17.91
CA CYS A 534 61.89 -5.59 -19.02
C CYS A 534 61.14 -6.72 -19.71
N MET A 535 59.97 -6.31 -20.21
CA MET A 535 58.93 -7.06 -20.93
C MET A 535 59.38 -7.56 -22.32
N GLU B 6 79.46 20.98 -17.05
CA GLU B 6 79.20 20.05 -18.15
C GLU B 6 78.12 18.99 -17.86
N MET B 7 78.06 18.46 -16.61
CA MET B 7 77.16 17.40 -16.15
C MET B 7 75.96 17.89 -15.26
N VAL B 8 75.10 16.96 -14.76
CA VAL B 8 73.96 17.28 -13.90
C VAL B 8 74.21 16.79 -12.47
N THR B 9 74.57 17.76 -11.61
CA THR B 9 74.86 17.60 -10.18
C THR B 9 73.55 17.29 -9.44
N ASP B 10 72.48 17.98 -9.87
CA ASP B 10 71.08 17.96 -9.45
C ASP B 10 70.39 16.57 -9.29
N GLN B 11 69.17 16.61 -8.75
CA GLN B 11 68.26 15.51 -8.51
C GLN B 11 67.63 14.97 -9.82
N PHE B 12 67.70 15.76 -10.92
CA PHE B 12 67.06 15.39 -12.20
C PHE B 12 67.99 14.67 -13.20
N GLY B 13 69.20 14.31 -12.75
CA GLY B 13 70.18 13.58 -13.54
C GLY B 13 70.29 12.11 -13.17
N MET B 14 71.32 11.44 -13.72
CA MET B 14 71.58 10.02 -13.47
C MET B 14 72.00 9.76 -12.04
N ILE B 15 72.77 10.69 -11.48
CA ILE B 15 73.25 10.64 -10.10
C ILE B 15 72.04 10.64 -9.18
N GLY B 16 71.09 11.55 -9.47
CA GLY B 16 69.84 11.67 -8.74
C GLY B 16 69.09 10.36 -8.69
N LEU B 17 69.15 9.58 -9.79
CA LEU B 17 68.46 8.30 -9.97
C LEU B 17 69.04 7.17 -9.09
N LEU B 18 70.38 6.97 -9.07
CA LEU B 18 70.88 5.89 -8.20
C LEU B 18 70.86 6.26 -6.72
N THR B 19 70.83 7.57 -6.42
CA THR B 19 70.66 8.07 -5.07
C THR B 19 69.30 7.60 -4.53
N PHE B 20 68.23 7.65 -5.37
CA PHE B 20 66.90 7.17 -4.98
C PHE B 20 66.86 5.65 -4.83
N ILE B 21 67.56 4.92 -5.72
CA ILE B 21 67.59 3.47 -5.71
C ILE B 21 68.31 2.97 -4.47
N ARG B 22 69.50 3.55 -4.16
CA ARG B 22 70.28 3.17 -2.98
C ARG B 22 69.63 3.61 -1.66
N ALA B 23 68.58 4.45 -1.74
CA ALA B 23 67.83 4.89 -0.56
C ALA B 23 66.79 3.81 -0.16
N ALA B 24 66.41 2.91 -1.12
CA ALA B 24 65.48 1.80 -0.87
C ALA B 24 66.10 0.70 0.01
N GLU B 25 67.46 0.67 0.09
CA GLU B 25 68.25 -0.24 0.94
C GLU B 25 67.93 0.10 2.42
N THR B 26 68.09 1.39 2.76
CA THR B 26 67.83 1.94 4.08
C THR B 26 66.36 2.29 4.32
N ASP B 27 65.45 2.05 3.34
CA ASP B 27 64.05 2.38 3.58
C ASP B 27 63.22 1.22 4.13
N PRO B 28 62.75 1.31 5.40
CA PRO B 28 61.92 0.24 5.97
C PRO B 28 60.45 0.30 5.51
N GLY B 29 60.09 1.37 4.78
CA GLY B 29 58.77 1.58 4.21
C GLY B 29 58.54 0.60 3.09
N MET B 30 57.27 0.18 2.90
CA MET B 30 56.86 -0.81 1.90
C MET B 30 56.73 -0.29 0.46
N VAL B 31 56.79 1.04 0.29
CA VAL B 31 56.67 1.67 -1.02
C VAL B 31 57.91 2.52 -1.33
N HIS B 32 58.58 2.12 -2.40
CA HIS B 32 59.73 2.81 -2.95
C HIS B 32 59.26 3.07 -4.38
N LEU B 33 58.76 4.30 -4.60
CA LEU B 33 58.16 4.78 -5.84
C LEU B 33 59.14 4.72 -7.03
N ALA B 34 60.46 4.60 -6.75
CA ALA B 34 61.54 4.50 -7.74
C ALA B 34 61.75 3.10 -8.34
N LEU B 35 61.64 2.05 -7.53
CA LEU B 35 61.88 0.65 -7.89
C LEU B 35 60.58 -0.08 -8.14
N GLY B 36 59.53 0.36 -7.48
CA GLY B 36 58.23 -0.29 -7.57
C GLY B 36 58.16 -1.59 -6.79
N SER B 37 57.20 -2.44 -7.15
CA SER B 37 57.00 -3.70 -6.47
C SER B 37 56.44 -4.74 -7.41
N ASP B 38 56.71 -6.02 -7.12
CA ASP B 38 56.20 -7.14 -7.90
C ASP B 38 54.68 -7.18 -7.73
N LEU B 39 53.95 -6.67 -8.73
CA LEU B 39 52.49 -6.58 -8.68
C LEU B 39 51.82 -7.97 -8.84
N THR B 40 52.60 -8.98 -9.26
CA THR B 40 52.04 -10.33 -9.38
C THR B 40 51.76 -10.89 -7.98
N THR B 41 52.53 -10.43 -6.98
CA THR B 41 52.48 -10.85 -5.58
C THR B 41 51.39 -10.12 -4.75
N LEU B 42 50.44 -9.42 -5.40
CA LEU B 42 49.34 -8.72 -4.71
C LEU B 42 48.06 -9.58 -4.58
N GLY B 43 48.17 -10.86 -4.93
CA GLY B 43 47.06 -11.80 -4.82
C GLY B 43 45.95 -11.62 -5.85
N LEU B 44 46.27 -10.98 -6.98
CA LEU B 44 45.34 -10.86 -8.11
C LEU B 44 45.88 -11.75 -9.20
N ASN B 45 45.01 -12.49 -9.90
CA ASN B 45 45.49 -13.35 -10.99
C ASN B 45 45.52 -12.51 -12.29
N LEU B 46 46.60 -11.72 -12.43
CA LEU B 46 46.78 -10.83 -13.58
C LEU B 46 46.86 -11.61 -14.90
N ASN B 47 47.11 -12.94 -14.80
CA ASN B 47 47.17 -13.85 -15.92
C ASN B 47 45.80 -14.47 -16.24
N SER B 48 44.80 -14.23 -15.36
CA SER B 48 43.44 -14.75 -15.53
C SER B 48 42.88 -14.39 -16.89
N PRO B 49 42.35 -15.37 -17.63
CA PRO B 49 41.74 -15.04 -18.93
C PRO B 49 40.36 -14.42 -18.74
N GLU B 50 39.79 -14.52 -17.49
CA GLU B 50 38.49 -14.01 -17.06
C GLU B 50 38.66 -12.71 -16.30
N ASN B 51 37.63 -11.86 -16.29
CA ASN B 51 37.66 -10.58 -15.56
C ASN B 51 37.91 -10.83 -14.08
N LEU B 52 38.51 -9.84 -13.37
CA LEU B 52 38.84 -9.95 -11.95
C LEU B 52 37.79 -9.26 -11.10
N TYR B 53 37.24 -8.13 -11.58
CA TYR B 53 36.26 -7.31 -10.88
C TYR B 53 35.05 -8.10 -10.31
N PRO B 54 34.42 -9.13 -10.99
CA PRO B 54 33.28 -9.81 -10.35
C PRO B 54 33.61 -10.47 -9.01
N LYS B 55 34.86 -10.90 -8.82
CA LYS B 55 35.33 -11.56 -7.61
C LYS B 55 36.27 -10.63 -6.82
N PHE B 56 36.29 -9.33 -7.15
CA PHE B 56 37.15 -8.36 -6.45
C PHE B 56 36.65 -8.11 -5.02
N ALA B 57 37.39 -8.66 -4.07
CA ALA B 57 37.06 -8.59 -2.65
C ALA B 57 37.00 -7.19 -2.10
N SER B 58 38.14 -6.50 -2.07
CA SER B 58 38.30 -5.13 -1.55
C SER B 58 39.68 -4.67 -2.02
N PRO B 59 40.08 -3.37 -1.87
CA PRO B 59 41.44 -3.00 -2.29
C PRO B 59 42.56 -3.54 -1.36
N TRP B 60 42.21 -4.07 -0.16
CA TRP B 60 43.18 -4.57 0.83
C TRP B 60 43.31 -6.09 0.87
N ALA B 61 42.30 -6.82 0.34
CA ALA B 61 42.28 -8.28 0.33
C ALA B 61 43.28 -8.83 -0.66
N SER B 62 43.90 -9.97 -0.27
CA SER B 62 44.91 -10.70 -1.04
C SER B 62 44.31 -11.95 -1.68
N SER B 63 42.97 -12.10 -1.63
CA SER B 63 42.23 -13.27 -2.17
C SER B 63 40.90 -12.81 -2.78
N PRO B 64 40.38 -13.47 -3.85
CA PRO B 64 39.08 -13.05 -4.40
C PRO B 64 37.89 -13.47 -3.51
N CYS B 65 36.66 -12.95 -3.82
CA CYS B 65 35.44 -13.36 -3.10
C CYS B 65 35.22 -14.88 -3.25
N ARG B 66 34.87 -15.49 -2.14
CA ARG B 66 34.50 -16.88 -2.10
C ARG B 66 32.94 -16.89 -2.35
N PRO B 67 32.27 -18.03 -2.70
CA PRO B 67 30.81 -17.99 -2.89
C PRO B 67 30.06 -17.67 -1.60
N GLN B 68 30.61 -18.04 -0.41
CA GLN B 68 30.03 -17.70 0.91
C GLN B 68 30.08 -16.17 1.19
N ASP B 69 30.94 -15.42 0.50
CA ASP B 69 31.09 -13.97 0.65
C ASP B 69 30.05 -13.25 -0.20
N ILE B 70 29.73 -13.78 -1.41
CA ILE B 70 28.76 -13.21 -2.36
C ILE B 70 27.33 -13.41 -1.84
N ASP B 71 26.60 -12.33 -1.65
CA ASP B 71 25.20 -12.42 -1.24
C ASP B 71 24.39 -12.70 -2.50
N PHE B 72 23.40 -13.59 -2.40
CA PHE B 72 22.58 -13.93 -3.54
C PHE B 72 21.10 -13.94 -3.15
N HIS B 73 20.25 -13.47 -4.05
CA HIS B 73 18.82 -13.42 -3.83
C HIS B 73 18.17 -14.82 -3.99
N VAL B 74 18.57 -15.76 -3.12
CA VAL B 74 18.10 -17.15 -3.09
C VAL B 74 16.57 -17.25 -3.01
N PRO B 75 15.95 -18.29 -3.63
CA PRO B 75 14.48 -18.45 -3.52
C PRO B 75 14.04 -18.37 -2.05
N SER B 76 13.07 -17.48 -1.76
CA SER B 76 12.48 -17.21 -0.43
C SER B 76 12.53 -18.43 0.49
N GLU B 77 12.01 -19.59 0.01
CA GLU B 77 11.96 -20.89 0.69
C GLU B 77 13.27 -21.32 1.38
N TYR B 78 14.40 -20.91 0.83
CA TYR B 78 15.70 -21.28 1.36
C TYR B 78 16.13 -20.49 2.60
N LEU B 79 15.39 -19.42 2.96
CA LEU B 79 15.70 -18.61 4.15
C LEU B 79 15.15 -19.27 5.43
N THR B 80 15.66 -20.48 5.64
CA THR B 80 15.38 -21.48 6.66
C THR B 80 15.58 -20.98 8.11
N ASN B 81 16.73 -20.35 8.42
CA ASN B 81 17.22 -19.91 9.71
C ASN B 81 16.21 -19.16 10.61
N ILE B 82 15.44 -18.21 10.08
CA ILE B 82 14.47 -17.44 10.87
C ILE B 82 13.39 -18.33 11.53
N HIS B 83 13.03 -19.44 10.91
CA HIS B 83 12.00 -20.32 11.45
C HIS B 83 12.55 -21.51 12.26
N ILE B 84 13.79 -21.93 11.98
CA ILE B 84 14.39 -23.13 12.59
C ILE B 84 15.58 -22.84 13.55
N ARG B 85 15.88 -21.54 13.81
CA ARG B 85 17.01 -21.06 14.62
C ARG B 85 17.28 -21.84 15.88
N ASP B 86 16.23 -22.01 16.75
CA ASP B 86 16.26 -22.71 18.05
C ASP B 86 16.54 -24.18 17.97
N LYS B 87 15.77 -24.91 17.14
CA LYS B 87 15.89 -26.36 16.91
C LYS B 87 17.18 -26.74 16.19
N LEU B 88 17.69 -25.85 15.30
CA LEU B 88 18.92 -26.09 14.52
C LEU B 88 20.13 -26.34 15.41
N ALA B 89 20.80 -27.48 15.19
CA ALA B 89 22.01 -27.93 15.87
C ALA B 89 23.11 -26.89 15.81
N ALA B 90 23.96 -26.83 16.86
CA ALA B 90 25.07 -25.89 16.91
C ALA B 90 26.27 -26.51 16.18
N ILE B 91 27.19 -25.66 15.70
CA ILE B 91 28.37 -26.11 14.97
C ILE B 91 29.40 -26.74 15.91
N LYS B 92 29.65 -28.05 15.72
CA LYS B 92 30.62 -28.86 16.45
C LYS B 92 31.32 -29.74 15.41
N LEU B 93 32.57 -29.36 15.05
CA LEU B 93 33.40 -30.04 14.05
C LEU B 93 33.62 -31.54 14.30
N GLY B 94 33.41 -31.97 15.54
CA GLY B 94 33.51 -33.36 15.95
C GLY B 94 32.37 -34.22 15.41
N ARG B 95 31.21 -33.61 15.13
CA ARG B 95 30.02 -34.30 14.60
C ARG B 95 30.18 -34.57 13.10
N TYR B 96 30.80 -33.61 12.39
CA TYR B 96 30.95 -33.61 10.95
C TYR B 96 31.93 -34.66 10.41
N GLY B 97 31.65 -35.14 9.19
CA GLY B 97 32.47 -36.10 8.47
C GLY B 97 33.73 -35.46 7.94
N GLU B 98 34.64 -36.27 7.36
CA GLU B 98 35.91 -35.74 6.86
C GLU B 98 35.75 -34.82 5.64
N ASP B 99 34.76 -35.07 4.76
CA ASP B 99 34.51 -34.25 3.56
C ASP B 99 34.22 -32.78 3.94
N LEU B 100 33.38 -32.59 4.97
CA LEU B 100 33.00 -31.27 5.46
C LEU B 100 34.24 -30.56 6.05
N LEU B 101 35.05 -31.30 6.86
CA LEU B 101 36.31 -30.83 7.48
C LEU B 101 37.27 -30.34 6.39
N PHE B 102 37.35 -31.09 5.27
CA PHE B 102 38.14 -30.71 4.12
C PHE B 102 37.54 -29.51 3.37
N TYR B 103 36.19 -29.39 3.32
CA TYR B 103 35.57 -28.26 2.64
C TYR B 103 35.92 -27.01 3.43
N LEU B 104 35.56 -26.99 4.74
CA LEU B 104 35.87 -25.90 5.66
C LEU B 104 37.35 -25.52 5.59
N TYR B 105 38.25 -26.53 5.69
CA TYR B 105 39.69 -26.31 5.59
C TYR B 105 40.10 -25.55 4.33
N TYR B 106 39.74 -26.08 3.14
CA TYR B 106 40.16 -25.51 1.87
C TYR B 106 39.49 -24.19 1.52
N MET B 107 38.34 -23.87 2.13
CA MET B 107 37.62 -22.64 1.80
C MET B 107 37.93 -21.44 2.71
N ASN B 108 38.33 -21.69 3.96
CA ASN B 108 38.60 -20.62 4.93
C ASN B 108 40.10 -20.21 4.99
N GLY B 109 40.57 -19.67 3.87
CA GLY B 109 41.93 -19.19 3.73
C GLY B 109 42.20 -17.95 4.56
N GLY B 110 42.77 -18.18 5.75
CA GLY B 110 43.11 -17.14 6.70
C GLY B 110 41.98 -16.79 7.63
N ASP B 111 41.47 -17.82 8.33
CA ASP B 111 40.37 -17.74 9.29
C ASP B 111 40.59 -18.78 10.35
N VAL B 112 39.99 -18.57 11.53
CA VAL B 112 40.08 -19.54 12.63
C VAL B 112 39.42 -20.85 12.24
N LEU B 113 38.49 -20.80 11.27
CA LEU B 113 37.79 -21.97 10.77
C LEU B 113 38.73 -22.94 10.04
N GLN B 114 39.69 -22.43 9.22
CA GLN B 114 40.71 -23.29 8.57
C GLN B 114 41.47 -24.07 9.66
N LEU B 115 41.90 -23.35 10.73
CA LEU B 115 42.64 -23.90 11.84
C LEU B 115 41.82 -24.85 12.67
N LEU B 116 40.54 -24.48 12.98
CA LEU B 116 39.61 -25.34 13.73
C LEU B 116 39.48 -26.65 12.98
N ALA B 117 39.30 -26.55 11.63
CA ALA B 117 39.21 -27.67 10.70
C ALA B 117 40.48 -28.51 10.75
N ALA B 118 41.65 -27.83 10.64
CA ALA B 118 42.97 -28.46 10.67
C ALA B 118 43.19 -29.22 11.98
N VAL B 119 42.69 -28.68 13.12
CA VAL B 119 42.76 -29.30 14.47
C VAL B 119 41.95 -30.59 14.51
N GLU B 120 40.71 -30.58 13.94
CA GLU B 120 39.85 -31.77 13.94
C GLU B 120 40.36 -32.89 13.00
N LEU B 121 41.05 -32.50 11.89
CA LEU B 121 41.65 -33.45 10.94
C LEU B 121 42.79 -34.18 11.65
N PHE B 122 43.62 -33.40 12.42
CA PHE B 122 44.76 -33.85 13.23
C PHE B 122 44.29 -34.80 14.32
N ASN B 123 43.15 -34.48 14.96
CA ASN B 123 42.49 -35.29 15.99
C ASN B 123 42.04 -36.64 15.42
N ARG B 124 41.88 -36.71 14.09
CA ARG B 124 41.48 -37.93 13.37
C ARG B 124 42.69 -38.59 12.61
N ASP B 125 43.92 -38.24 13.07
CA ASP B 125 45.27 -38.71 12.63
C ASP B 125 45.82 -38.02 11.34
N TRP B 126 45.02 -37.17 10.62
CA TRP B 126 45.53 -36.50 9.41
C TRP B 126 46.74 -35.63 9.72
N ARG B 127 47.80 -35.72 8.88
CA ARG B 127 49.04 -34.95 9.05
C ARG B 127 49.32 -34.12 7.78
N TYR B 128 49.61 -32.83 7.95
CA TYR B 128 49.85 -31.95 6.81
C TYR B 128 51.33 -31.82 6.47
N HIS B 129 51.67 -31.93 5.19
CA HIS B 129 53.05 -31.79 4.69
C HIS B 129 53.28 -30.32 4.34
N LYS B 130 54.32 -29.72 4.91
CA LYS B 130 54.60 -28.29 4.73
C LYS B 130 55.16 -27.94 3.33
N GLU B 131 55.80 -28.91 2.64
CA GLU B 131 56.35 -28.71 1.30
C GLU B 131 55.42 -29.27 0.22
N GLU B 132 54.87 -30.48 0.42
CA GLU B 132 53.94 -31.13 -0.51
C GLU B 132 52.55 -30.46 -0.50
N ARG B 133 52.28 -29.61 0.54
CA ARG B 133 51.06 -28.81 0.74
C ARG B 133 49.75 -29.65 0.66
N VAL B 134 49.76 -30.86 1.25
CA VAL B 134 48.62 -31.80 1.24
C VAL B 134 48.44 -32.48 2.59
N TRP B 135 47.21 -32.92 2.90
CA TRP B 135 46.91 -33.67 4.12
C TRP B 135 47.08 -35.18 3.84
N ILE B 136 47.85 -35.88 4.69
CA ILE B 136 48.17 -37.31 4.56
C ILE B 136 47.79 -38.09 5.84
N THR B 137 47.11 -39.25 5.70
CA THR B 137 46.72 -40.11 6.82
C THR B 137 47.12 -41.58 6.54
N ARG B 138 47.27 -42.37 7.62
CA ARG B 138 47.63 -43.79 7.58
C ARG B 138 46.60 -44.56 6.77
N ALA B 139 47.07 -45.28 5.72
CA ALA B 139 46.23 -46.14 4.87
C ALA B 139 45.90 -47.43 5.66
N PRO B 140 44.65 -47.97 5.56
CA PRO B 140 44.30 -49.17 6.36
C PRO B 140 45.15 -50.44 6.10
N GLY B 141 45.80 -50.90 7.17
CA GLY B 141 46.64 -52.09 7.18
C GLY B 141 48.09 -51.88 6.75
N MET B 142 48.47 -50.63 6.45
CA MET B 142 49.81 -50.28 5.96
C MET B 142 50.89 -50.07 7.03
N GLU B 143 52.07 -50.65 6.74
CA GLU B 143 53.29 -50.58 7.54
C GLU B 143 54.46 -50.12 6.65
N PRO B 144 55.18 -49.03 7.02
CA PRO B 144 56.27 -48.54 6.16
C PRO B 144 57.48 -49.47 6.03
N THR B 145 58.15 -49.41 4.86
CA THR B 145 59.33 -50.21 4.51
C THR B 145 60.56 -49.88 5.38
N MET B 146 60.95 -48.58 5.45
CA MET B 146 62.11 -48.11 6.22
C MET B 146 61.87 -46.83 7.03
N LYS B 147 62.00 -46.93 8.38
CA LYS B 147 61.80 -45.84 9.34
C LYS B 147 63.01 -45.66 10.26
N THR B 148 63.46 -44.41 10.44
CA THR B 148 64.57 -44.04 11.32
C THR B 148 64.26 -42.73 12.09
N ASN B 149 65.30 -42.15 12.76
CA ASN B 149 65.28 -40.93 13.55
C ASN B 149 64.66 -39.71 12.86
N THR B 150 64.96 -39.51 11.55
CA THR B 150 64.48 -38.33 10.81
C THR B 150 63.42 -38.61 9.74
N TYR B 151 63.30 -39.85 9.23
CA TYR B 151 62.36 -40.19 8.17
C TYR B 151 61.55 -41.50 8.39
N GLU B 152 60.60 -41.76 7.46
CA GLU B 152 59.69 -42.92 7.38
C GLU B 152 59.21 -43.03 5.92
N ARG B 153 59.25 -44.24 5.34
CA ARG B 153 58.83 -44.44 3.95
C ARG B 153 57.84 -45.60 3.76
N GLY B 154 56.58 -45.24 3.47
CA GLY B 154 55.48 -46.17 3.22
C GLY B 154 54.44 -45.63 2.25
N THR B 155 53.30 -46.34 2.14
CA THR B 155 52.21 -45.95 1.24
C THR B 155 50.98 -45.50 2.07
N TYR B 156 50.68 -44.19 2.03
CA TYR B 156 49.57 -43.58 2.77
C TYR B 156 48.50 -42.96 1.87
N TYR B 157 47.47 -42.34 2.50
CA TYR B 157 46.32 -41.69 1.87
C TYR B 157 46.47 -40.20 1.97
N PHE B 158 46.31 -39.49 0.86
CA PHE B 158 46.39 -38.04 0.84
C PHE B 158 45.19 -37.39 0.12
N PHE B 159 44.72 -36.23 0.59
CA PHE B 159 43.56 -35.56 -0.05
C PHE B 159 43.94 -34.67 -1.25
N ASP B 160 43.36 -35.01 -2.41
CA ASP B 160 43.48 -34.31 -3.70
C ASP B 160 42.28 -33.33 -3.78
N CYS B 161 42.55 -32.02 -3.61
CA CYS B 161 41.53 -30.97 -3.59
C CYS B 161 41.06 -30.56 -4.97
N LEU B 162 41.80 -30.97 -6.03
CA LEU B 162 41.46 -30.66 -7.43
C LEU B 162 40.43 -31.67 -7.95
N ASN B 163 40.56 -32.95 -7.54
CA ASN B 163 39.63 -33.99 -7.93
C ASN B 163 38.72 -34.41 -6.77
N TRP B 164 38.83 -33.72 -5.61
CA TRP B 164 38.04 -33.91 -4.38
C TRP B 164 37.87 -35.40 -4.01
N ARG B 165 39.02 -36.06 -3.80
CA ARG B 165 39.11 -37.48 -3.52
C ARG B 165 40.40 -37.75 -2.73
N LYS B 166 40.42 -38.84 -1.93
CA LYS B 166 41.65 -39.22 -1.23
C LYS B 166 42.37 -40.30 -2.05
N VAL B 167 43.62 -39.99 -2.42
CA VAL B 167 44.51 -40.78 -3.30
C VAL B 167 45.62 -41.50 -2.51
N ALA B 168 45.79 -42.80 -2.79
CA ALA B 168 46.85 -43.62 -2.20
C ALA B 168 48.14 -43.38 -3.01
N LYS B 169 49.27 -43.06 -2.33
CA LYS B 169 50.58 -42.81 -2.98
C LYS B 169 51.79 -43.16 -2.07
N GLU B 170 52.97 -43.44 -2.66
CA GLU B 170 54.20 -43.78 -1.94
C GLU B 170 54.86 -42.49 -1.40
N PHE B 171 54.81 -42.29 -0.06
CA PHE B 171 55.35 -41.08 0.57
C PHE B 171 56.54 -41.28 1.50
N HIS B 172 57.61 -40.50 1.25
CA HIS B 172 58.76 -40.47 2.14
C HIS B 172 58.51 -39.21 2.98
N LEU B 173 58.06 -39.42 4.23
CA LEU B 173 57.80 -38.29 5.10
C LEU B 173 58.93 -38.04 6.08
N GLU B 174 59.68 -36.95 5.82
CA GLU B 174 60.72 -36.48 6.73
C GLU B 174 59.91 -35.73 7.79
N TYR B 175 59.92 -36.23 9.06
CA TYR B 175 59.20 -35.65 10.21
C TYR B 175 59.44 -34.14 10.38
N ASP B 176 60.53 -33.63 9.78
CA ASP B 176 60.96 -32.23 9.72
C ASP B 176 59.94 -31.44 8.88
N LYS B 177 59.62 -31.96 7.66
CA LYS B 177 58.71 -31.35 6.69
C LYS B 177 57.21 -31.54 7.04
N LEU B 178 56.90 -32.37 8.07
CA LEU B 178 55.55 -32.65 8.56
C LEU B 178 55.16 -31.75 9.75
N GLU B 179 54.05 -31.02 9.61
CA GLU B 179 53.52 -30.10 10.60
C GLU B 179 52.98 -30.75 11.90
N GLU B 180 53.26 -30.05 13.02
CA GLU B 180 52.88 -30.29 14.41
C GLU B 180 51.35 -30.00 14.60
N ARG B 181 50.80 -30.18 15.83
CA ARG B 181 49.38 -29.89 16.13
C ARG B 181 49.10 -28.39 15.84
N PRO B 182 48.09 -28.06 14.99
CA PRO B 182 47.85 -26.65 14.59
C PRO B 182 47.78 -25.62 15.71
N HIS B 183 48.61 -24.58 15.56
CA HIS B 183 48.71 -23.50 16.54
C HIS B 183 47.59 -22.48 16.31
N LEU B 184 46.61 -22.52 17.24
CA LEU B 184 45.43 -21.66 17.29
C LEU B 184 45.82 -20.28 17.86
N PRO B 185 45.78 -19.20 17.04
CA PRO B 185 46.15 -17.89 17.56
C PRO B 185 45.15 -17.29 18.53
N SER B 186 45.69 -16.55 19.50
CA SER B 186 44.94 -15.74 20.44
C SER B 186 45.07 -14.35 19.82
N THR B 187 43.96 -13.79 19.33
CA THR B 187 43.97 -12.50 18.64
C THR B 187 43.30 -11.41 19.49
N PHE B 188 44.12 -10.51 20.06
CA PHE B 188 43.69 -9.38 20.90
C PHE B 188 42.90 -8.38 20.03
N ASN B 189 43.47 -8.06 18.84
CA ASN B 189 42.94 -7.18 17.79
C ASN B 189 43.57 -7.63 16.46
N TYR B 190 42.75 -7.95 15.42
CA TYR B 190 43.32 -8.38 14.13
C TYR B 190 42.45 -8.06 12.88
N ASN B 191 42.88 -7.06 12.09
CA ASN B 191 42.33 -6.67 10.78
C ASN B 191 43.52 -6.78 9.80
N PRO B 192 43.50 -7.77 8.89
CA PRO B 192 44.63 -7.94 7.96
C PRO B 192 44.72 -6.82 6.91
N ALA B 193 43.66 -5.97 6.83
CA ALA B 193 43.56 -4.79 5.97
C ALA B 193 44.52 -3.70 6.47
N GLN B 194 44.79 -3.68 7.80
CA GLN B 194 45.65 -2.73 8.51
C GLN B 194 47.13 -2.98 8.31
N GLN B 195 47.54 -4.25 8.20
CA GLN B 195 48.94 -4.60 8.05
C GLN B 195 49.32 -4.94 6.59
N ALA B 196 48.38 -4.72 5.63
CA ALA B 196 48.58 -4.97 4.19
C ALA B 196 49.65 -4.02 3.59
N PHE B 197 50.96 -4.42 3.71
CA PHE B 197 52.16 -3.70 3.22
C PHE B 197 52.23 -2.22 3.61
N GLY C 1 64.06 22.50 6.21
CA GLY C 1 63.99 21.94 7.56
C GLY C 1 63.19 20.64 7.60
N PRO C 2 62.27 20.47 8.59
CA PRO C 2 61.43 19.24 8.61
C PRO C 2 60.56 19.17 7.38
N HIS C 3 60.80 18.15 6.57
CA HIS C 3 60.24 17.92 5.24
C HIS C 3 58.73 17.75 5.22
N MET C 4 58.14 17.23 6.30
CA MET C 4 56.70 17.07 6.45
C MET C 4 56.05 18.44 6.52
N LEU C 5 56.79 19.46 7.03
CA LEU C 5 56.29 20.83 7.06
C LEU C 5 56.16 21.41 5.63
N GLU C 6 56.71 20.71 4.59
CA GLU C 6 56.50 21.10 3.20
C GLU C 6 55.03 20.82 2.84
N LEU C 7 54.31 19.97 3.61
CA LEU C 7 52.87 19.73 3.45
C LEU C 7 52.13 20.94 4.05
N THR C 8 50.94 21.23 3.55
CA THR C 8 50.16 22.34 4.07
C THR C 8 49.45 21.84 5.31
N LYS C 9 49.04 22.78 6.19
CA LYS C 9 48.29 22.51 7.39
C LYS C 9 47.07 21.61 7.06
N GLU C 10 46.37 21.86 5.91
CA GLU C 10 45.24 21.04 5.50
C GLU C 10 45.68 19.65 5.16
N GLN C 11 46.83 19.51 4.48
CA GLN C 11 47.36 18.18 4.13
C GLN C 11 47.79 17.42 5.40
N LEU C 12 48.36 18.14 6.40
CA LEU C 12 48.73 17.55 7.69
C LEU C 12 47.45 17.07 8.42
N TYR C 13 46.37 17.89 8.38
CA TYR C 13 45.07 17.57 8.93
C TYR C 13 44.53 16.34 8.21
N GLN C 14 44.50 16.33 6.85
CA GLN C 14 44.05 15.16 6.08
C GLN C 14 44.81 13.92 6.49
N GLN C 15 46.16 14.01 6.59
CA GLN C 15 47.02 12.90 7.01
C GLN C 15 46.62 12.38 8.40
N ALA C 16 46.29 13.31 9.35
CA ALA C 16 45.86 13.00 10.70
C ALA C 16 44.59 12.19 10.68
N MET C 17 43.54 12.70 9.99
CA MET C 17 42.26 12.02 9.84
C MET C 17 42.37 10.64 9.18
N GLU C 18 43.22 10.48 8.15
CA GLU C 18 43.46 9.19 7.49
C GLU C 18 44.19 8.25 8.45
N GLU C 19 45.21 8.77 9.15
CA GLU C 19 45.98 8.00 10.12
C GLU C 19 45.09 7.44 11.25
N ALA C 20 44.11 8.24 11.69
CA ALA C 20 43.14 7.83 12.71
C ALA C 20 42.24 6.69 12.17
N ALA C 21 41.80 6.83 10.89
CA ALA C 21 40.91 5.96 10.13
C ALA C 21 41.52 4.59 9.99
N TRP C 22 42.85 4.56 9.98
CA TRP C 22 43.62 3.34 9.88
C TRP C 22 43.47 2.52 11.14
N HIS C 23 43.46 3.17 12.33
CA HIS C 23 43.26 2.47 13.61
C HIS C 23 41.99 1.63 13.59
N HIS C 24 40.95 2.10 12.88
CA HIS C 24 39.73 1.33 12.71
C HIS C 24 39.34 1.12 11.25
N MET C 25 40.21 0.41 10.53
CA MET C 25 39.95 0.11 9.12
C MET C 25 38.69 -0.71 8.90
N PRO C 26 38.03 -0.59 7.74
CA PRO C 26 36.81 -1.38 7.53
C PRO C 26 37.11 -2.89 7.55
N HIS C 27 36.18 -3.64 8.14
CA HIS C 27 36.29 -5.08 8.25
C HIS C 27 35.60 -5.73 7.02
N PRO C 28 36.12 -6.87 6.45
CA PRO C 28 35.44 -7.48 5.29
C PRO C 28 33.92 -7.63 5.42
N SER C 29 33.45 -7.81 6.65
CA SER C 29 32.05 -8.06 6.93
C SER C 29 31.19 -6.80 6.98
N ASP C 30 31.80 -5.60 7.00
CA ASP C 30 31.04 -4.34 7.01
C ASP C 30 30.27 -4.15 5.68
N SER C 31 30.83 -4.72 4.59
CA SER C 31 30.38 -4.65 3.19
C SER C 31 29.52 -5.84 2.69
N GLU C 32 29.12 -6.78 3.58
CA GLU C 32 28.32 -7.96 3.24
C GLU C 32 27.26 -8.24 4.32
N ARG C 33 26.11 -8.83 3.94
CA ARG C 33 25.01 -9.13 4.88
C ARG C 33 25.45 -10.02 6.09
N ILE C 34 24.69 -9.98 7.20
CA ILE C 34 25.03 -10.67 8.45
C ILE C 34 25.10 -12.19 8.29
N ARG C 35 26.13 -12.77 8.91
CA ARG C 35 26.43 -14.18 8.98
C ARG C 35 26.13 -14.61 10.42
N GLN C 36 25.02 -15.30 10.58
CA GLN C 36 24.57 -15.76 11.89
C GLN C 36 25.42 -16.91 12.43
N TYR C 37 26.07 -17.71 11.53
CA TYR C 37 26.79 -18.91 11.96
C TYR C 37 28.26 -18.94 11.63
N LEU C 38 28.68 -18.50 10.45
CA LEU C 38 30.09 -18.53 10.15
C LEU C 38 30.57 -17.11 9.83
N PRO C 39 30.65 -16.22 10.85
CA PRO C 39 31.13 -14.86 10.56
C PRO C 39 32.64 -14.84 10.31
N ARG C 40 33.13 -13.79 9.62
CA ARG C 40 34.55 -13.64 9.32
C ARG C 40 35.32 -13.41 10.62
N ASN C 41 36.38 -14.18 10.79
CA ASN C 41 37.29 -14.12 11.93
C ASN C 41 38.70 -14.18 11.35
N PRO C 42 39.14 -13.17 10.55
CA PRO C 42 40.50 -13.26 9.98
C PRO C 42 41.56 -13.41 11.05
N CYS C 43 42.52 -14.31 10.79
CA CYS C 43 43.61 -14.58 11.71
C CYS C 43 44.88 -14.95 10.91
N PRO C 44 46.09 -14.88 11.50
CA PRO C 44 47.30 -15.24 10.73
C PRO C 44 47.45 -16.75 10.60
N THR C 45 47.50 -17.22 9.35
CA THR C 45 47.67 -18.62 9.00
C THR C 45 49.06 -18.82 8.36
N PRO C 46 49.80 -19.91 8.70
CA PRO C 46 51.14 -20.09 8.11
C PRO C 46 51.14 -20.14 6.58
N PRO C 47 52.16 -19.52 5.92
CA PRO C 47 52.19 -19.47 4.44
C PRO C 47 52.20 -20.81 3.71
N TYR C 48 52.61 -21.91 4.39
CA TYR C 48 52.62 -23.26 3.81
C TYR C 48 51.22 -23.84 3.69
N HIS C 49 50.25 -23.32 4.48
CA HIS C 49 48.83 -23.70 4.42
C HIS C 49 48.15 -22.95 3.27
N HIS C 50 47.03 -23.50 2.75
CA HIS C 50 46.30 -22.92 1.63
C HIS C 50 45.59 -21.62 2.01
N GLN C 51 46.23 -20.49 1.68
CA GLN C 51 45.69 -19.17 2.00
C GLN C 51 44.50 -18.78 1.09
N MET C 52 44.21 -19.61 0.08
CA MET C 52 43.15 -19.42 -0.90
C MET C 52 42.45 -20.76 -1.22
N PRO C 53 41.14 -20.71 -1.58
CA PRO C 53 40.42 -21.96 -1.94
C PRO C 53 40.80 -22.57 -3.29
N PRO C 54 40.52 -23.88 -3.50
CA PRO C 54 40.86 -24.52 -4.80
C PRO C 54 40.35 -23.81 -6.06
N PRO C 55 41.02 -23.98 -7.23
CA PRO C 55 40.55 -23.32 -8.45
C PRO C 55 39.21 -23.85 -8.90
N HIS C 56 38.35 -22.94 -9.37
CA HIS C 56 36.98 -23.19 -9.87
C HIS C 56 36.10 -23.91 -8.88
N SER C 57 36.12 -23.45 -7.62
CA SER C 57 35.30 -24.00 -6.55
C SER C 57 33.90 -23.37 -6.63
N ASP C 58 33.77 -22.24 -7.35
CA ASP C 58 32.55 -21.46 -7.52
C ASP C 58 31.53 -22.03 -8.52
N THR C 59 31.74 -23.26 -9.03
CA THR C 59 30.87 -23.91 -10.01
C THR C 59 29.98 -24.97 -9.38
N VAL C 60 28.80 -25.28 -9.98
CA VAL C 60 27.86 -26.30 -9.48
C VAL C 60 28.50 -27.72 -9.62
N GLU C 61 29.45 -27.87 -10.55
CA GLU C 61 30.19 -29.12 -10.79
C GLU C 61 31.08 -29.43 -9.60
N PHE C 62 31.66 -28.40 -8.96
CA PHE C 62 32.49 -28.54 -7.77
C PHE C 62 31.64 -28.98 -6.58
N TYR C 63 30.45 -28.37 -6.45
CA TYR C 63 29.55 -28.64 -5.36
C TYR C 63 28.95 -30.04 -5.47
N GLN C 64 28.85 -30.58 -6.70
CA GLN C 64 28.39 -31.95 -6.93
C GLN C 64 29.38 -32.98 -6.38
N ARG C 65 30.69 -32.63 -6.36
CA ARG C 65 31.80 -33.45 -5.86
C ARG C 65 31.76 -33.58 -4.32
N LEU C 66 31.14 -32.60 -3.65
CA LEU C 66 31.02 -32.57 -2.18
C LEU C 66 30.03 -33.63 -1.68
N SER C 67 30.19 -34.05 -0.42
CA SER C 67 29.30 -35.02 0.23
C SER C 67 27.98 -34.30 0.54
N THR C 68 26.89 -35.06 0.72
CA THR C 68 25.59 -34.48 1.03
C THR C 68 25.65 -33.67 2.32
N GLU C 69 26.38 -34.19 3.35
CA GLU C 69 26.55 -33.50 4.65
C GLU C 69 27.17 -32.13 4.45
N THR C 70 28.25 -32.03 3.67
CA THR C 70 28.88 -30.76 3.37
C THR C 70 27.85 -29.81 2.75
N LEU C 71 27.04 -30.33 1.80
CA LEU C 71 26.03 -29.55 1.11
C LEU C 71 24.92 -29.09 2.05
N PHE C 72 24.50 -29.93 3.00
CA PHE C 72 23.51 -29.52 4.02
C PHE C 72 24.07 -28.45 4.96
N PHE C 73 25.37 -28.58 5.30
CA PHE C 73 26.07 -27.61 6.14
C PHE C 73 26.06 -26.25 5.46
N ILE C 74 26.30 -26.21 4.13
CA ILE C 74 26.28 -24.98 3.34
C ILE C 74 24.83 -24.44 3.28
N PHE C 75 23.86 -25.34 3.06
CA PHE C 75 22.46 -24.94 2.96
C PHE C 75 21.90 -24.29 4.26
N TYR C 76 22.31 -24.80 5.43
CA TYR C 76 21.77 -24.30 6.70
C TYR C 76 22.58 -23.19 7.37
N TYR C 77 23.91 -23.35 7.52
CA TYR C 77 24.79 -22.36 8.18
C TYR C 77 25.45 -21.35 7.23
N LEU C 78 24.95 -21.20 5.99
CA LEU C 78 25.50 -20.28 4.99
C LEU C 78 24.40 -19.68 4.09
N GLU C 79 23.19 -19.55 4.66
CA GLU C 79 21.96 -19.01 4.10
C GLU C 79 22.16 -17.63 3.48
N GLY C 80 21.48 -17.41 2.35
CA GLY C 80 21.46 -16.17 1.59
C GLY C 80 22.71 -15.88 0.77
N THR C 81 23.52 -16.91 0.49
CA THR C 81 24.77 -16.73 -0.29
C THR C 81 24.75 -17.51 -1.60
N LYS C 82 25.71 -17.22 -2.49
CA LYS C 82 25.89 -17.90 -3.76
C LYS C 82 26.22 -19.39 -3.46
N ALA C 83 27.04 -19.63 -2.41
CA ALA C 83 27.46 -20.94 -1.91
C ALA C 83 26.25 -21.79 -1.59
N GLN C 84 25.25 -21.22 -0.88
CA GLN C 84 24.00 -21.88 -0.51
C GLN C 84 23.21 -22.20 -1.78
N TYR C 85 23.20 -21.27 -2.77
CA TYR C 85 22.50 -21.47 -4.03
C TYR C 85 23.11 -22.60 -4.85
N LEU C 86 24.44 -22.69 -4.86
CA LEU C 86 25.21 -23.74 -5.51
C LEU C 86 24.98 -25.09 -4.82
N ALA C 87 24.89 -25.08 -3.47
CA ALA C 87 24.63 -26.27 -2.66
C ALA C 87 23.22 -26.80 -2.97
N ALA C 88 22.21 -25.90 -3.06
CA ALA C 88 20.84 -26.28 -3.38
C ALA C 88 20.76 -26.89 -4.78
N LYS C 89 21.44 -26.24 -5.75
CA LYS C 89 21.49 -26.68 -7.14
C LYS C 89 22.12 -28.08 -7.24
N ALA C 90 23.29 -28.29 -6.59
CA ALA C 90 24.01 -29.58 -6.55
C ALA C 90 23.13 -30.66 -5.93
N LEU C 91 22.43 -30.35 -4.80
CA LEU C 91 21.49 -31.25 -4.13
C LEU C 91 20.33 -31.63 -5.05
N LYS C 92 19.76 -30.65 -5.79
CA LYS C 92 18.66 -30.86 -6.72
C LYS C 92 19.09 -31.85 -7.82
N LYS C 93 20.30 -31.61 -8.39
CA LYS C 93 20.95 -32.46 -9.40
C LYS C 93 21.21 -33.87 -8.82
N GLN C 94 21.54 -33.94 -7.52
CA GLN C 94 21.76 -35.19 -6.81
C GLN C 94 20.41 -35.83 -6.37
N SER C 95 19.28 -35.39 -7.01
CA SER C 95 17.90 -35.89 -6.88
C SER C 95 17.20 -35.64 -5.54
N TRP C 96 17.68 -34.66 -4.77
CA TRP C 96 17.06 -34.29 -3.51
C TRP C 96 16.00 -33.23 -3.80
N ARG C 97 14.98 -33.16 -2.94
CA ARG C 97 13.86 -32.22 -3.06
C ARG C 97 13.56 -31.59 -1.69
N PHE C 98 13.57 -30.27 -1.67
CA PHE C 98 13.36 -29.48 -0.45
C PHE C 98 11.87 -29.27 -0.09
N HIS C 99 11.49 -29.68 1.13
CA HIS C 99 10.12 -29.53 1.64
C HIS C 99 9.96 -28.12 2.18
N THR C 100 9.11 -27.28 1.55
CA THR C 100 8.89 -25.87 1.97
C THR C 100 8.38 -25.77 3.42
N LYS C 101 7.51 -26.72 3.86
CA LYS C 101 6.97 -26.74 5.24
C LYS C 101 7.99 -27.18 6.30
N TYR C 102 8.46 -28.44 6.24
CA TYR C 102 9.40 -29.02 7.19
C TYR C 102 10.82 -28.45 7.09
N MET C 103 11.10 -27.72 5.99
CA MET C 103 12.39 -27.07 5.68
C MET C 103 13.58 -28.05 5.70
N MET C 104 13.38 -29.24 5.07
CA MET C 104 14.31 -30.36 4.95
C MET C 104 14.41 -30.93 3.53
N TRP C 105 15.57 -31.51 3.21
CA TRP C 105 15.84 -32.15 1.93
C TRP C 105 15.45 -33.60 1.98
N PHE C 106 14.44 -33.97 1.19
CA PHE C 106 13.94 -35.33 1.06
C PHE C 106 14.46 -35.93 -0.25
N GLN C 107 14.54 -37.26 -0.32
CA GLN C 107 14.94 -38.00 -1.51
C GLN C 107 14.25 -39.33 -1.42
N ARG C 108 13.65 -39.77 -2.53
CA ARG C 108 12.93 -41.05 -2.63
C ARG C 108 13.93 -42.17 -2.47
N HIS C 109 13.63 -43.13 -1.60
CA HIS C 109 14.50 -44.29 -1.40
C HIS C 109 14.20 -45.30 -2.49
N GLU C 110 12.91 -45.37 -2.85
CA GLU C 110 12.32 -46.21 -3.88
C GLU C 110 11.21 -45.40 -4.55
N GLU C 111 10.65 -45.90 -5.68
CA GLU C 111 9.54 -45.31 -6.43
C GLU C 111 8.29 -45.24 -5.49
N PRO C 112 7.61 -44.07 -5.40
CA PRO C 112 6.48 -43.94 -4.45
C PRO C 112 5.31 -44.88 -4.71
N LYS C 113 4.65 -45.29 -3.61
CA LYS C 113 3.48 -46.16 -3.57
C LYS C 113 2.29 -45.53 -4.31
N THR C 114 2.14 -44.19 -4.19
CA THR C 114 1.02 -43.42 -4.76
C THR C 114 1.49 -42.04 -5.26
N ILE C 115 0.95 -41.64 -6.42
CA ILE C 115 1.16 -40.32 -7.02
C ILE C 115 -0.20 -39.80 -7.48
N THR C 116 -0.68 -38.72 -6.84
CA THR C 116 -1.93 -38.05 -7.20
C THR C 116 -1.53 -36.64 -7.60
N ASP C 117 -2.48 -35.76 -7.90
CA ASP C 117 -2.13 -34.40 -8.27
C ASP C 117 -1.76 -33.54 -7.06
N GLU C 118 -2.33 -33.86 -5.86
CA GLU C 118 -2.07 -33.12 -4.61
C GLU C 118 -0.82 -33.65 -3.84
N PHE C 119 -0.58 -34.99 -3.84
CA PHE C 119 0.58 -35.54 -3.11
C PHE C 119 1.30 -36.69 -3.81
N GLU C 120 2.38 -37.14 -3.17
CA GLU C 120 3.26 -38.24 -3.53
C GLU C 120 3.48 -38.98 -2.22
N GLN C 121 3.26 -40.32 -2.18
CA GLN C 121 3.38 -41.08 -0.93
C GLN C 121 4.27 -42.33 -1.05
N GLY C 122 5.27 -42.44 -0.16
CA GLY C 122 6.19 -43.56 -0.18
C GLY C 122 7.31 -43.46 0.84
N THR C 123 8.40 -44.21 0.62
CA THR C 123 9.57 -44.23 1.51
C THR C 123 10.61 -43.21 1.05
N TYR C 124 11.07 -42.36 1.98
CA TYR C 124 12.05 -41.32 1.67
C TYR C 124 13.13 -41.26 2.72
N ILE C 125 14.34 -40.82 2.32
CA ILE C 125 15.46 -40.53 3.23
C ILE C 125 15.50 -39.01 3.32
N TYR C 126 15.65 -38.47 4.53
CA TYR C 126 15.70 -37.03 4.74
C TYR C 126 16.85 -36.62 5.66
N PHE C 127 17.24 -35.34 5.59
CA PHE C 127 18.29 -34.85 6.47
C PHE C 127 17.67 -34.06 7.59
N ASP C 128 17.90 -34.50 8.83
CA ASP C 128 17.40 -33.88 10.06
C ASP C 128 18.40 -32.82 10.53
N TYR C 129 18.04 -31.52 10.40
CA TYR C 129 18.91 -30.40 10.81
C TYR C 129 19.06 -30.20 12.35
N GLU C 130 18.21 -30.87 13.19
CA GLU C 130 18.25 -30.78 14.67
C GLU C 130 19.18 -31.85 15.23
N LYS C 131 19.02 -33.08 14.76
CA LYS C 131 19.85 -34.20 15.19
C LYS C 131 21.13 -34.32 14.33
N TRP C 132 21.25 -33.52 13.26
CA TRP C 132 22.35 -33.48 12.29
C TRP C 132 22.69 -34.87 11.69
N GLY C 133 21.71 -35.45 11.00
CA GLY C 133 21.86 -36.77 10.40
C GLY C 133 20.77 -37.21 9.45
N GLN C 134 21.14 -38.13 8.55
CA GLN C 134 20.23 -38.72 7.57
C GLN C 134 19.30 -39.70 8.30
N ARG C 135 18.00 -39.71 7.94
CA ARG C 135 16.96 -40.52 8.56
C ARG C 135 15.93 -40.97 7.52
N LYS C 136 15.50 -42.25 7.58
CA LYS C 136 14.48 -42.81 6.68
C LYS C 136 13.08 -42.58 7.26
N LYS C 137 12.07 -42.51 6.38
CA LYS C 137 10.67 -42.36 6.77
C LYS C 137 9.76 -43.09 5.79
N GLU C 138 9.28 -44.27 6.22
CA GLU C 138 8.36 -45.10 5.44
C GLU C 138 6.98 -44.46 5.44
N GLY C 139 6.20 -44.75 4.39
CA GLY C 139 4.83 -44.27 4.23
C GLY C 139 4.62 -42.77 4.40
N PHE C 140 5.67 -41.97 4.07
CA PHE C 140 5.64 -40.51 4.14
C PHE C 140 4.82 -39.97 2.99
N THR C 141 4.05 -38.91 3.26
CA THR C 141 3.20 -38.27 2.27
C THR C 141 3.73 -36.84 1.98
N PHE C 142 4.47 -36.71 0.86
CA PHE C 142 5.03 -35.45 0.42
C PHE C 142 3.93 -34.73 -0.39
N GLU C 143 3.29 -33.73 0.25
CA GLU C 143 2.23 -32.91 -0.37
C GLU C 143 2.91 -31.95 -1.34
N TYR C 144 2.49 -31.98 -2.62
CA TYR C 144 3.04 -31.16 -3.72
C TYR C 144 2.99 -29.65 -3.44
N ARG C 145 2.08 -29.24 -2.54
CA ARG C 145 1.83 -27.90 -2.01
C ARG C 145 3.14 -27.34 -1.43
N TYR C 146 4.02 -28.26 -0.99
CA TYR C 146 5.29 -27.98 -0.32
C TYR C 146 6.54 -28.34 -1.13
N LEU C 147 6.34 -28.47 -2.43
CA LEU C 147 7.39 -28.80 -3.39
C LEU C 147 7.31 -27.89 -4.60
N GLU C 148 8.45 -27.30 -4.94
CA GLU C 148 8.54 -26.47 -6.12
C GLU C 148 8.78 -27.40 -7.36
N TYR D 16 -17.11 13.62 -23.59
CA TYR D 16 -17.48 15.03 -23.50
C TYR D 16 -16.38 15.96 -24.07
N ASP D 17 -15.22 16.00 -23.41
CA ASP D 17 -14.01 16.77 -23.70
C ASP D 17 -12.88 15.81 -23.28
N ASP D 18 -13.21 14.49 -23.32
CA ASP D 18 -12.37 13.40 -22.85
C ASP D 18 -11.17 13.19 -23.75
N PRO D 19 -9.93 13.17 -23.20
CA PRO D 19 -8.76 12.87 -24.06
C PRO D 19 -8.93 11.53 -24.82
N PRO D 20 -8.40 11.38 -26.06
CA PRO D 20 -8.63 10.14 -26.82
C PRO D 20 -8.07 8.86 -26.17
N GLY D 21 -8.84 7.78 -26.28
CA GLY D 21 -8.46 6.49 -25.73
C GLY D 21 -8.75 6.29 -24.26
N LEU D 22 -9.05 7.40 -23.52
CA LEU D 22 -9.37 7.43 -22.08
C LEU D 22 -10.56 6.52 -21.69
N ARG D 23 -11.66 6.57 -22.47
CA ARG D 23 -12.86 5.75 -22.24
C ARG D 23 -12.54 4.26 -22.30
N GLU D 24 -11.82 3.83 -23.35
CA GLU D 24 -11.37 2.46 -23.62
C GLU D 24 -10.40 1.95 -22.51
N LYS D 25 -9.52 2.86 -22.02
CA LYS D 25 -8.51 2.71 -20.97
C LYS D 25 -9.22 2.49 -19.64
N ALA D 26 -10.21 3.36 -19.33
CA ALA D 26 -10.99 3.31 -18.10
C ALA D 26 -11.81 2.06 -18.07
N GLU D 27 -12.61 1.83 -19.16
CA GLU D 27 -13.49 0.66 -19.29
C GLU D 27 -12.72 -0.66 -19.16
N TYR D 28 -11.43 -0.66 -19.51
CA TYR D 28 -10.54 -1.82 -19.35
C TYR D 28 -10.25 -1.98 -17.85
N LEU D 29 -9.66 -0.91 -17.21
CA LEU D 29 -9.31 -0.87 -15.77
C LEU D 29 -10.46 -1.35 -14.92
N LEU D 30 -11.67 -0.80 -15.12
CA LEU D 30 -12.85 -1.24 -14.38
C LEU D 30 -13.19 -2.69 -14.66
N ARG D 31 -13.35 -3.11 -15.96
CA ARG D 31 -13.68 -4.48 -16.35
C ARG D 31 -12.85 -5.51 -15.58
N GLU D 32 -11.53 -5.20 -15.40
CA GLU D 32 -10.53 -5.94 -14.65
C GLU D 32 -10.80 -5.91 -13.16
N TRP D 33 -11.07 -4.71 -12.57
CA TRP D 33 -11.37 -4.60 -11.13
C TRP D 33 -12.57 -5.47 -10.77
N VAL D 34 -13.59 -5.47 -11.65
CA VAL D 34 -14.78 -6.32 -11.54
C VAL D 34 -14.35 -7.80 -11.49
N ASN D 35 -13.32 -8.20 -12.25
CA ASN D 35 -12.83 -9.58 -12.21
C ASN D 35 -11.97 -9.88 -10.98
N LEU D 36 -11.15 -8.88 -10.55
CA LEU D 36 -10.27 -8.93 -9.38
C LEU D 36 -11.05 -8.98 -8.08
N TYR D 37 -12.19 -8.24 -8.03
CA TYR D 37 -13.10 -8.10 -6.88
C TYR D 37 -13.69 -9.45 -6.48
N HIS D 38 -14.22 -10.20 -7.47
CA HIS D 38 -14.83 -11.52 -7.24
C HIS D 38 -13.81 -12.68 -6.99
N SER D 39 -12.52 -12.48 -7.32
CA SER D 39 -11.42 -13.45 -7.14
C SER D 39 -11.18 -13.79 -5.67
N ALA D 40 -10.67 -15.01 -5.38
CA ALA D 40 -10.41 -15.46 -4.00
C ALA D 40 -9.21 -14.78 -3.32
N ALA D 41 -8.19 -14.42 -4.11
CA ALA D 41 -6.97 -13.77 -3.65
C ALA D 41 -7.14 -12.34 -3.08
N ALA D 42 -8.21 -11.60 -3.49
CA ALA D 42 -8.49 -10.19 -3.12
C ALA D 42 -8.38 -9.86 -1.63
N GLY D 43 -8.89 -10.74 -0.77
CA GLY D 43 -8.78 -10.58 0.67
C GLY D 43 -10.03 -10.17 1.43
N ARG D 44 -11.24 -10.48 0.89
CA ARG D 44 -12.56 -10.22 1.48
C ARG D 44 -12.95 -8.75 1.38
N ASP D 45 -12.11 -7.87 1.95
CA ASP D 45 -12.24 -6.41 1.92
C ASP D 45 -11.69 -5.90 0.56
N SER D 46 -10.94 -6.78 -0.16
CA SER D 46 -10.31 -6.61 -1.47
C SER D 46 -9.00 -5.78 -1.43
N THR D 47 -8.39 -5.62 -0.22
CA THR D 47 -7.15 -4.84 0.00
C THR D 47 -5.91 -5.40 -0.73
N LYS D 48 -5.80 -6.73 -0.86
CA LYS D 48 -4.68 -7.35 -1.56
C LYS D 48 -4.73 -6.92 -3.04
N ALA D 49 -5.93 -6.97 -3.64
CA ALA D 49 -6.20 -6.61 -5.04
C ALA D 49 -6.10 -5.13 -5.33
N PHE D 50 -6.46 -4.28 -4.34
CA PHE D 50 -6.51 -2.82 -4.46
C PHE D 50 -5.13 -2.16 -4.58
N SER D 51 -4.15 -2.53 -3.72
CA SER D 51 -2.79 -1.97 -3.74
C SER D 51 -2.12 -2.18 -5.11
N ALA D 52 -2.35 -3.37 -5.68
CA ALA D 52 -1.93 -3.82 -6.99
C ALA D 52 -2.68 -3.04 -8.07
N PHE D 53 -3.93 -2.66 -7.79
CA PHE D 53 -4.79 -1.90 -8.70
C PHE D 53 -4.49 -0.40 -8.74
N VAL D 54 -4.08 0.21 -7.59
CA VAL D 54 -3.72 1.64 -7.49
C VAL D 54 -2.48 1.89 -8.34
N GLY D 55 -1.51 0.98 -8.21
CA GLY D 55 -0.28 1.01 -8.99
C GLY D 55 -0.61 0.99 -10.47
N GLN D 56 -1.46 0.01 -10.89
CA GLN D 56 -1.90 -0.11 -12.28
C GLN D 56 -2.50 1.21 -12.82
N MET D 57 -3.31 1.89 -11.98
CA MET D 57 -3.92 3.20 -12.26
C MET D 57 -2.86 4.30 -12.41
N HIS D 58 -1.70 4.18 -11.70
CA HIS D 58 -0.61 5.17 -11.78
C HIS D 58 0.14 5.05 -13.09
N GLN D 59 0.55 3.81 -13.45
CA GLN D 59 1.29 3.49 -14.69
C GLN D 59 0.45 3.78 -15.95
N GLN D 60 -0.88 3.64 -15.87
CA GLN D 60 -1.81 3.97 -16.95
C GLN D 60 -2.22 5.46 -16.92
N GLY D 61 -1.67 6.20 -15.95
CA GLY D 61 -1.81 7.63 -15.73
C GLY D 61 -3.19 8.23 -15.58
N ILE D 62 -4.17 7.49 -14.99
CA ILE D 62 -5.54 7.99 -14.79
C ILE D 62 -5.63 8.87 -13.54
N LEU D 63 -4.63 8.79 -12.65
CA LEU D 63 -4.60 9.54 -11.40
C LEU D 63 -3.70 10.80 -11.48
N LYS D 64 -3.15 11.09 -12.67
CA LYS D 64 -2.23 12.21 -12.97
C LYS D 64 -2.75 13.59 -12.49
N THR D 65 -3.95 14.00 -12.95
CA THR D 65 -4.56 15.29 -12.60
C THR D 65 -5.94 15.13 -11.97
N ASP D 66 -6.42 16.19 -11.28
CA ASP D 66 -7.75 16.20 -10.64
C ASP D 66 -8.84 15.94 -11.67
N ASP D 67 -8.73 16.59 -12.85
CA ASP D 67 -9.63 16.45 -14.01
C ASP D 67 -9.71 15.00 -14.49
N LEU D 68 -8.57 14.27 -14.47
CA LEU D 68 -8.47 12.86 -14.89
C LEU D 68 -9.14 11.89 -13.90
N ILE D 69 -8.92 12.10 -12.60
CA ILE D 69 -9.55 11.35 -11.52
C ILE D 69 -11.10 11.51 -11.68
N THR D 70 -11.55 12.76 -11.95
CA THR D 70 -12.93 13.14 -12.19
C THR D 70 -13.50 12.38 -13.37
N ARG D 71 -12.82 12.47 -14.54
CA ARG D 71 -13.28 11.83 -15.78
C ARG D 71 -13.36 10.33 -15.66
N PHE D 72 -12.40 9.72 -14.94
CA PHE D 72 -12.32 8.27 -14.69
C PHE D 72 -13.54 7.80 -13.92
N PHE D 73 -13.86 8.50 -12.81
CA PHE D 73 -15.00 8.21 -11.94
C PHE D 73 -16.31 8.31 -12.70
N ARG D 74 -16.43 9.29 -13.64
CA ARG D 74 -17.61 9.49 -14.49
C ARG D 74 -17.74 8.37 -15.51
N LEU D 75 -16.61 8.00 -16.16
CA LEU D 75 -16.57 6.93 -17.13
C LEU D 75 -16.93 5.58 -16.51
N CYS D 76 -16.41 5.31 -15.29
CA CYS D 76 -16.68 4.09 -14.52
C CYS D 76 -18.19 3.94 -14.22
N THR D 77 -18.84 5.06 -13.85
CA THR D 77 -20.27 5.19 -13.53
C THR D 77 -21.08 4.95 -14.79
N GLU D 78 -20.66 5.58 -15.92
CA GLU D 78 -21.31 5.46 -17.22
C GLU D 78 -21.31 3.99 -17.70
N MET D 79 -20.20 3.24 -17.47
CA MET D 79 -20.07 1.82 -17.83
C MET D 79 -21.07 0.94 -17.07
N CYS D 80 -21.15 1.09 -15.74
CA CYS D 80 -22.10 0.33 -14.91
C CYS D 80 -23.57 0.63 -15.30
N VAL D 81 -23.85 1.86 -15.78
CA VAL D 81 -25.18 2.26 -16.23
C VAL D 81 -25.49 1.53 -17.57
N GLU D 82 -24.52 1.48 -18.53
CA GLU D 82 -24.68 0.76 -19.81
C GLU D 82 -24.93 -0.73 -19.52
N ILE D 83 -24.08 -1.35 -18.66
CA ILE D 83 -24.19 -2.74 -18.22
C ILE D 83 -25.62 -3.01 -17.64
N SER D 84 -26.24 -1.99 -17.02
CA SER D 84 -27.60 -2.15 -16.52
C SER D 84 -28.65 -2.04 -17.60
N TYR D 85 -28.45 -1.13 -18.58
CA TYR D 85 -29.43 -0.99 -19.64
C TYR D 85 -29.37 -2.19 -20.53
N ARG D 86 -28.13 -2.72 -20.78
CA ARG D 86 -27.86 -3.94 -21.55
C ARG D 86 -28.45 -5.17 -20.88
N ALA D 87 -28.43 -5.22 -19.52
CA ALA D 87 -29.03 -6.31 -18.75
C ALA D 87 -30.56 -6.24 -18.87
N GLN D 88 -31.18 -5.08 -18.55
CA GLN D 88 -32.63 -4.86 -18.68
C GLN D 88 -33.15 -5.08 -20.13
N ALA D 89 -32.26 -4.96 -21.14
CA ALA D 89 -32.61 -5.17 -22.55
C ALA D 89 -32.77 -6.67 -22.81
N GLU D 90 -31.75 -7.50 -22.48
CA GLU D 90 -31.84 -8.95 -22.67
C GLU D 90 -32.81 -9.62 -21.67
N GLN D 91 -33.63 -8.81 -20.98
CA GLN D 91 -34.66 -9.23 -20.04
C GLN D 91 -36.00 -9.20 -20.77
N GLN D 92 -36.27 -8.10 -21.51
CA GLN D 92 -37.51 -7.92 -22.27
C GLN D 92 -37.40 -8.60 -23.65
N HIS D 93 -36.26 -8.40 -24.35
CA HIS D 93 -35.98 -8.96 -25.67
C HIS D 93 -35.81 -10.50 -25.65
N ASN D 94 -35.87 -11.12 -24.46
CA ASN D 94 -35.82 -12.57 -24.19
C ASN D 94 -36.52 -12.84 -22.83
N PRO D 95 -37.83 -13.23 -22.82
CA PRO D 95 -38.51 -13.48 -21.53
C PRO D 95 -38.08 -14.77 -20.84
N ALA D 96 -37.33 -15.64 -21.57
CA ALA D 96 -36.79 -16.91 -21.09
C ALA D 96 -35.63 -16.70 -20.10
N ALA D 97 -34.93 -15.55 -20.21
CA ALA D 97 -33.82 -15.16 -19.35
C ALA D 97 -34.34 -14.79 -17.94
N ASN D 98 -33.71 -15.39 -16.90
CA ASN D 98 -34.05 -15.25 -15.48
C ASN D 98 -33.80 -13.84 -14.92
N PRO D 99 -34.86 -13.17 -14.36
CA PRO D 99 -34.67 -11.81 -13.82
C PRO D 99 -33.67 -11.70 -12.66
N THR D 100 -33.60 -12.75 -11.82
CA THR D 100 -32.69 -12.86 -10.70
C THR D 100 -31.24 -12.89 -11.22
N MET D 101 -30.98 -13.66 -12.32
CA MET D 101 -29.69 -13.79 -13.00
C MET D 101 -29.26 -12.47 -13.66
N ILE D 102 -30.24 -11.75 -14.24
CA ILE D 102 -30.03 -10.46 -14.90
C ILE D 102 -29.66 -9.44 -13.83
N ARG D 103 -30.46 -9.36 -12.73
CA ARG D 103 -30.20 -8.47 -11.59
C ARG D 103 -28.81 -8.76 -11.02
N ALA D 104 -28.41 -10.06 -10.92
CA ALA D 104 -27.09 -10.49 -10.43
C ALA D 104 -25.92 -9.96 -11.28
N LYS D 105 -26.12 -9.83 -12.59
CA LYS D 105 -25.12 -9.30 -13.51
C LYS D 105 -24.87 -7.82 -13.18
N CYS D 106 -25.94 -7.05 -12.84
CA CYS D 106 -25.85 -5.62 -12.48
C CYS D 106 -25.10 -5.43 -11.19
N TYR D 107 -25.45 -6.22 -10.17
CA TYR D 107 -24.84 -6.13 -8.85
C TYR D 107 -23.35 -6.48 -8.89
N HIS D 108 -22.99 -7.56 -9.62
CA HIS D 108 -21.62 -8.03 -9.82
C HIS D 108 -20.70 -6.85 -10.21
N ASN D 109 -21.16 -6.05 -11.17
CA ASN D 109 -20.43 -4.90 -11.67
C ASN D 109 -20.50 -3.70 -10.73
N LEU D 110 -21.70 -3.38 -10.20
CA LEU D 110 -21.94 -2.24 -9.31
C LEU D 110 -21.20 -2.36 -7.98
N ASP D 111 -21.21 -3.56 -7.38
CA ASP D 111 -20.57 -3.87 -6.09
C ASP D 111 -19.08 -3.64 -6.11
N ALA D 112 -18.42 -4.04 -7.21
CA ALA D 112 -16.99 -3.86 -7.42
C ALA D 112 -16.69 -2.38 -7.57
N PHE D 113 -17.54 -1.65 -8.32
CA PHE D 113 -17.33 -0.21 -8.48
C PHE D 113 -17.48 0.48 -7.13
N VAL D 114 -18.43 0.02 -6.32
CA VAL D 114 -18.61 0.53 -4.95
C VAL D 114 -17.35 0.30 -4.10
N ARG D 115 -16.84 -0.96 -4.07
CA ARG D 115 -15.64 -1.32 -3.31
C ARG D 115 -14.43 -0.45 -3.69
N LEU D 116 -14.30 -0.15 -5.00
CA LEU D 116 -13.23 0.70 -5.51
C LEU D 116 -13.34 2.12 -4.92
N ILE D 117 -14.54 2.73 -4.98
CA ILE D 117 -14.81 4.06 -4.42
C ILE D 117 -14.53 4.03 -2.91
N ALA D 118 -15.20 3.11 -2.18
CA ALA D 118 -15.05 2.96 -0.73
C ALA D 118 -13.57 2.79 -0.33
N LEU D 119 -12.80 1.96 -1.08
CA LEU D 119 -11.38 1.73 -0.80
C LEU D 119 -10.53 2.95 -1.12
N LEU D 120 -10.90 3.73 -2.17
CA LEU D 120 -10.20 4.96 -2.53
C LEU D 120 -10.43 6.01 -1.45
N VAL D 121 -11.70 6.28 -1.11
CA VAL D 121 -12.06 7.23 -0.05
C VAL D 121 -11.37 6.82 1.26
N LYS D 122 -11.45 5.53 1.65
CA LYS D 122 -10.82 5.04 2.86
C LYS D 122 -9.31 5.27 2.84
N HIS D 123 -8.62 4.90 1.73
CA HIS D 123 -7.16 5.04 1.55
C HIS D 123 -6.67 6.48 1.66
N SER D 124 -7.38 7.44 1.03
CA SER D 124 -7.09 8.89 1.06
C SER D 124 -7.25 9.47 2.48
N GLY D 125 -8.19 8.91 3.26
CA GLY D 125 -8.46 9.28 4.64
C GLY D 125 -7.38 8.79 5.58
N GLU D 126 -6.77 7.63 5.25
CA GLU D 126 -5.67 7.00 6.01
C GLU D 126 -4.35 7.74 5.72
N ALA D 127 -3.97 7.82 4.41
CA ALA D 127 -2.75 8.44 3.90
C ALA D 127 -2.58 9.92 4.25
N THR D 128 -3.66 10.72 4.14
CA THR D 128 -3.56 12.15 4.47
C THR D 128 -4.47 12.50 5.68
N ASN D 129 -5.67 13.06 5.44
CA ASN D 129 -6.59 13.51 6.49
C ASN D 129 -8.08 13.29 6.17
N THR D 130 -8.98 13.59 7.14
CA THR D 130 -10.44 13.43 6.99
C THR D 130 -11.05 14.47 6.03
N VAL D 131 -10.37 15.62 5.80
CA VAL D 131 -10.85 16.67 4.90
C VAL D 131 -10.62 16.24 3.43
N THR D 132 -9.44 15.68 3.05
CA THR D 132 -9.21 15.19 1.68
C THR D 132 -10.14 14.01 1.40
N LYS D 133 -10.28 13.10 2.41
CA LYS D 133 -11.17 11.92 2.39
C LYS D 133 -12.60 12.37 2.06
N ILE D 134 -13.10 13.38 2.81
CA ILE D 134 -14.44 13.93 2.66
C ILE D 134 -14.58 14.65 1.32
N ASN D 135 -13.61 15.50 0.95
CA ASN D 135 -13.63 16.19 -0.34
C ASN D 135 -13.71 15.19 -1.50
N LEU D 136 -12.98 14.06 -1.40
CA LEU D 136 -13.02 13.01 -2.41
C LEU D 136 -14.37 12.32 -2.40
N LEU D 137 -14.95 12.10 -1.21
CA LEU D 137 -16.27 11.47 -1.12
C LEU D 137 -17.30 12.31 -1.89
N ASN D 138 -17.30 13.63 -1.63
CA ASN D 138 -18.20 14.59 -2.26
C ASN D 138 -17.98 14.69 -3.77
N LYS D 139 -16.73 14.54 -4.20
CA LYS D 139 -16.34 14.57 -5.60
C LYS D 139 -17.01 13.40 -6.35
N VAL D 140 -16.96 12.19 -5.78
CA VAL D 140 -17.53 10.98 -6.38
C VAL D 140 -19.07 11.04 -6.41
N LEU D 141 -19.69 11.50 -5.32
CA LEU D 141 -21.15 11.64 -5.23
C LEU D 141 -21.63 12.66 -6.26
N GLY D 142 -20.90 13.79 -6.33
CA GLY D 142 -21.19 14.86 -7.27
C GLY D 142 -21.20 14.40 -8.71
N ILE D 143 -20.22 13.50 -9.04
CA ILE D 143 -20.02 12.86 -10.34
C ILE D 143 -21.18 11.92 -10.65
N VAL D 144 -21.57 11.06 -9.64
CA VAL D 144 -22.67 10.11 -9.77
C VAL D 144 -23.99 10.85 -9.99
N VAL D 145 -24.27 11.87 -9.14
CA VAL D 145 -25.47 12.73 -9.27
C VAL D 145 -25.54 13.28 -10.70
N GLY D 146 -24.38 13.73 -11.20
CA GLY D 146 -24.21 14.28 -12.54
C GLY D 146 -24.55 13.31 -13.63
N VAL D 147 -24.08 12.05 -13.50
CA VAL D 147 -24.36 11.00 -14.47
C VAL D 147 -25.86 10.75 -14.41
N LEU D 148 -26.40 10.63 -13.17
CA LEU D 148 -27.82 10.38 -12.89
C LEU D 148 -28.70 11.39 -13.61
N LEU D 149 -28.49 12.68 -13.34
CA LEU D 149 -29.36 13.69 -13.91
C LEU D 149 -29.29 13.73 -15.42
N GLN D 150 -28.12 13.42 -16.03
CA GLN D 150 -27.94 13.41 -17.50
C GLN D 150 -28.80 12.30 -18.11
N ASP D 151 -28.63 11.04 -17.58
CA ASP D 151 -29.35 9.82 -17.95
C ASP D 151 -30.85 10.06 -17.81
N HIS D 152 -31.26 10.47 -16.61
CA HIS D 152 -32.62 10.83 -16.28
C HIS D 152 -33.22 11.77 -17.34
N ASP D 153 -32.53 12.86 -17.67
CA ASP D 153 -32.98 13.86 -18.63
C ASP D 153 -32.96 13.38 -20.08
N VAL D 154 -32.01 12.49 -20.46
CA VAL D 154 -31.95 12.02 -21.85
C VAL D 154 -32.87 10.80 -22.06
N ARG D 155 -32.69 9.71 -21.26
CA ARG D 155 -33.46 8.43 -21.32
C ARG D 155 -34.95 8.60 -20.96
N GLN D 156 -35.26 9.57 -20.09
CA GLN D 156 -36.61 9.95 -19.71
C GLN D 156 -37.44 8.77 -19.18
N SER D 157 -38.57 8.44 -19.83
CA SER D 157 -39.48 7.32 -19.51
C SER D 157 -38.76 5.95 -19.50
N GLU D 158 -37.55 5.87 -20.03
CA GLU D 158 -36.77 4.64 -20.05
C GLU D 158 -35.69 4.65 -18.96
N PHE D 159 -35.56 5.79 -18.19
CA PHE D 159 -34.58 5.95 -17.10
C PHE D 159 -34.66 4.80 -16.13
N GLN D 160 -33.50 4.31 -15.70
CA GLN D 160 -33.37 3.14 -14.83
C GLN D 160 -32.65 3.53 -13.52
N GLN D 161 -33.35 3.43 -12.38
CA GLN D 161 -32.78 3.86 -11.10
C GLN D 161 -31.77 2.88 -10.43
N LEU D 162 -31.84 1.58 -10.76
CA LEU D 162 -31.05 0.53 -10.11
C LEU D 162 -29.53 0.86 -9.98
N PRO D 163 -28.76 1.30 -11.04
CA PRO D 163 -27.33 1.55 -10.81
C PRO D 163 -27.02 2.54 -9.67
N TYR D 164 -27.70 3.69 -9.65
CA TYR D 164 -27.49 4.75 -8.68
C TYR D 164 -27.94 4.34 -7.29
N HIS D 165 -29.13 3.77 -7.20
CA HIS D 165 -29.67 3.29 -5.95
C HIS D 165 -28.73 2.26 -5.35
N ARG D 166 -28.24 1.25 -6.14
CA ARG D 166 -27.30 0.28 -5.58
C ARG D 166 -26.00 0.95 -5.18
N ILE D 167 -25.45 1.86 -6.04
CA ILE D 167 -24.22 2.60 -5.70
C ILE D 167 -24.36 3.35 -4.36
N PHE D 168 -25.38 4.20 -4.24
CA PHE D 168 -25.55 5.03 -3.06
C PHE D 168 -25.70 4.23 -1.75
N ILE D 169 -26.55 3.17 -1.73
CA ILE D 169 -26.74 2.45 -0.47
C ILE D 169 -25.51 1.62 -0.09
N MET D 170 -24.93 0.91 -1.07
CA MET D 170 -23.77 0.09 -0.82
C MET D 170 -22.59 0.92 -0.34
N LEU D 171 -22.41 2.12 -0.92
CA LEU D 171 -21.35 3.03 -0.52
C LEU D 171 -21.59 3.52 0.89
N LEU D 172 -22.85 3.94 1.19
CA LEU D 172 -23.25 4.38 2.54
C LEU D 172 -22.93 3.28 3.53
N LEU D 173 -23.36 2.05 3.27
CA LEU D 173 -23.10 0.94 4.17
C LEU D 173 -21.62 0.59 4.31
N GLU D 174 -20.83 0.72 3.22
CA GLU D 174 -19.39 0.45 3.18
C GLU D 174 -18.57 1.45 3.97
N LEU D 175 -19.02 2.70 3.99
CA LEU D 175 -18.32 3.78 4.66
C LEU D 175 -18.64 3.91 6.14
N ASN D 176 -19.87 3.59 6.54
CA ASN D 176 -20.38 3.66 7.92
C ASN D 176 -19.52 2.90 8.94
N ALA D 177 -19.17 1.62 8.66
CA ALA D 177 -18.36 0.85 9.59
C ALA D 177 -17.16 0.18 8.94
N LEU D 182 -13.91 7.68 14.37
CA LEU D 182 -14.76 8.27 15.40
C LEU D 182 -16.17 8.62 14.88
N GLU D 183 -17.10 8.91 15.82
CA GLU D 183 -18.52 9.28 15.60
C GLU D 183 -18.63 10.64 14.87
N THR D 184 -17.79 11.62 15.30
CA THR D 184 -17.67 12.98 14.77
C THR D 184 -17.28 12.92 13.27
N ILE D 185 -16.35 11.99 12.90
CA ILE D 185 -15.87 11.70 11.53
C ILE D 185 -17.02 11.13 10.63
N ASN D 186 -17.93 10.36 11.26
CA ASN D 186 -19.10 9.76 10.58
C ASN D 186 -20.14 10.82 10.25
N PHE D 187 -20.21 11.91 11.04
CA PHE D 187 -21.15 12.98 10.74
C PHE D 187 -20.80 13.68 9.43
N GLN D 188 -19.49 13.81 9.13
CA GLN D 188 -19.01 14.43 7.90
C GLN D 188 -19.44 13.62 6.67
N THR D 189 -19.50 12.27 6.82
CA THR D 189 -19.95 11.32 5.80
C THR D 189 -21.49 11.32 5.66
N LEU D 190 -22.24 11.43 6.78
CA LEU D 190 -23.72 11.48 6.71
C LEU D 190 -24.17 12.71 5.95
N THR D 191 -23.52 13.85 6.25
CA THR D 191 -23.71 15.17 5.65
C THR D 191 -23.52 15.08 4.16
N ALA D 192 -22.48 14.37 3.72
CA ALA D 192 -22.21 14.19 2.30
C ALA D 192 -23.40 13.51 1.60
N PHE D 193 -23.92 12.44 2.22
CA PHE D 193 -25.03 11.65 1.68
C PHE D 193 -26.33 12.45 1.69
N CYS D 194 -26.60 13.19 2.79
CA CYS D 194 -27.72 14.10 2.94
C CYS D 194 -27.74 15.16 1.86
N ASN D 195 -26.59 15.78 1.56
CA ASN D 195 -26.51 16.81 0.52
C ASN D 195 -26.91 16.19 -0.81
N THR D 196 -26.32 15.02 -1.17
CA THR D 196 -26.64 14.29 -2.39
C THR D 196 -28.16 13.95 -2.46
N PHE D 197 -28.72 13.33 -1.39
CA PHE D 197 -30.14 13.02 -1.30
C PHE D 197 -31.01 14.26 -1.52
N HIS D 198 -30.62 15.41 -0.95
CA HIS D 198 -31.33 16.68 -1.18
C HIS D 198 -31.20 17.11 -2.66
N ILE D 199 -30.00 16.92 -3.25
CA ILE D 199 -29.75 17.26 -4.67
C ILE D 199 -30.64 16.37 -5.59
N LEU D 200 -30.94 15.14 -5.13
CA LEU D 200 -31.75 14.16 -5.87
C LEU D 200 -33.18 14.09 -5.34
N ARG D 201 -33.65 15.17 -4.65
CA ARG D 201 -35.02 15.21 -4.13
C ARG D 201 -36.04 15.04 -5.32
N PRO D 202 -37.24 14.42 -5.15
CA PRO D 202 -38.09 14.12 -6.30
C PRO D 202 -38.57 15.29 -7.18
N THR D 203 -38.44 16.54 -6.75
CA THR D 203 -38.79 17.64 -7.65
C THR D 203 -37.68 17.86 -8.67
N LYS D 204 -36.48 17.30 -8.38
CA LYS D 204 -35.30 17.38 -9.25
C LYS D 204 -35.09 16.08 -10.08
N ALA D 205 -35.21 14.91 -9.41
CA ALA D 205 -35.14 13.61 -10.04
C ALA D 205 -36.46 12.86 -9.74
N PRO D 206 -37.58 13.17 -10.44
CA PRO D 206 -38.85 12.47 -10.14
C PRO D 206 -38.84 10.98 -10.49
N GLY D 207 -38.07 10.61 -11.51
CA GLY D 207 -37.95 9.22 -11.93
C GLY D 207 -37.13 8.38 -10.97
N PHE D 208 -36.54 9.01 -9.90
CA PHE D 208 -35.67 8.36 -8.91
C PHE D 208 -36.32 8.24 -7.55
N VAL D 209 -37.53 8.80 -7.43
CA VAL D 209 -38.34 8.92 -6.21
C VAL D 209 -38.47 7.62 -5.37
N TYR D 210 -38.69 6.44 -5.99
CA TYR D 210 -38.85 5.22 -5.19
C TYR D 210 -37.57 4.73 -4.55
N ALA D 211 -36.47 4.85 -5.28
CA ALA D 211 -35.12 4.52 -4.86
C ALA D 211 -34.72 5.53 -3.82
N TRP D 212 -35.15 6.80 -4.03
CA TRP D 212 -34.88 7.93 -3.14
C TRP D 212 -35.49 7.71 -1.77
N LEU D 213 -36.81 7.36 -1.74
CA LEU D 213 -37.51 7.09 -0.48
C LEU D 213 -36.91 5.86 0.23
N GLU D 214 -36.42 4.88 -0.54
CA GLU D 214 -35.76 3.68 -0.03
C GLU D 214 -34.42 4.03 0.61
N LEU D 215 -33.77 5.14 0.14
CA LEU D 215 -32.48 5.65 0.63
C LEU D 215 -32.62 6.47 1.94
N ILE D 216 -33.46 7.56 1.95
CA ILE D 216 -33.69 8.41 3.11
C ILE D 216 -34.35 7.64 4.24
N SER D 217 -35.09 6.54 3.93
CA SER D 217 -35.78 5.78 4.96
C SER D 217 -35.10 4.46 5.31
N HIS D 218 -33.91 4.20 4.73
CA HIS D 218 -33.14 2.98 5.01
C HIS D 218 -32.89 2.87 6.50
N ARG D 219 -33.05 1.66 7.05
CA ARG D 219 -32.87 1.37 8.49
C ARG D 219 -31.50 1.83 9.02
N ILE D 220 -30.42 1.81 8.20
CA ILE D 220 -29.10 2.30 8.66
C ILE D 220 -29.07 3.83 8.61
N PHE D 221 -29.61 4.43 7.54
CA PHE D 221 -29.70 5.87 7.38
C PHE D 221 -30.53 6.51 8.51
N ILE D 222 -31.78 6.02 8.75
CA ILE D 222 -32.63 6.53 9.83
C ILE D 222 -31.87 6.50 11.16
N ALA D 223 -31.23 5.33 11.48
CA ALA D 223 -30.44 5.04 12.69
C ALA D 223 -29.34 6.05 12.94
N ARG D 224 -28.39 6.16 11.99
CA ARG D 224 -27.29 7.10 12.09
C ARG D 224 -27.78 8.54 12.16
N MET D 225 -28.70 8.92 11.27
CA MET D 225 -29.24 10.28 11.20
C MET D 225 -29.99 10.74 12.45
N LEU D 226 -30.96 9.95 12.92
CA LEU D 226 -31.80 10.36 14.04
C LEU D 226 -31.40 9.84 15.41
N ALA D 227 -30.93 8.59 15.49
CA ALA D 227 -30.59 8.02 16.79
C ALA D 227 -29.13 8.19 17.21
N HIS D 228 -28.17 7.82 16.34
CA HIS D 228 -26.75 7.79 16.66
C HIS D 228 -25.92 9.03 16.33
N THR D 229 -26.54 10.14 15.92
CA THR D 229 -25.77 11.36 15.75
C THR D 229 -25.90 12.16 17.07
N PRO D 230 -24.78 12.57 17.70
CA PRO D 230 -24.88 13.23 19.01
C PRO D 230 -25.30 14.68 18.95
N GLN D 231 -25.90 15.17 20.08
CA GLN D 231 -26.44 16.53 20.27
C GLN D 231 -27.58 16.82 19.28
N GLN D 232 -28.05 15.76 18.58
CA GLN D 232 -29.12 15.67 17.57
C GLN D 232 -28.91 16.62 16.39
N LYS D 233 -27.65 16.71 15.90
CA LYS D 233 -27.25 17.56 14.79
C LYS D 233 -27.82 17.07 13.47
N GLY D 234 -28.13 15.79 13.41
CA GLY D 234 -28.70 15.16 12.23
C GLY D 234 -30.17 15.44 12.04
N TRP D 235 -30.86 15.85 13.11
CA TRP D 235 -32.30 16.14 13.08
C TRP D 235 -32.70 17.23 12.07
N PRO D 236 -32.08 18.44 12.03
CA PRO D 236 -32.51 19.43 11.03
C PRO D 236 -32.30 19.02 9.58
N MET D 237 -31.27 18.21 9.29
CA MET D 237 -31.00 17.70 7.93
C MET D 237 -32.05 16.68 7.50
N TYR D 238 -32.39 15.71 8.38
CA TYR D 238 -33.43 14.74 8.11
C TYR D 238 -34.77 15.42 7.82
N ALA D 239 -35.13 16.43 8.65
CA ALA D 239 -36.36 17.22 8.49
C ALA D 239 -36.40 17.88 7.11
N GLN D 240 -35.25 18.37 6.59
CA GLN D 240 -35.20 18.95 5.26
C GLN D 240 -35.62 17.93 4.20
N LEU D 241 -35.13 16.68 4.32
CA LEU D 241 -35.43 15.62 3.36
C LEU D 241 -36.93 15.31 3.40
N LEU D 242 -37.53 15.24 4.61
CA LEU D 242 -38.98 15.03 4.74
C LEU D 242 -39.78 16.19 4.12
N ILE D 243 -39.37 17.45 4.36
CA ILE D 243 -39.99 18.60 3.73
C ILE D 243 -39.86 18.50 2.19
N ASP D 244 -38.73 18.03 1.64
CA ASP D 244 -38.54 17.83 0.19
C ASP D 244 -39.56 16.84 -0.38
N LEU D 245 -39.88 15.80 0.40
CA LEU D 245 -40.86 14.75 0.07
C LEU D 245 -42.25 15.32 0.07
N PHE D 246 -42.65 15.99 1.20
CA PHE D 246 -43.97 16.63 1.33
C PHE D 246 -44.16 17.72 0.28
N LYS D 247 -43.14 18.56 0.04
CA LYS D 247 -43.18 19.61 -0.98
C LYS D 247 -43.50 18.96 -2.33
N TYR D 248 -42.90 17.77 -2.63
CA TYR D 248 -43.08 17.03 -3.89
C TYR D 248 -44.49 16.48 -4.07
N LEU D 249 -45.03 15.88 -3.00
CA LEU D 249 -46.34 15.24 -3.00
C LEU D 249 -47.50 16.25 -3.03
N ALA D 250 -47.30 17.43 -2.40
CA ALA D 250 -48.30 18.46 -2.18
C ALA D 250 -49.21 18.77 -3.41
N PRO D 251 -48.72 19.13 -4.63
CA PRO D 251 -49.66 19.36 -5.75
C PRO D 251 -50.55 18.18 -6.11
N PHE D 252 -50.04 16.97 -5.92
CA PHE D 252 -50.75 15.74 -6.27
C PHE D 252 -51.84 15.45 -5.25
N LEU D 253 -51.48 15.60 -3.96
CA LEU D 253 -52.37 15.43 -2.82
C LEU D 253 -53.47 16.48 -2.83
N ARG D 254 -53.09 17.74 -3.05
CA ARG D 254 -53.97 18.90 -3.16
C ARG D 254 -55.05 18.67 -4.26
N ASN D 255 -54.68 18.01 -5.39
CA ASN D 255 -55.59 17.77 -6.51
C ASN D 255 -56.37 16.46 -6.40
N VAL D 256 -56.90 16.16 -5.20
CA VAL D 256 -57.72 14.97 -4.87
C VAL D 256 -57.16 13.69 -5.54
N GLU D 257 -57.58 13.35 -6.79
CA GLU D 257 -57.18 12.14 -7.53
C GLU D 257 -55.66 11.93 -7.59
N LEU D 258 -55.26 10.67 -7.29
CA LEU D 258 -53.87 10.19 -7.17
C LEU D 258 -53.72 8.96 -8.04
N THR D 259 -52.63 8.87 -8.81
CA THR D 259 -52.42 7.75 -9.71
C THR D 259 -51.98 6.54 -8.89
N LYS D 260 -52.08 5.30 -9.45
CA LYS D 260 -51.65 4.13 -8.69
C LYS D 260 -50.21 4.36 -8.22
N PRO D 261 -49.25 4.76 -9.13
CA PRO D 261 -47.87 5.04 -8.67
C PRO D 261 -47.78 6.02 -7.51
N MET D 262 -48.64 7.04 -7.53
CA MET D 262 -48.72 8.03 -6.47
C MET D 262 -49.22 7.49 -5.16
N GLN D 263 -50.20 6.55 -5.19
CA GLN D 263 -50.77 5.88 -4.00
C GLN D 263 -49.72 5.01 -3.33
N ILE D 264 -48.85 4.37 -4.13
CA ILE D 264 -47.75 3.55 -3.63
C ILE D 264 -46.74 4.44 -2.88
N LEU D 265 -46.44 5.62 -3.41
CA LEU D 265 -45.53 6.57 -2.81
C LEU D 265 -46.16 7.15 -1.56
N TYR D 266 -47.51 7.39 -1.60
CA TYR D 266 -48.22 7.95 -0.46
C TYR D 266 -48.22 6.98 0.70
N LYS D 267 -48.57 5.70 0.45
CA LYS D 267 -48.56 4.68 1.49
C LYS D 267 -47.15 4.44 2.00
N GLY D 268 -46.15 4.58 1.13
CA GLY D 268 -44.74 4.45 1.48
C GLY D 268 -44.34 5.47 2.51
N THR D 269 -44.74 6.74 2.25
CA THR D 269 -44.60 7.92 3.12
C THR D 269 -45.30 7.63 4.47
N LEU D 270 -46.50 7.01 4.44
CA LEU D 270 -47.22 6.64 5.67
C LEU D 270 -46.42 5.68 6.54
N ARG D 271 -45.83 4.61 5.93
CA ARG D 271 -45.00 3.64 6.63
C ARG D 271 -43.82 4.30 7.34
N VAL D 272 -43.06 5.16 6.59
CA VAL D 272 -41.89 5.91 7.07
C VAL D 272 -42.28 6.76 8.26
N LEU D 273 -43.36 7.54 8.09
CA LEU D 273 -43.84 8.41 9.15
C LEU D 273 -44.32 7.65 10.37
N LEU D 274 -45.02 6.52 10.17
CA LEU D 274 -45.47 5.66 11.24
C LEU D 274 -44.28 5.15 12.06
N VAL D 275 -43.12 4.94 11.42
CA VAL D 275 -41.90 4.47 12.07
C VAL D 275 -41.31 5.61 12.88
N LEU D 276 -41.23 6.81 12.28
CA LEU D 276 -40.74 8.02 12.96
C LEU D 276 -41.64 8.35 14.19
N LEU D 277 -42.97 8.25 14.05
CA LEU D 277 -43.93 8.49 15.13
C LEU D 277 -43.73 7.52 16.33
N HIS D 278 -43.43 6.25 16.04
CA HIS D 278 -43.20 5.20 17.02
C HIS D 278 -41.82 5.35 17.65
N ASP D 279 -40.75 5.43 16.86
CA ASP D 279 -39.38 5.43 17.34
C ASP D 279 -38.82 6.79 17.74
N PHE D 280 -39.18 7.85 17.02
CA PHE D 280 -38.68 9.22 17.27
C PHE D 280 -39.83 10.23 17.39
N PRO D 281 -40.73 10.09 18.40
CA PRO D 281 -41.87 11.02 18.51
C PRO D 281 -41.47 12.48 18.71
N GLU D 282 -40.42 12.73 19.53
CA GLU D 282 -39.87 14.06 19.80
C GLU D 282 -39.39 14.72 18.50
N PHE D 283 -38.93 13.91 17.52
CA PHE D 283 -38.46 14.45 16.25
C PHE D 283 -39.61 15.11 15.49
N LEU D 284 -40.74 14.38 15.33
CA LEU D 284 -41.94 14.84 14.65
C LEU D 284 -42.58 16.00 15.37
N CYS D 285 -42.51 15.95 16.69
CA CYS D 285 -43.00 16.92 17.66
C CYS D 285 -42.33 18.30 17.44
N ASP D 286 -41.00 18.32 17.39
CA ASP D 286 -40.16 19.48 17.20
C ASP D 286 -40.28 20.16 15.82
N TYR D 287 -40.56 19.37 14.74
CA TYR D 287 -40.64 19.87 13.38
C TYR D 287 -42.05 19.85 12.81
N HIS D 288 -43.06 19.83 13.68
CA HIS D 288 -44.46 19.80 13.24
C HIS D 288 -44.90 21.05 12.46
N TYR D 289 -44.45 22.27 12.90
CA TYR D 289 -44.79 23.50 12.19
C TYR D 289 -44.23 23.45 10.75
N GLY D 290 -42.98 23.00 10.62
CA GLY D 290 -42.27 22.88 9.35
C GLY D 290 -42.98 22.02 8.35
N PHE D 291 -43.40 20.82 8.80
CA PHE D 291 -44.08 19.83 8.00
C PHE D 291 -45.50 20.31 7.67
N CYS D 292 -46.15 20.97 8.65
CA CYS D 292 -47.49 21.47 8.50
C CYS D 292 -47.62 22.55 7.46
N ASP D 293 -46.54 23.33 7.28
CA ASP D 293 -46.53 24.40 6.30
C ASP D 293 -46.47 23.87 4.86
N VAL D 294 -46.06 22.60 4.68
CA VAL D 294 -45.92 22.03 3.35
C VAL D 294 -46.98 20.96 3.03
N ILE D 295 -47.65 20.37 4.03
CA ILE D 295 -48.72 19.39 3.81
C ILE D 295 -50.07 20.10 3.51
N PRO D 296 -50.72 19.75 2.37
CA PRO D 296 -52.01 20.38 2.03
C PRO D 296 -53.09 20.11 3.08
N PRO D 297 -54.02 21.08 3.34
CA PRO D 297 -55.02 20.92 4.42
C PRO D 297 -55.99 19.73 4.36
N ASN D 298 -56.16 19.12 3.19
CA ASN D 298 -57.04 17.98 2.92
C ASN D 298 -56.44 16.65 3.41
N CYS D 299 -55.11 16.63 3.70
CA CYS D 299 -54.41 15.42 4.12
C CYS D 299 -54.53 15.29 5.62
N ILE D 300 -55.75 14.95 6.04
CA ILE D 300 -56.12 14.81 7.44
C ILE D 300 -55.18 13.82 8.16
N GLN D 301 -55.20 12.52 7.78
CA GLN D 301 -54.39 11.45 8.38
C GLN D 301 -52.89 11.72 8.32
N LEU D 302 -52.34 12.09 7.16
CA LEU D 302 -50.91 12.41 7.07
C LEU D 302 -50.51 13.41 8.16
N ARG D 303 -51.19 14.57 8.23
CA ARG D 303 -50.97 15.68 9.18
C ARG D 303 -51.25 15.24 10.63
N ASN D 304 -52.26 14.37 10.83
CA ASN D 304 -52.62 13.86 12.15
C ASN D 304 -51.51 13.04 12.75
N LEU D 305 -50.67 12.37 11.93
CA LEU D 305 -49.51 11.59 12.39
C LEU D 305 -48.51 12.53 13.04
N ILE D 306 -48.14 13.64 12.32
CA ILE D 306 -47.23 14.67 12.82
C ILE D 306 -47.84 15.38 14.09
N LEU D 307 -49.13 15.70 14.03
CA LEU D 307 -49.78 16.35 15.16
C LEU D 307 -50.05 15.43 16.37
N SER D 308 -49.91 14.09 16.20
CA SER D 308 -50.08 13.16 17.31
C SER D 308 -48.75 12.92 18.08
N ALA D 309 -47.59 13.26 17.43
CA ALA D 309 -46.27 13.09 18.04
C ALA D 309 -46.16 13.89 19.32
N PHE D 310 -45.77 13.25 20.41
CA PHE D 310 -45.62 13.87 21.73
C PHE D 310 -44.40 13.25 22.46
N PRO D 311 -43.71 13.98 23.39
CA PRO D 311 -42.59 13.37 24.14
C PRO D 311 -42.90 12.04 24.84
N ARG D 312 -42.08 11.01 24.59
CA ARG D 312 -42.16 9.64 25.10
C ARG D 312 -42.72 9.48 26.54
N ASN D 313 -41.97 9.95 27.54
CA ASN D 313 -42.36 9.85 28.94
C ASN D 313 -43.22 11.03 29.35
N MET D 314 -44.49 10.95 28.97
CA MET D 314 -45.49 11.95 29.25
C MET D 314 -46.81 11.22 29.26
N ARG D 315 -47.57 11.32 30.37
CA ARG D 315 -48.85 10.64 30.48
C ARG D 315 -49.96 11.57 30.04
N LEU D 316 -50.68 11.18 28.98
CA LEU D 316 -51.78 12.00 28.52
C LEU D 316 -53.04 11.50 29.19
N PRO D 317 -53.79 12.37 29.90
CA PRO D 317 -55.05 11.91 30.52
C PRO D 317 -55.97 11.36 29.43
N ASP D 318 -56.80 10.35 29.74
CA ASP D 318 -57.68 9.84 28.69
C ASP D 318 -58.68 10.93 28.32
N PRO D 319 -58.79 11.33 27.02
CA PRO D 319 -59.76 12.37 26.65
C PRO D 319 -61.21 12.04 27.03
N PHE D 320 -61.54 10.74 27.15
CA PHE D 320 -62.89 10.26 27.49
C PHE D 320 -63.18 10.16 29.00
N THR D 321 -62.19 10.44 29.88
CA THR D 321 -62.45 10.40 31.32
C THR D 321 -63.55 11.39 31.70
N PRO D 322 -64.62 10.88 32.37
CA PRO D 322 -65.74 11.77 32.75
C PRO D 322 -65.28 12.82 33.77
N ASN D 323 -65.82 14.03 33.67
CA ASN D 323 -65.50 15.16 34.56
C ASN D 323 -63.98 15.43 34.61
N LEU D 324 -63.34 15.53 33.43
CA LEU D 324 -61.92 15.79 33.33
C LEU D 324 -61.71 17.29 33.34
N LYS D 325 -61.20 17.83 34.46
CA LYS D 325 -60.91 19.26 34.52
C LYS D 325 -59.52 19.43 33.91
N VAL D 326 -59.48 20.04 32.73
CA VAL D 326 -58.26 20.24 31.95
C VAL D 326 -57.48 21.42 32.53
N ASP D 327 -58.21 22.43 33.04
CA ASP D 327 -57.68 23.64 33.65
C ASP D 327 -56.75 23.40 34.86
N MET D 328 -56.60 22.14 35.31
CA MET D 328 -55.77 21.83 36.46
C MET D 328 -54.51 20.98 36.14
N LEU D 329 -54.30 20.58 34.88
CA LEU D 329 -53.12 19.80 34.48
C LEU D 329 -51.94 20.74 34.43
N SER D 330 -50.93 20.48 35.27
CA SER D 330 -49.73 21.32 35.42
C SER D 330 -49.03 21.68 34.09
N GLU D 331 -49.24 20.86 33.02
CA GLU D 331 -48.67 21.05 31.67
C GLU D 331 -49.24 22.25 30.90
N ILE D 332 -50.45 22.70 31.24
CA ILE D 332 -51.16 23.87 30.64
C ILE D 332 -50.32 25.18 30.69
N ASN D 333 -49.24 25.23 31.49
CA ASN D 333 -48.38 26.42 31.60
C ASN D 333 -46.99 26.23 30.95
N ILE D 334 -46.74 25.08 30.29
CA ILE D 334 -45.46 24.85 29.64
C ILE D 334 -45.61 24.87 28.12
N ALA D 335 -44.86 25.75 27.46
CA ALA D 335 -44.88 25.90 26.00
C ALA D 335 -44.08 24.77 25.32
N PRO D 336 -44.56 24.26 24.17
CA PRO D 336 -43.79 23.21 23.47
C PRO D 336 -42.56 23.78 22.76
N ARG D 337 -41.65 22.91 22.31
CA ARG D 337 -40.49 23.35 21.53
C ARG D 337 -40.93 23.52 20.06
N ILE D 338 -40.54 24.66 19.43
CA ILE D 338 -40.78 24.89 17.99
C ILE D 338 -39.43 25.25 17.33
N LEU D 339 -38.91 24.27 16.57
CA LEU D 339 -37.61 24.34 15.89
C LEU D 339 -37.68 24.96 14.48
N THR D 340 -38.87 25.40 14.06
CA THR D 340 -39.10 26.02 12.76
C THR D 340 -39.39 27.50 13.06
N ASN D 341 -38.45 28.41 12.74
CA ASN D 341 -38.64 29.85 13.00
C ASN D 341 -39.72 30.44 12.07
N PHE D 342 -40.98 30.32 12.53
CA PHE D 342 -42.21 30.71 11.84
C PHE D 342 -42.35 32.21 11.55
N THR D 343 -41.78 33.04 12.41
CA THR D 343 -41.84 34.52 12.32
C THR D 343 -41.29 35.12 11.01
N GLY D 344 -40.38 34.38 10.35
CA GLY D 344 -39.71 34.81 9.13
C GLY D 344 -40.57 35.01 7.91
N VAL D 345 -41.65 34.22 7.80
CA VAL D 345 -42.57 34.27 6.65
C VAL D 345 -43.21 35.67 6.53
N MET D 346 -43.28 36.40 7.67
CA MET D 346 -43.90 37.71 7.74
C MET D 346 -43.08 38.79 7.07
N PRO D 347 -43.71 39.56 6.15
CA PRO D 347 -43.02 40.71 5.56
C PRO D 347 -42.68 41.71 6.68
N PRO D 348 -41.39 42.16 6.81
CA PRO D 348 -40.99 43.01 7.95
C PRO D 348 -41.92 44.15 8.37
N GLN D 349 -42.62 44.80 7.42
CA GLN D 349 -43.54 45.90 7.74
C GLN D 349 -44.79 45.36 8.41
N PHE D 350 -45.32 44.24 7.90
CA PHE D 350 -46.50 43.54 8.42
C PHE D 350 -46.31 43.16 9.89
N LYS D 351 -45.15 42.54 10.24
CA LYS D 351 -44.81 42.15 11.61
C LYS D 351 -44.73 43.36 12.53
N LYS D 352 -44.18 44.48 12.03
CA LYS D 352 -44.04 45.75 12.75
C LYS D 352 -45.44 46.33 13.05
N ASP D 353 -46.32 46.34 12.01
CA ASP D 353 -47.71 46.84 12.11
C ASP D 353 -48.53 45.96 13.05
N LEU D 354 -48.26 44.63 13.04
CA LEU D 354 -48.90 43.64 13.90
C LEU D 354 -48.48 43.88 15.35
N ASP D 355 -47.16 44.09 15.61
CA ASP D 355 -46.63 44.36 16.95
C ASP D 355 -47.15 45.67 17.51
N SER D 356 -47.30 46.70 16.65
CA SER D 356 -47.85 48.00 16.96
C SER D 356 -49.31 47.83 17.41
N TYR D 357 -50.10 46.99 16.69
CA TYR D 357 -51.50 46.72 17.06
C TYR D 357 -51.60 45.96 18.39
N LEU D 358 -50.81 44.88 18.54
CA LEU D 358 -50.81 44.05 19.76
C LEU D 358 -50.53 44.82 21.05
N LYS D 359 -49.66 45.84 20.98
CA LYS D 359 -49.33 46.59 22.18
C LYS D 359 -50.14 47.90 22.35
N THR D 360 -50.86 48.37 21.30
CA THR D 360 -51.59 49.65 21.38
C THR D 360 -53.06 49.64 20.95
N ARG D 361 -53.45 48.67 20.11
CA ARG D 361 -54.78 48.56 19.49
C ARG D 361 -54.89 49.65 18.38
N SER D 362 -53.72 50.03 17.80
CA SER D 362 -53.56 51.05 16.74
C SER D 362 -52.50 50.62 15.72
N PRO D 363 -52.71 50.84 14.40
CA PRO D 363 -53.91 51.44 13.77
C PRO D 363 -55.12 50.50 13.76
N VAL D 364 -56.35 51.05 13.81
CA VAL D 364 -57.56 50.19 13.76
C VAL D 364 -57.82 49.76 12.28
N THR D 365 -57.09 50.39 11.33
CA THR D 365 -57.11 50.09 9.90
C THR D 365 -56.34 48.79 9.62
N PHE D 366 -55.48 48.36 10.59
CA PHE D 366 -54.68 47.13 10.49
C PHE D 366 -55.59 45.90 10.34
N LEU D 367 -56.73 45.88 11.07
CA LEU D 367 -57.71 44.79 11.03
C LEU D 367 -58.39 44.72 9.66
N SER D 368 -58.84 45.89 9.18
CA SER D 368 -59.48 46.11 7.87
C SER D 368 -58.54 45.66 6.71
N ASP D 369 -57.24 45.99 6.82
CA ASP D 369 -56.24 45.63 5.81
C ASP D 369 -55.68 44.20 5.96
N LEU D 370 -55.85 43.59 7.17
CA LEU D 370 -55.39 42.25 7.51
C LEU D 370 -55.81 41.18 6.49
N ARG D 371 -57.13 41.07 6.15
CA ARG D 371 -57.67 40.11 5.16
C ARG D 371 -57.02 40.29 3.81
N SER D 372 -56.78 41.55 3.43
CA SER D 372 -56.14 41.86 2.16
C SER D 372 -54.69 41.38 2.19
N ASN D 373 -53.99 41.61 3.32
CA ASN D 373 -52.59 41.19 3.51
C ASN D 373 -52.41 39.68 3.47
N LEU D 374 -53.42 38.93 3.94
CA LEU D 374 -53.40 37.47 3.96
C LEU D 374 -53.79 36.86 2.61
N GLN D 375 -54.20 37.72 1.67
CA GLN D 375 -54.62 37.38 0.32
C GLN D 375 -53.50 37.72 -0.67
N VAL D 376 -52.35 36.98 -0.62
CA VAL D 376 -51.27 37.17 -1.58
C VAL D 376 -51.70 36.38 -2.84
N SER D 377 -52.72 36.96 -3.51
CA SER D 377 -53.37 36.46 -4.70
C SER D 377 -52.77 37.18 -5.93
N ASN D 378 -51.67 36.60 -6.43
CA ASN D 378 -50.93 36.98 -7.65
C ASN D 378 -51.45 36.01 -8.75
N GLU D 379 -52.03 34.87 -8.29
CA GLU D 379 -52.59 33.75 -9.05
C GLU D 379 -54.08 33.53 -8.64
N PRO D 380 -54.99 33.15 -9.58
CA PRO D 380 -56.39 32.90 -9.16
C PRO D 380 -56.59 31.59 -8.39
N GLY D 381 -55.59 30.70 -8.48
CA GLY D 381 -55.54 29.39 -7.83
C GLY D 381 -55.04 29.35 -6.40
N ASN D 382 -54.03 30.19 -6.06
CA ASN D 382 -53.48 30.26 -4.69
C ASN D 382 -54.51 30.88 -3.75
N ARG D 383 -55.05 32.07 -4.14
CA ARG D 383 -56.06 32.83 -3.40
C ARG D 383 -55.52 33.42 -2.08
N TYR D 384 -55.08 32.55 -1.13
CA TYR D 384 -54.51 32.94 0.16
C TYR D 384 -53.05 32.50 0.34
N ASN D 385 -52.27 33.27 1.14
CA ASN D 385 -50.90 32.93 1.47
C ASN D 385 -51.04 32.10 2.71
N LEU D 386 -51.06 30.77 2.55
CA LEU D 386 -51.29 29.85 3.65
C LEU D 386 -50.20 29.87 4.75
N GLN D 387 -48.92 30.01 4.36
CA GLN D 387 -47.80 30.05 5.30
C GLN D 387 -47.92 31.24 6.24
N LEU D 388 -48.32 32.42 5.68
CA LEU D 388 -48.56 33.67 6.42
C LEU D 388 -49.76 33.51 7.33
N ILE D 389 -50.83 32.79 6.90
CA ILE D 389 -52.00 32.53 7.74
C ILE D 389 -51.56 31.79 9.02
N ASN D 390 -50.76 30.71 8.88
CA ASN D 390 -50.26 29.92 10.00
C ASN D 390 -49.40 30.69 11.00
N ALA D 391 -48.37 31.41 10.51
CA ALA D 391 -47.45 32.23 11.33
C ALA D 391 -48.20 33.31 12.10
N LEU D 392 -49.15 34.00 11.44
CA LEU D 392 -49.96 35.03 12.11
C LEU D 392 -50.66 34.43 13.34
N VAL D 393 -51.38 33.31 13.14
CA VAL D 393 -52.14 32.60 14.17
C VAL D 393 -51.23 32.19 15.35
N LEU D 394 -50.15 31.43 15.06
CA LEU D 394 -49.21 30.99 16.09
C LEU D 394 -48.55 32.16 16.79
N TYR D 395 -48.13 33.20 16.03
CA TYR D 395 -47.50 34.39 16.60
C TYR D 395 -48.43 35.11 17.54
N VAL D 396 -49.68 35.36 17.11
CA VAL D 396 -50.68 36.05 17.94
C VAL D 396 -50.95 35.25 19.25
N GLY D 397 -51.10 33.94 19.15
CA GLY D 397 -51.30 33.06 20.31
C GLY D 397 -50.13 33.03 21.29
N THR D 398 -48.86 32.95 20.79
CA THR D 398 -47.62 32.95 21.59
C THR D 398 -47.44 34.25 22.36
N GLN D 399 -47.74 35.37 21.67
CA GLN D 399 -47.69 36.73 22.18
C GLN D 399 -48.76 36.89 23.23
N ALA D 400 -49.94 36.30 23.01
CA ALA D 400 -51.08 36.32 23.94
C ALA D 400 -50.71 35.54 25.20
N ILE D 401 -50.17 34.29 25.06
CA ILE D 401 -49.69 33.44 26.17
C ILE D 401 -48.67 34.22 27.02
N ALA D 402 -47.74 34.94 26.36
CA ALA D 402 -46.74 35.78 27.01
C ALA D 402 -47.40 36.96 27.78
N HIS D 403 -48.29 37.70 27.09
CA HIS D 403 -49.02 38.85 27.64
C HIS D 403 -49.92 38.48 28.84
N ILE D 404 -50.52 37.23 28.84
CA ILE D 404 -51.37 36.72 29.92
C ILE D 404 -50.48 36.43 31.16
N HIS D 405 -49.37 35.66 30.95
CA HIS D 405 -48.40 35.26 31.99
C HIS D 405 -47.71 36.49 32.61
N ASN D 406 -47.32 37.46 31.76
CA ASN D 406 -46.68 38.70 32.20
C ASN D 406 -47.63 39.53 33.05
N LYS D 407 -48.94 39.54 32.70
CA LYS D 407 -49.99 40.24 33.44
C LYS D 407 -50.28 39.52 34.76
N GLY D 408 -49.70 38.32 34.91
CA GLY D 408 -49.83 37.48 36.09
C GLY D 408 -51.09 36.64 36.09
N SER D 409 -51.25 35.78 35.07
CA SER D 409 -52.40 34.88 34.90
C SER D 409 -52.08 33.64 34.03
N THR D 410 -52.96 32.65 34.07
CA THR D 410 -52.85 31.44 33.25
C THR D 410 -53.86 31.61 32.11
N PRO D 411 -53.53 31.29 30.83
CA PRO D 411 -54.55 31.39 29.77
C PRO D 411 -55.79 30.60 30.19
N SER D 412 -56.91 31.31 30.32
CA SER D 412 -58.20 30.76 30.74
C SER D 412 -59.19 31.12 29.68
N MET D 413 -60.41 30.57 29.80
CA MET D 413 -61.53 30.97 28.98
C MET D 413 -61.89 32.46 29.28
N SER D 414 -61.45 32.98 30.45
CA SER D 414 -61.71 34.35 30.90
C SER D 414 -60.54 35.33 30.72
N THR D 415 -59.31 34.83 30.67
CA THR D 415 -58.15 35.70 30.52
C THR D 415 -57.80 35.98 29.05
N ILE D 416 -58.12 35.02 28.14
CA ILE D 416 -57.82 35.06 26.69
C ILE D 416 -58.63 36.13 25.92
N THR D 417 -59.78 36.52 26.46
CA THR D 417 -60.73 37.44 25.84
C THR D 417 -60.43 38.92 26.04
N HIS D 418 -61.05 39.77 25.20
CA HIS D 418 -60.97 41.24 25.23
C HIS D 418 -59.51 41.73 25.35
N SER D 419 -58.73 41.35 24.35
CA SER D 419 -57.33 41.70 24.17
C SER D 419 -57.14 41.92 22.66
N ALA D 420 -56.07 42.64 22.25
CA ALA D 420 -55.75 42.90 20.84
C ALA D 420 -55.57 41.57 20.08
N HIS D 421 -55.14 40.53 20.81
CA HIS D 421 -54.92 39.17 20.30
C HIS D 421 -56.24 38.54 19.83
N MET D 422 -57.27 38.57 20.69
CA MET D 422 -58.61 38.03 20.42
C MET D 422 -59.34 38.89 19.38
N ASP D 423 -59.00 40.19 19.29
CA ASP D 423 -59.56 41.12 18.31
C ASP D 423 -59.18 40.69 16.89
N ILE D 424 -57.95 40.17 16.73
CA ILE D 424 -57.45 39.66 15.46
C ILE D 424 -58.23 38.39 15.09
N PHE D 425 -58.29 37.41 16.01
CA PHE D 425 -59.00 36.14 15.81
C PHE D 425 -60.49 36.34 15.57
N GLN D 426 -61.15 37.24 16.32
CA GLN D 426 -62.56 37.51 16.13
C GLN D 426 -62.82 38.28 14.85
N ASN D 427 -61.83 39.06 14.40
CA ASN D 427 -61.93 39.83 13.16
C ASN D 427 -61.87 38.87 12.00
N LEU D 428 -60.82 38.02 11.96
CA LEU D 428 -60.56 37.01 10.93
C LEU D 428 -61.75 36.07 10.82
N ALA D 429 -62.29 35.63 11.97
CA ALA D 429 -63.46 34.76 12.05
C ALA D 429 -64.65 35.35 11.29
N VAL D 430 -64.90 36.68 11.39
CA VAL D 430 -66.05 37.34 10.73
C VAL D 430 -65.74 37.74 9.29
N ASP D 431 -64.70 38.59 9.13
CA ASP D 431 -64.31 39.28 7.90
C ASP D 431 -63.88 38.39 6.77
N LEU D 432 -63.21 37.25 7.06
CA LEU D 432 -62.77 36.32 6.01
C LEU D 432 -63.94 35.62 5.34
N ASP D 433 -63.74 35.07 4.13
CA ASP D 433 -64.78 34.31 3.42
C ASP D 433 -64.69 32.86 3.88
N THR D 434 -65.49 31.95 3.32
CA THR D 434 -65.48 30.55 3.77
C THR D 434 -64.13 29.83 3.51
N GLU D 435 -63.35 30.25 2.50
CA GLU D 435 -62.03 29.64 2.23
C GLU D 435 -61.03 30.18 3.24
N GLY D 436 -61.09 31.48 3.51
CA GLY D 436 -60.23 32.16 4.45
C GLY D 436 -60.41 31.52 5.80
N ARG D 437 -61.66 31.50 6.25
CA ARG D 437 -62.08 30.92 7.52
C ARG D 437 -61.62 29.49 7.64
N TYR D 438 -61.76 28.66 6.58
CA TYR D 438 -61.34 27.26 6.62
C TYR D 438 -59.84 27.20 6.92
N LEU D 439 -59.04 27.98 6.17
CA LEU D 439 -57.58 28.04 6.33
C LEU D 439 -57.18 28.57 7.67
N PHE D 440 -57.91 29.58 8.17
CA PHE D 440 -57.67 30.19 9.47
C PHE D 440 -57.89 29.20 10.63
N LEU D 441 -59.04 28.50 10.65
CA LEU D 441 -59.37 27.53 11.70
C LEU D 441 -58.45 26.33 11.65
N ASN D 442 -57.94 25.95 10.46
CA ASN D 442 -57.00 24.83 10.32
C ASN D 442 -55.71 25.18 11.05
N ALA D 443 -55.31 26.48 10.97
CA ALA D 443 -54.14 27.04 11.64
C ALA D 443 -54.31 26.98 13.14
N ILE D 444 -55.53 27.23 13.66
CA ILE D 444 -55.78 27.11 15.11
C ILE D 444 -55.73 25.63 15.50
N ALA D 445 -56.43 24.77 14.74
CA ALA D 445 -56.51 23.33 14.96
C ALA D 445 -55.16 22.60 14.93
N ASN D 446 -54.19 23.15 14.23
CA ASN D 446 -52.88 22.52 14.17
C ASN D 446 -52.07 22.73 15.46
N GLN D 447 -52.66 23.38 16.48
CA GLN D 447 -51.95 23.61 17.73
C GLN D 447 -52.60 22.82 18.85
N LEU D 448 -53.72 22.15 18.55
CA LEU D 448 -54.45 21.31 19.49
C LEU D 448 -53.80 19.95 19.52
N ARG D 449 -52.64 19.83 20.21
CA ARG D 449 -51.87 18.58 20.29
C ARG D 449 -51.73 18.00 21.76
N TYR D 450 -50.52 17.62 22.20
CA TYR D 450 -50.32 17.06 23.52
C TYR D 450 -50.50 18.14 24.59
N PRO D 451 -50.79 17.81 25.88
CA PRO D 451 -50.96 18.88 26.88
C PRO D 451 -49.73 19.78 27.03
N ASN D 452 -49.90 21.05 26.63
CA ASN D 452 -48.92 22.14 26.66
C ASN D 452 -49.67 23.48 26.56
N SER D 453 -49.00 24.62 26.85
CA SER D 453 -49.62 25.94 26.87
C SER D 453 -50.28 26.36 25.56
N HIS D 454 -49.74 25.91 24.40
CA HIS D 454 -50.28 26.24 23.08
C HIS D 454 -51.59 25.45 22.85
N THR D 455 -51.59 24.14 23.19
CA THR D 455 -52.77 23.27 23.12
C THR D 455 -53.91 23.93 23.92
N HIS D 456 -53.64 24.34 25.17
CA HIS D 456 -54.64 24.99 26.01
C HIS D 456 -55.12 26.34 25.47
N TYR D 457 -54.18 27.21 25.05
CA TYR D 457 -54.54 28.53 24.53
C TYR D 457 -55.47 28.44 23.33
N PHE D 458 -55.06 27.68 22.28
CA PHE D 458 -55.82 27.56 21.04
C PHE D 458 -57.12 26.72 21.20
N SER D 459 -57.25 25.95 22.30
CA SER D 459 -58.46 25.18 22.62
C SER D 459 -59.53 26.15 23.09
N CYS D 460 -59.17 27.05 24.01
CA CYS D 460 -60.06 28.07 24.53
C CYS D 460 -60.44 29.01 23.41
N THR D 461 -59.46 29.49 22.60
CA THR D 461 -59.68 30.38 21.46
C THR D 461 -60.76 29.82 20.56
N MET D 462 -60.58 28.57 20.08
CA MET D 462 -61.53 27.87 19.22
C MET D 462 -62.94 27.74 19.87
N LEU D 463 -62.98 27.44 21.20
CA LEU D 463 -64.20 27.28 21.97
C LEU D 463 -64.95 28.61 22.17
N TYR D 464 -64.19 29.71 22.29
CA TYR D 464 -64.72 31.06 22.44
C TYR D 464 -65.28 31.54 21.11
N LEU D 465 -64.50 31.38 20.02
CA LEU D 465 -64.89 31.75 18.66
C LEU D 465 -66.24 31.15 18.26
N PHE D 466 -66.48 29.86 18.62
CA PHE D 466 -67.75 29.19 18.36
C PHE D 466 -68.85 29.80 19.22
N ALA D 467 -68.60 29.95 20.53
CA ALA D 467 -69.59 30.48 21.45
C ALA D 467 -69.95 31.98 21.24
N GLU D 468 -69.04 32.75 20.66
CA GLU D 468 -69.26 34.17 20.42
C GLU D 468 -69.65 34.48 18.98
N ALA D 469 -69.82 33.44 18.16
CA ALA D 469 -70.18 33.56 16.74
C ALA D 469 -71.57 34.12 16.56
N ASN D 470 -71.71 35.11 15.68
CA ASN D 470 -73.03 35.68 15.40
C ASN D 470 -73.62 35.09 14.12
N THR D 471 -72.80 34.36 13.32
CA THR D 471 -73.18 33.73 12.05
C THR D 471 -73.15 32.22 12.20
N GLU D 472 -74.13 31.52 11.61
CA GLU D 472 -74.16 30.05 11.58
C GLU D 472 -72.88 29.50 10.89
N ALA D 473 -72.43 30.18 9.79
CA ALA D 473 -71.25 29.80 9.03
C ALA D 473 -70.00 29.58 9.90
N ILE D 474 -69.72 30.50 10.85
CA ILE D 474 -68.56 30.40 11.74
C ILE D 474 -68.65 29.13 12.58
N GLN D 475 -69.87 28.82 13.09
CA GLN D 475 -70.18 27.63 13.87
C GLN D 475 -69.99 26.31 13.05
N GLU D 476 -70.59 26.26 11.84
CA GLU D 476 -70.49 25.13 10.91
C GLU D 476 -69.02 24.81 10.58
N GLN D 477 -68.20 25.84 10.32
CA GLN D 477 -66.81 25.69 9.92
C GLN D 477 -65.91 25.15 11.07
N ILE D 478 -66.11 25.61 12.31
CA ILE D 478 -65.38 25.11 13.48
C ILE D 478 -65.72 23.61 13.67
N THR D 479 -67.04 23.25 13.62
CA THR D 479 -67.52 21.88 13.74
C THR D 479 -66.87 21.05 12.65
N ARG D 480 -66.79 21.58 11.40
CA ARG D 480 -66.20 20.91 10.25
C ARG D 480 -64.71 20.55 10.46
N VAL D 481 -63.86 21.54 10.83
CA VAL D 481 -62.43 21.29 11.03
C VAL D 481 -62.19 20.30 12.16
N LEU D 482 -62.98 20.39 13.23
CA LEU D 482 -62.81 19.48 14.35
C LEU D 482 -63.28 18.07 14.00
N LEU D 483 -64.51 17.93 13.44
CA LEU D 483 -65.12 16.65 13.05
C LEU D 483 -64.33 15.93 11.94
N GLU D 484 -63.86 16.68 10.90
CA GLU D 484 -63.02 16.20 9.78
C GLU D 484 -61.90 15.36 10.39
N ARG D 485 -61.17 15.98 11.34
CA ARG D 485 -59.99 15.48 12.05
C ARG D 485 -60.22 14.31 13.02
N LEU D 486 -61.51 14.01 13.38
CA LEU D 486 -61.86 12.88 14.27
C LEU D 486 -62.63 11.73 13.55
N ILE D 487 -63.18 12.00 12.35
CA ILE D 487 -63.93 11.05 11.53
C ILE D 487 -62.98 10.11 10.72
N VAL D 488 -61.77 10.59 10.48
CA VAL D 488 -60.67 9.91 9.80
C VAL D 488 -60.15 8.83 10.77
N ASN D 489 -59.41 7.83 10.24
CA ASN D 489 -58.84 6.78 11.07
C ASN D 489 -57.79 7.39 12.04
N ARG D 490 -57.45 6.65 13.11
CA ARG D 490 -56.45 7.05 14.10
C ARG D 490 -55.08 7.27 13.38
N PRO D 491 -54.08 8.00 13.93
CA PRO D 491 -54.05 8.70 15.22
C PRO D 491 -54.76 10.06 15.24
N HIS D 492 -55.28 10.49 16.42
CA HIS D 492 -56.00 11.75 16.67
C HIS D 492 -55.33 12.52 17.82
N PRO D 493 -54.93 13.80 17.60
CA PRO D 493 -54.28 14.55 18.69
C PRO D 493 -55.14 14.75 19.91
N TRP D 494 -54.50 14.63 21.09
CA TRP D 494 -55.10 14.79 22.41
C TRP D 494 -55.99 16.04 22.46
N GLY D 495 -55.37 17.21 22.21
CA GLY D 495 -55.98 18.53 22.27
C GLY D 495 -57.22 18.67 21.43
N LEU D 496 -57.18 18.13 20.22
CA LEU D 496 -58.29 18.13 19.28
C LEU D 496 -59.50 17.38 19.86
N LEU D 497 -59.28 16.19 20.47
CA LEU D 497 -60.33 15.39 21.12
C LEU D 497 -60.93 16.19 22.30
N ILE D 498 -60.04 16.78 23.15
CA ILE D 498 -60.45 17.56 24.31
C ILE D 498 -61.37 18.70 23.88
N THR D 499 -60.99 19.45 22.82
CA THR D 499 -61.73 20.59 22.26
C THR D 499 -63.11 20.16 21.81
N PHE D 500 -63.18 19.10 21.00
CA PHE D 500 -64.46 18.58 20.51
C PHE D 500 -65.44 18.18 21.66
N ILE D 501 -64.95 17.35 22.61
CA ILE D 501 -65.67 16.91 23.80
C ILE D 501 -66.24 18.12 24.59
N GLU D 502 -65.45 19.21 24.71
CA GLU D 502 -65.83 20.45 25.39
C GLU D 502 -66.90 21.21 24.62
N LEU D 503 -66.73 21.34 23.28
CA LEU D 503 -67.66 21.98 22.35
C LEU D 503 -69.06 21.36 22.39
N ILE D 504 -69.15 20.02 22.23
CA ILE D 504 -70.41 19.27 22.20
C ILE D 504 -71.22 19.40 23.49
N LYS D 505 -70.59 19.89 24.60
CA LYS D 505 -71.22 20.15 25.90
C LYS D 505 -71.84 21.55 25.94
N ASN D 506 -71.25 22.53 25.22
CA ASN D 506 -71.71 23.94 25.18
C ASN D 506 -73.16 24.06 24.70
N PRO D 507 -73.99 24.87 25.37
CA PRO D 507 -75.39 25.04 24.90
C PRO D 507 -75.47 25.75 23.55
N ALA D 508 -74.43 26.55 23.23
CA ALA D 508 -74.26 27.26 21.96
C ALA D 508 -74.17 26.25 20.81
N PHE D 509 -73.59 25.06 21.09
CA PHE D 509 -73.45 23.96 20.15
C PHE D 509 -74.73 23.17 20.10
N LYS D 510 -75.27 22.79 21.25
CA LYS D 510 -76.50 22.01 21.36
C LYS D 510 -77.60 22.66 20.54
N PHE D 511 -77.69 24.00 20.62
CA PHE D 511 -78.62 24.82 19.85
C PHE D 511 -78.27 24.78 18.36
N TRP D 512 -76.99 24.94 18.01
CA TRP D 512 -76.52 24.90 16.63
C TRP D 512 -76.85 23.52 15.99
N ASN D 513 -76.50 22.43 16.71
CA ASN D 513 -76.71 21.05 16.31
C ASN D 513 -78.16 20.74 16.08
N HIS D 514 -79.04 21.18 16.98
CA HIS D 514 -80.48 20.94 16.87
C HIS D 514 -81.06 21.51 15.60
N GLU D 515 -80.76 22.77 15.26
CA GLU D 515 -81.28 23.44 14.07
C GLU D 515 -80.66 22.93 12.77
N PHE D 516 -79.35 22.54 12.78
CA PHE D 516 -78.63 22.01 11.62
C PHE D 516 -78.99 20.57 11.30
N VAL D 517 -79.06 19.68 12.32
CA VAL D 517 -79.41 18.25 12.16
C VAL D 517 -80.89 18.07 11.73
N GLU D 518 -81.75 19.05 12.05
CA GLU D 518 -83.15 19.01 11.60
C GLU D 518 -83.23 19.28 10.09
N GLU D 519 -82.40 20.22 9.57
CA GLU D 519 -82.35 20.56 8.14
C GLU D 519 -81.61 19.48 7.28
N GLU D 520 -80.38 19.04 7.72
CA GLU D 520 -79.57 18.01 7.06
C GLU D 520 -79.30 16.81 8.02
N PRO D 521 -80.05 15.69 7.89
CA PRO D 521 -79.94 14.59 8.87
C PRO D 521 -78.79 13.60 8.73
N GLU D 522 -78.19 13.45 7.52
CA GLU D 522 -77.06 12.52 7.25
C GLU D 522 -75.81 12.99 8.02
N ILE D 523 -75.84 14.26 8.45
CA ILE D 523 -74.84 14.95 9.25
C ILE D 523 -74.75 14.25 10.60
N GLU D 524 -75.91 13.81 11.17
CA GLU D 524 -75.98 13.11 12.46
C GLU D 524 -75.20 11.81 12.47
N LYS D 525 -75.12 11.12 11.30
CA LYS D 525 -74.34 9.89 11.19
C LYS D 525 -72.84 10.21 11.33
N LEU D 526 -72.40 11.42 10.91
CA LEU D 526 -71.01 11.86 11.04
C LEU D 526 -70.63 11.91 12.53
N PHE D 527 -71.48 12.56 13.36
CA PHE D 527 -71.26 12.66 14.80
C PHE D 527 -71.26 11.28 15.46
N GLN D 528 -72.16 10.38 15.00
CA GLN D 528 -72.26 9.00 15.48
C GLN D 528 -70.97 8.21 15.23
N SER D 529 -70.21 8.56 14.17
CA SER D 529 -68.94 7.93 13.82
C SER D 529 -67.88 8.18 14.87
N VAL D 530 -67.83 9.43 15.40
CA VAL D 530 -66.86 9.91 16.38
C VAL D 530 -66.80 9.05 17.66
N ALA D 531 -67.94 8.53 18.16
CA ALA D 531 -67.98 7.70 19.39
C ALA D 531 -67.05 6.49 19.33
N GLN D 532 -67.21 5.67 18.26
CA GLN D 532 -66.49 4.44 17.94
C GLN D 532 -65.02 4.70 17.46
N CYS D 533 -64.88 5.51 16.38
CA CYS D 533 -63.64 5.88 15.68
C CYS D 533 -62.53 6.44 16.58
N CYS D 534 -62.90 7.21 17.64
CA CYS D 534 -61.97 7.96 18.48
C CYS D 534 -61.26 7.20 19.58
N MET D 535 -60.03 7.72 19.83
CA MET D 535 -58.99 7.30 20.77
C MET D 535 -59.38 7.56 22.24
N MET E 7 -76.38 29.52 6.03
CA MET E 7 -75.69 28.24 5.87
C MET E 7 -74.52 28.26 4.84
N VAL E 8 -73.71 27.16 4.80
CA VAL E 8 -72.56 27.03 3.90
C VAL E 8 -72.86 26.00 2.80
N THR E 9 -73.16 26.52 1.61
CA THR E 9 -73.46 25.79 0.38
C THR E 9 -72.17 25.14 -0.14
N ASP E 10 -71.07 25.89 -0.01
CA ASP E 10 -69.66 25.63 -0.35
C ASP E 10 -69.06 24.28 0.10
N GLN E 11 -67.84 24.04 -0.39
CA GLN E 11 -66.99 22.89 -0.12
C GLN E 11 -66.37 22.92 1.30
N PHE E 12 -66.39 24.08 1.99
CA PHE E 12 -65.78 24.26 3.31
C PHE E 12 -66.73 24.09 4.50
N GLY E 13 -67.96 23.62 4.21
CA GLY E 13 -68.98 23.35 5.21
C GLY E 13 -69.17 21.87 5.52
N MET E 14 -70.23 21.55 6.26
CA MET E 14 -70.59 20.18 6.64
C MET E 14 -71.02 19.36 5.45
N ILE E 15 -71.75 20.01 4.53
CA ILE E 15 -72.22 19.40 3.29
C ILE E 15 -71.02 18.95 2.48
N GLY E 16 -70.04 19.85 2.33
CA GLY E 16 -68.78 19.54 1.66
C GLY E 16 -68.04 18.35 2.24
N LEU E 17 -68.22 18.08 3.54
CA LEU E 17 -67.59 16.97 4.24
C LEU E 17 -68.23 15.62 3.92
N LEU E 18 -69.59 15.50 3.97
CA LEU E 18 -70.16 14.18 3.66
C LEU E 18 -70.14 13.87 2.16
N THR E 19 -70.03 14.91 1.33
CA THR E 19 -69.87 14.75 -0.11
C THR E 19 -68.54 14.05 -0.38
N PHE E 20 -67.46 14.40 0.37
CA PHE E 20 -66.16 13.73 0.23
C PHE E 20 -66.20 12.29 0.77
N ILE E 21 -66.93 12.07 1.87
CA ILE E 21 -67.05 10.75 2.49
C ILE E 21 -67.83 9.81 1.58
N ARG E 22 -68.97 10.27 1.04
CA ARG E 22 -69.79 9.46 0.13
C ARG E 22 -69.11 9.24 -1.23
N ALA E 23 -68.02 9.97 -1.52
CA ALA E 23 -67.27 9.80 -2.75
C ALA E 23 -66.33 8.59 -2.64
N ALA E 24 -66.02 8.14 -1.39
CA ALA E 24 -65.15 6.98 -1.14
C ALA E 24 -65.84 5.65 -1.46
N GLU E 25 -67.20 5.69 -1.51
CA GLU E 25 -68.06 4.56 -1.91
C GLU E 25 -67.75 4.22 -3.39
N THR E 26 -67.83 5.25 -4.26
CA THR E 26 -67.54 5.14 -5.69
C THR E 26 -66.04 5.28 -6.03
N ASP E 27 -65.15 5.41 -5.02
CA ASP E 27 -63.73 5.55 -5.36
C ASP E 27 -62.99 4.22 -5.36
N PRO E 28 -62.51 3.76 -6.55
CA PRO E 28 -61.74 2.50 -6.60
C PRO E 28 -60.27 2.67 -6.18
N GLY E 29 -59.85 3.93 -5.94
CA GLY E 29 -58.51 4.27 -5.48
C GLY E 29 -58.34 3.83 -4.05
N MET E 30 -57.10 3.46 -3.68
CA MET E 30 -56.75 2.93 -2.36
C MET E 30 -56.55 4.00 -1.28
N VAL E 31 -56.51 5.30 -1.68
CA VAL E 31 -56.36 6.42 -0.75
C VAL E 31 -57.54 7.39 -0.85
N HIS E 32 -58.18 7.56 0.30
CA HIS E 32 -59.31 8.44 0.54
C HIS E 32 -58.79 9.30 1.66
N LEU E 33 -58.28 10.51 1.28
CA LEU E 33 -57.63 11.44 2.20
C LEU E 33 -58.59 11.97 3.27
N ALA E 34 -59.93 11.81 3.06
CA ALA E 34 -60.99 12.21 4.00
C ALA E 34 -61.28 11.23 5.15
N LEU E 35 -61.24 9.93 4.86
CA LEU E 35 -61.54 8.83 5.79
C LEU E 35 -60.29 8.21 6.34
N GLY E 36 -59.22 8.27 5.56
CA GLY E 36 -57.95 7.65 5.90
C GLY E 36 -57.95 6.16 5.68
N SER E 37 -57.07 5.48 6.39
CA SER E 37 -56.95 4.04 6.30
C SER E 37 -56.49 3.47 7.62
N ASP E 38 -56.88 2.21 7.90
CA ASP E 38 -56.46 1.51 9.12
C ASP E 38 -54.94 1.29 9.04
N LEU E 39 -54.18 2.12 9.76
CA LEU E 39 -52.72 2.05 9.72
C LEU E 39 -52.17 0.82 10.44
N THR E 40 -53.02 0.11 11.21
CA THR E 40 -52.57 -1.10 11.90
C THR E 40 -52.33 -2.19 10.85
N THR E 41 -53.08 -2.14 9.73
CA THR E 41 -53.07 -3.09 8.64
C THR E 41 -51.92 -2.86 7.61
N LEU E 42 -50.91 -2.02 7.94
CA LEU E 42 -49.77 -1.76 7.05
C LEU E 42 -48.57 -2.68 7.33
N GLY E 43 -48.77 -3.69 8.17
CA GLY E 43 -47.73 -4.65 8.49
C GLY E 43 -46.63 -4.17 9.40
N LEU E 44 -46.88 -3.09 10.16
CA LEU E 44 -45.94 -2.56 11.16
C LEU E 44 -46.55 -2.88 12.52
N ASN E 45 -45.73 -3.31 13.48
CA ASN E 45 -46.26 -3.60 14.81
C ASN E 45 -46.24 -2.29 15.63
N LEU E 46 -47.25 -1.45 15.42
CA LEU E 46 -47.36 -0.15 16.09
C LEU E 46 -47.50 -0.30 17.60
N ASN E 47 -47.82 -1.52 18.05
CA ASN E 47 -47.95 -1.86 19.47
C ASN E 47 -46.63 -2.36 20.03
N SER E 48 -45.61 -2.60 19.16
CA SER E 48 -44.31 -3.10 19.57
C SER E 48 -43.70 -2.23 20.64
N PRO E 49 -43.24 -2.84 21.76
CA PRO E 49 -42.58 -2.03 22.79
C PRO E 49 -41.13 -1.68 22.38
N GLU E 50 -40.62 -2.38 21.33
CA GLU E 50 -39.28 -2.22 20.75
C GLU E 50 -39.35 -1.34 19.52
N ASN E 51 -38.24 -0.66 19.17
CA ASN E 51 -38.15 0.18 17.98
C ASN E 51 -38.46 -0.63 16.73
N LEU E 52 -38.99 0.02 15.66
CA LEU E 52 -39.34 -0.66 14.42
C LEU E 52 -38.26 -0.50 13.37
N TYR E 53 -37.61 0.70 13.35
CA TYR E 53 -36.57 1.07 12.39
C TYR E 53 -35.43 0.02 12.23
N PRO E 54 -34.89 -0.66 13.29
CA PRO E 54 -33.80 -1.62 13.03
C PRO E 54 -34.18 -2.77 12.08
N LYS E 55 -35.46 -3.14 12.06
CA LYS E 55 -35.98 -4.22 11.20
C LYS E 55 -36.87 -3.64 10.09
N PHE E 56 -36.79 -2.30 9.84
CA PHE E 56 -37.59 -1.65 8.79
C PHE E 56 -37.08 -2.05 7.40
N ALA E 57 -37.86 -2.93 6.75
CA ALA E 57 -37.54 -3.47 5.43
C ALA E 57 -37.39 -2.43 4.34
N SER E 58 -38.48 -1.74 3.98
CA SER E 58 -38.55 -0.71 2.94
C SER E 58 -39.89 0.01 3.15
N PRO E 59 -40.20 1.15 2.45
CA PRO E 59 -41.52 1.76 2.66
C PRO E 59 -42.68 0.97 2.01
N TRP E 60 -42.38 -0.05 1.15
CA TRP E 60 -43.38 -0.84 0.43
C TRP E 60 -43.64 -2.22 1.03
N ALA E 61 -42.68 -2.74 1.82
CA ALA E 61 -42.77 -4.05 2.46
C ALA E 61 -43.80 -4.05 3.58
N SER E 62 -44.49 -5.18 3.71
CA SER E 62 -45.54 -5.44 4.68
C SER E 62 -45.03 -6.34 5.82
N SER E 63 -43.70 -6.59 5.87
CA SER E 63 -43.06 -7.48 6.85
C SER E 63 -41.70 -6.91 7.26
N PRO E 64 -41.22 -7.12 8.51
CA PRO E 64 -39.87 -6.64 8.86
C PRO E 64 -38.75 -7.48 8.27
N CYS E 65 -37.49 -7.02 8.37
CA CYS E 65 -36.30 -7.75 7.96
C CYS E 65 -36.17 -9.06 8.75
N ARG E 66 -35.92 -10.16 8.02
CA ARG E 66 -35.64 -11.48 8.56
C ARG E 66 -34.10 -11.54 8.77
N PRO E 67 -33.51 -12.50 9.56
CA PRO E 67 -32.03 -12.53 9.69
C PRO E 67 -31.33 -12.80 8.38
N GLN E 68 -31.96 -13.56 7.44
CA GLN E 68 -31.40 -13.84 6.10
C GLN E 68 -31.34 -12.58 5.20
N ASP E 69 -32.13 -11.54 5.54
CA ASP E 69 -32.15 -10.26 4.82
C ASP E 69 -31.02 -9.34 5.31
N ILE E 70 -30.75 -9.34 6.64
CA ILE E 70 -29.71 -8.53 7.29
C ILE E 70 -28.31 -9.02 6.92
N ASP E 71 -27.49 -8.15 6.33
CA ASP E 71 -26.13 -8.51 6.01
C ASP E 71 -25.32 -8.37 7.29
N PHE E 72 -24.42 -9.33 7.56
CA PHE E 72 -23.61 -9.28 8.76
C PHE E 72 -22.18 -9.61 8.43
N HIS E 73 -21.27 -8.88 9.06
CA HIS E 73 -19.84 -9.03 8.85
C HIS E 73 -19.30 -10.26 9.61
N VAL E 74 -19.78 -11.45 9.19
CA VAL E 74 -19.44 -12.77 9.75
C VAL E 74 -17.92 -12.99 9.80
N PRO E 75 -17.37 -13.61 10.86
CA PRO E 75 -15.91 -13.86 10.89
C PRO E 75 -15.44 -14.51 9.59
N SER E 76 -14.45 -13.88 8.89
CA SER E 76 -13.83 -14.26 7.60
C SER E 76 -13.95 -15.76 7.29
N GLU E 77 -13.54 -16.63 8.24
CA GLU E 77 -13.58 -18.09 8.17
C GLU E 77 -14.90 -18.70 7.69
N TYR E 78 -16.02 -18.02 7.95
CA TYR E 78 -17.32 -18.51 7.56
C TYR E 78 -17.66 -18.30 6.09
N LEU E 79 -16.84 -17.54 5.34
CA LEU E 79 -17.07 -17.28 3.91
C LEU E 79 -16.58 -18.45 3.03
N THR E 80 -17.22 -19.60 3.28
CA THR E 80 -16.98 -20.92 2.66
C THR E 80 -17.20 -21.00 1.16
N ASN E 81 -18.33 -20.45 0.69
CA ASN E 81 -18.81 -20.54 -0.69
C ASN E 81 -17.76 -20.34 -1.79
N ILE E 82 -16.89 -19.32 -1.67
CA ILE E 82 -15.85 -19.03 -2.69
C ILE E 82 -14.88 -20.19 -2.88
N HIS E 83 -14.61 -20.98 -1.85
CA HIS E 83 -13.67 -22.09 -1.93
C HIS E 83 -14.32 -23.45 -2.17
N ILE E 84 -15.59 -23.61 -1.78
CA ILE E 84 -16.30 -24.89 -1.86
C ILE E 84 -17.46 -24.94 -2.89
N ARG E 85 -17.67 -23.85 -3.67
CA ARG E 85 -18.76 -23.66 -4.64
C ARG E 85 -19.09 -24.89 -5.48
N ASP E 86 -18.07 -25.47 -6.17
CA ASP E 86 -18.14 -26.63 -7.07
C ASP E 86 -18.55 -27.93 -6.40
N LYS E 87 -17.84 -28.30 -5.30
CA LYS E 87 -18.06 -29.51 -4.50
C LYS E 87 -19.37 -29.45 -3.71
N LEU E 88 -19.80 -28.24 -3.28
CA LEU E 88 -21.04 -28.04 -2.53
C LEU E 88 -22.29 -28.53 -3.28
N ALA E 89 -23.04 -29.41 -2.63
CA ALA E 89 -24.28 -30.00 -3.12
C ALA E 89 -25.30 -28.93 -3.54
N ALA E 90 -26.15 -29.25 -4.52
CA ALA E 90 -27.19 -28.32 -4.96
C ALA E 90 -28.43 -28.50 -4.07
N ILE E 91 -29.27 -27.46 -3.99
CA ILE E 91 -30.47 -27.49 -3.16
C ILE E 91 -31.57 -28.35 -3.81
N LYS E 92 -31.93 -29.44 -3.10
CA LYS E 92 -32.99 -30.38 -3.47
C LYS E 92 -33.79 -30.67 -2.19
N LEU E 93 -34.97 -30.02 -2.06
CA LEU E 93 -35.86 -30.11 -0.89
C LEU E 93 -36.27 -31.53 -0.52
N GLY E 94 -36.14 -32.45 -1.47
CA GLY E 94 -36.44 -33.87 -1.28
C GLY E 94 -35.43 -34.58 -0.40
N ARG E 95 -34.18 -34.05 -0.37
CA ARG E 95 -33.09 -34.62 0.45
C ARG E 95 -33.25 -34.24 1.92
N TYR E 96 -33.73 -33.00 2.16
CA TYR E 96 -33.82 -32.41 3.48
C TYR E 96 -34.91 -33.00 4.37
N GLY E 97 -34.65 -33.00 5.68
CA GLY E 97 -35.56 -33.47 6.70
C GLY E 97 -36.74 -32.54 6.90
N GLU E 98 -37.71 -32.95 7.74
CA GLU E 98 -38.91 -32.13 7.95
C GLU E 98 -38.64 -30.85 8.73
N ASP E 99 -37.66 -30.86 9.67
CA ASP E 99 -37.27 -29.68 10.46
C ASP E 99 -36.78 -28.57 9.55
N LEU E 100 -36.03 -28.95 8.49
CA LEU E 100 -35.55 -27.97 7.53
C LEU E 100 -36.71 -27.38 6.73
N LEU E 101 -37.59 -28.26 6.17
CA LEU E 101 -38.77 -27.85 5.41
C LEU E 101 -39.64 -26.92 6.24
N PHE E 102 -39.84 -27.24 7.51
CA PHE E 102 -40.56 -26.37 8.44
C PHE E 102 -39.82 -25.04 8.69
N TYR E 103 -38.46 -25.05 8.70
CA TYR E 103 -37.74 -23.80 8.89
C TYR E 103 -38.00 -22.94 7.66
N LEU E 104 -37.67 -23.47 6.45
CA LEU E 104 -37.86 -22.82 5.15
C LEU E 104 -39.29 -22.30 5.01
N TYR E 105 -40.30 -23.14 5.36
CA TYR E 105 -41.71 -22.76 5.32
C TYR E 105 -42.02 -21.54 6.22
N TYR E 106 -41.70 -21.62 7.51
CA TYR E 106 -42.04 -20.58 8.47
C TYR E 106 -41.24 -19.29 8.31
N MET E 107 -40.10 -19.31 7.61
CA MET E 107 -39.27 -18.12 7.43
C MET E 107 -39.54 -17.32 6.15
N ASN E 108 -39.89 -17.98 5.04
CA ASN E 108 -40.03 -17.28 3.76
C ASN E 108 -41.48 -16.81 3.41
N GLY E 109 -42.05 -16.00 4.31
CA GLY E 109 -43.36 -15.42 4.14
C GLY E 109 -43.46 -14.52 2.92
N GLY E 110 -43.99 -15.08 1.83
CA GLY E 110 -44.13 -14.33 0.58
C GLY E 110 -42.92 -14.43 -0.31
N ASP E 111 -42.54 -15.69 -0.61
CA ASP E 111 -41.40 -16.07 -1.46
C ASP E 111 -41.72 -17.42 -2.04
N VAL E 112 -41.11 -17.76 -3.17
CA VAL E 112 -41.32 -19.06 -3.81
C VAL E 112 -40.82 -20.17 -2.90
N LEU E 113 -39.90 -19.85 -1.98
CA LEU E 113 -39.35 -20.80 -1.04
C LEU E 113 -40.39 -21.33 -0.04
N GLN E 114 -41.32 -20.44 0.47
CA GLN E 114 -42.41 -20.89 1.36
C GLN E 114 -43.27 -21.90 0.62
N LEU E 115 -43.59 -21.59 -0.64
CA LEU E 115 -44.39 -22.43 -1.50
C LEU E 115 -43.69 -23.71 -1.90
N LEU E 116 -42.43 -23.66 -2.37
CA LEU E 116 -41.66 -24.85 -2.75
C LEU E 116 -41.52 -25.83 -1.61
N ALA E 117 -41.40 -25.29 -0.35
CA ALA E 117 -41.33 -26.03 0.92
C ALA E 117 -42.72 -26.61 1.19
N ALA E 118 -43.80 -25.76 1.11
CA ALA E 118 -45.20 -26.18 1.26
C ALA E 118 -45.54 -27.34 0.32
N VAL E 119 -44.94 -27.35 -0.90
CA VAL E 119 -45.12 -28.41 -1.90
C VAL E 119 -44.47 -29.69 -1.41
N GLU E 120 -43.20 -29.60 -0.91
CA GLU E 120 -42.48 -30.77 -0.41
C GLU E 120 -43.13 -31.32 0.85
N LEU E 121 -43.75 -30.45 1.66
CA LEU E 121 -44.49 -30.82 2.85
C LEU E 121 -45.76 -31.58 2.45
N PHE E 122 -46.54 -30.99 1.50
CA PHE E 122 -47.78 -31.51 0.90
C PHE E 122 -47.52 -32.91 0.36
N ASN E 123 -46.38 -33.07 -0.36
CA ASN E 123 -45.91 -34.35 -0.92
C ASN E 123 -45.79 -35.40 0.18
N ARG E 124 -45.12 -35.06 1.28
CA ARG E 124 -44.87 -35.94 2.43
C ARG E 124 -46.16 -36.22 3.27
N ASP E 125 -47.35 -35.94 2.67
CA ASP E 125 -48.74 -36.11 3.14
C ASP E 125 -49.22 -35.00 4.15
N TRP E 126 -48.36 -34.03 4.56
CA TRP E 126 -48.78 -32.95 5.45
C TRP E 126 -49.86 -32.05 4.78
N ARG E 127 -50.89 -31.67 5.55
CA ARG E 127 -51.98 -30.83 5.06
C ARG E 127 -52.07 -29.55 5.89
N TYR E 128 -52.52 -28.45 5.28
CA TYR E 128 -52.62 -27.18 5.98
C TYR E 128 -54.05 -26.81 6.38
N HIS E 129 -54.30 -26.71 7.70
CA HIS E 129 -55.60 -26.30 8.19
C HIS E 129 -55.69 -24.79 7.97
N LYS E 130 -56.61 -24.35 7.09
CA LYS E 130 -56.78 -22.93 6.73
C LYS E 130 -57.30 -22.04 7.88
N GLU E 131 -57.99 -22.64 8.87
CA GLU E 131 -58.52 -21.91 10.02
C GLU E 131 -57.60 -22.02 11.25
N GLU E 132 -57.16 -23.26 11.58
CA GLU E 132 -56.27 -23.52 12.71
C GLU E 132 -54.81 -23.07 12.43
N ARG E 133 -54.51 -22.77 11.14
CA ARG E 133 -53.24 -22.29 10.62
C ARG E 133 -52.02 -23.19 11.00
N VAL E 134 -52.18 -24.53 10.86
CA VAL E 134 -51.12 -25.52 11.18
C VAL E 134 -50.96 -26.64 10.16
N TRP E 135 -49.73 -27.18 10.08
CA TRP E 135 -49.43 -28.33 9.21
C TRP E 135 -49.75 -29.60 10.01
N ILE E 136 -50.67 -30.45 9.49
CA ILE E 136 -51.14 -31.70 10.11
C ILE E 136 -50.82 -32.93 9.25
N THR E 137 -50.59 -34.08 9.89
CA THR E 137 -50.32 -35.35 9.21
C THR E 137 -50.74 -36.53 10.06
N ARG E 138 -50.95 -37.69 9.40
CA ARG E 138 -51.34 -38.95 10.03
C ARG E 138 -50.24 -39.50 10.92
N ALA E 139 -50.60 -39.73 12.19
CA ALA E 139 -49.72 -40.30 13.22
C ALA E 139 -49.47 -41.79 12.90
N PRO E 140 -48.27 -42.36 13.20
CA PRO E 140 -47.99 -43.77 12.83
C PRO E 140 -48.93 -44.82 13.44
N GLY E 141 -49.59 -45.56 12.54
CA GLY E 141 -50.50 -46.65 12.88
C GLY E 141 -51.93 -46.25 13.22
N MET E 142 -52.20 -44.94 13.43
CA MET E 142 -53.55 -44.47 13.75
C MET E 142 -54.32 -43.97 12.53
N GLU E 143 -55.21 -44.84 12.05
CA GLU E 143 -56.11 -44.61 10.93
C GLU E 143 -57.34 -43.88 11.48
N PRO E 144 -57.91 -42.86 10.78
CA PRO E 144 -59.11 -42.17 11.31
C PRO E 144 -60.30 -43.10 11.56
N THR E 145 -61.11 -42.76 12.57
CA THR E 145 -62.27 -43.50 13.03
C THR E 145 -63.37 -43.63 11.96
N MET E 146 -63.77 -42.49 11.34
CA MET E 146 -64.81 -42.47 10.30
C MET E 146 -64.54 -41.46 9.19
N LYS E 147 -63.76 -41.88 8.17
CA LYS E 147 -63.47 -41.08 6.98
C LYS E 147 -64.77 -41.02 6.17
N THR E 148 -65.32 -39.82 5.97
CA THR E 148 -66.59 -39.65 5.28
C THR E 148 -66.50 -38.65 4.12
N ASN E 149 -67.68 -38.26 3.58
CA ASN E 149 -67.85 -37.33 2.46
C ASN E 149 -67.25 -35.95 2.70
N THR E 150 -67.49 -35.34 3.87
CA THR E 150 -67.02 -33.98 4.19
C THR E 150 -65.90 -33.91 5.25
N TYR E 151 -65.70 -34.97 6.08
CA TYR E 151 -64.65 -34.95 7.10
C TYR E 151 -64.06 -36.35 7.42
N GLU E 152 -63.15 -36.37 8.42
CA GLU E 152 -62.51 -37.52 9.06
C GLU E 152 -62.04 -37.11 10.45
N ARG E 153 -62.01 -38.06 11.39
CA ARG E 153 -61.64 -37.80 12.78
C ARG E 153 -60.66 -38.88 13.30
N GLY E 154 -59.60 -38.46 13.97
CA GLY E 154 -58.60 -39.37 14.54
C GLY E 154 -57.44 -38.71 15.25
N THR E 155 -56.34 -39.46 15.42
CA THR E 155 -55.11 -38.99 16.05
C THR E 155 -54.24 -38.36 14.95
N TYR E 156 -53.80 -37.12 15.18
CA TYR E 156 -52.99 -36.40 14.21
C TYR E 156 -51.78 -35.74 14.80
N TYR E 157 -50.67 -35.78 14.04
CA TYR E 157 -49.44 -35.07 14.37
C TYR E 157 -49.49 -33.72 13.70
N PHE E 158 -49.26 -32.65 14.47
CA PHE E 158 -49.26 -31.29 13.95
C PHE E 158 -48.01 -30.52 14.41
N PHE E 159 -47.45 -29.62 13.57
CA PHE E 159 -46.25 -28.86 13.94
C PHE E 159 -46.56 -27.56 14.71
N ASP E 160 -46.01 -27.48 15.96
CA ASP E 160 -46.07 -26.34 16.87
C ASP E 160 -44.82 -25.47 16.62
N CYS E 161 -45.02 -24.30 15.99
CA CYS E 161 -43.95 -23.40 15.59
C CYS E 161 -43.46 -22.47 16.69
N LEU E 162 -44.17 -22.46 17.83
CA LEU E 162 -43.78 -21.66 19.01
C LEU E 162 -42.82 -22.48 19.91
N ASN E 163 -43.06 -23.80 20.01
CA ASN E 163 -42.20 -24.67 20.78
C ASN E 163 -41.30 -25.54 19.89
N TRP E 164 -41.38 -25.34 18.54
CA TRP E 164 -40.61 -26.06 17.52
C TRP E 164 -40.57 -27.57 17.74
N ARG E 165 -41.77 -28.20 17.64
CA ARG E 165 -41.96 -29.65 17.80
C ARG E 165 -43.29 -30.15 17.21
N LYS E 166 -43.33 -31.46 16.85
CA LYS E 166 -44.51 -32.16 16.37
C LYS E 166 -45.32 -32.48 17.61
N VAL E 167 -46.62 -32.25 17.54
CA VAL E 167 -47.52 -32.46 18.67
C VAL E 167 -48.62 -33.42 18.25
N ALA E 168 -48.84 -34.43 19.09
CA ALA E 168 -49.94 -35.35 18.87
C ALA E 168 -51.12 -34.69 19.59
N LYS E 169 -52.09 -34.25 18.80
CA LYS E 169 -53.31 -33.62 19.26
C LYS E 169 -54.45 -34.28 18.50
N GLU E 170 -55.38 -34.89 19.25
CA GLU E 170 -56.53 -35.61 18.70
C GLU E 170 -57.61 -34.61 18.28
N PHE E 171 -57.96 -34.58 16.97
CA PHE E 171 -59.01 -33.68 16.46
C PHE E 171 -59.79 -34.19 15.22
N HIS E 172 -60.88 -33.46 14.91
CA HIS E 172 -61.86 -33.64 13.83
C HIS E 172 -61.51 -32.60 12.74
N LEU E 173 -61.25 -33.05 11.49
CA LEU E 173 -60.89 -32.15 10.39
C LEU E 173 -61.77 -32.31 9.15
N GLU E 174 -62.36 -31.17 8.74
CA GLU E 174 -63.27 -30.99 7.60
C GLU E 174 -62.41 -30.65 6.38
N TYR E 175 -62.42 -31.52 5.34
CA TYR E 175 -61.62 -31.33 4.11
C TYR E 175 -61.83 -29.96 3.47
N ASP E 176 -62.98 -29.32 3.78
CA ASP E 176 -63.37 -27.98 3.36
C ASP E 176 -62.32 -26.98 3.91
N LYS E 177 -62.04 -27.07 5.24
CA LYS E 177 -61.10 -26.20 5.97
C LYS E 177 -59.63 -26.55 5.71
N LEU E 178 -59.40 -27.66 4.95
CA LEU E 178 -58.10 -28.18 4.55
C LEU E 178 -57.73 -27.67 3.15
N GLU E 179 -56.46 -27.28 2.96
CA GLU E 179 -55.95 -26.74 1.71
C GLU E 179 -55.45 -27.79 0.70
N GLU E 180 -55.66 -27.48 -0.60
CA GLU E 180 -55.25 -28.25 -1.78
C GLU E 180 -53.76 -27.99 -2.13
N ARG E 181 -53.22 -28.69 -3.17
CA ARG E 181 -51.83 -28.58 -3.64
C ARG E 181 -51.41 -27.10 -3.80
N PRO E 182 -50.30 -26.67 -3.15
CA PRO E 182 -49.91 -25.25 -3.23
C PRO E 182 -49.80 -24.68 -4.66
N HIS E 183 -50.43 -23.50 -4.87
CA HIS E 183 -50.42 -22.82 -6.16
C HIS E 183 -49.15 -22.01 -6.34
N LEU E 184 -48.23 -22.55 -7.16
CA LEU E 184 -46.93 -21.97 -7.49
C LEU E 184 -47.12 -20.87 -8.55
N PRO E 185 -46.87 -19.59 -8.21
CA PRO E 185 -47.03 -18.51 -9.19
C PRO E 185 -46.04 -18.65 -10.37
N SER E 186 -46.60 -18.78 -11.59
CA SER E 186 -45.87 -19.02 -12.84
C SER E 186 -45.03 -17.83 -13.30
N THR E 187 -45.60 -16.60 -13.22
CA THR E 187 -44.93 -15.35 -13.62
C THR E 187 -43.74 -15.10 -12.66
N PHE E 188 -42.51 -14.99 -13.22
CA PHE E 188 -41.27 -14.74 -12.47
C PHE E 188 -41.03 -13.25 -12.20
N ASN E 189 -41.58 -12.37 -13.06
CA ASN E 189 -41.45 -10.90 -13.03
C ASN E 189 -42.47 -10.20 -12.08
N TYR E 190 -42.57 -10.65 -10.81
CA TYR E 190 -43.47 -10.03 -9.84
C TYR E 190 -42.73 -9.21 -8.76
N ASN E 191 -43.13 -7.92 -8.60
CA ASN E 191 -42.60 -7.01 -7.59
C ASN E 191 -43.81 -6.62 -6.69
N PRO E 192 -43.84 -7.10 -5.43
CA PRO E 192 -44.97 -6.78 -4.56
C PRO E 192 -45.00 -5.31 -4.12
N ALA E 193 -43.91 -4.58 -4.40
CA ALA E 193 -43.75 -3.15 -4.14
C ALA E 193 -44.64 -2.34 -5.10
N GLN E 194 -44.90 -2.90 -6.31
CA GLN E 194 -45.72 -2.31 -7.39
C GLN E 194 -47.21 -2.37 -7.14
N GLN E 195 -47.68 -3.45 -6.49
CA GLN E 195 -49.10 -3.63 -6.23
C GLN E 195 -49.49 -3.27 -4.77
N ALA E 196 -48.54 -2.70 -4.00
CA ALA E 196 -48.76 -2.26 -2.62
C ALA E 196 -49.78 -1.10 -2.51
N PHE E 197 -51.10 -1.44 -2.46
CA PHE E 197 -52.26 -0.52 -2.33
C PHE E 197 -52.25 0.63 -3.34
N GLY F 1 -62.09 22.69 -16.82
CA GLY F 1 -62.06 21.52 -17.68
C GLY F 1 -61.35 20.34 -17.03
N PRO F 2 -60.42 19.64 -17.75
CA PRO F 2 -59.69 18.53 -17.14
C PRO F 2 -58.86 19.03 -15.97
N HIS F 3 -59.20 18.52 -14.78
CA HIS F 3 -58.68 18.89 -13.47
C HIS F 3 -57.19 18.59 -13.31
N MET F 4 -56.65 17.61 -14.05
CA MET F 4 -55.22 17.27 -14.06
C MET F 4 -54.45 18.44 -14.68
N LEU F 5 -55.09 19.21 -15.60
CA LEU F 5 -54.49 20.40 -16.19
C LEU F 5 -54.33 21.51 -15.14
N GLU F 6 -54.93 21.36 -13.94
CA GLU F 6 -54.69 22.29 -12.82
C GLU F 6 -53.25 22.08 -12.30
N LEU F 7 -52.59 20.93 -12.64
CA LEU F 7 -51.18 20.68 -12.34
C LEU F 7 -50.36 21.47 -13.35
N THR F 8 -49.13 21.84 -13.00
CA THR F 8 -48.27 22.56 -13.94
C THR F 8 -47.65 21.53 -14.84
N LYS F 9 -47.20 21.98 -16.05
CA LYS F 9 -46.50 21.14 -17.03
C LYS F 9 -45.35 20.39 -16.33
N GLU F 10 -44.60 21.05 -15.40
CA GLU F 10 -43.52 20.41 -14.68
C GLU F 10 -44.03 19.32 -13.78
N GLN F 11 -45.18 19.55 -13.09
CA GLN F 11 -45.79 18.54 -12.23
C GLN F 11 -46.32 17.37 -13.09
N LEU F 12 -46.84 17.69 -14.32
CA LEU F 12 -47.30 16.67 -15.29
C LEU F 12 -46.12 15.78 -15.74
N TYR F 13 -44.94 16.43 -15.97
CA TYR F 13 -43.69 15.80 -16.32
C TYR F 13 -43.22 14.95 -15.14
N GLN F 14 -43.16 15.51 -13.91
CA GLN F 14 -42.75 14.75 -12.71
C GLN F 14 -43.62 13.51 -12.56
N GLN F 15 -44.95 13.66 -12.70
CA GLN F 15 -45.90 12.54 -12.61
C GLN F 15 -45.56 11.44 -13.63
N ALA F 16 -45.21 11.85 -14.87
CA ALA F 16 -44.83 10.97 -15.96
C ALA F 16 -43.59 10.15 -15.58
N MET F 17 -42.50 10.83 -15.17
CA MET F 17 -41.26 10.20 -14.73
C MET F 17 -41.46 9.23 -13.54
N GLU F 18 -42.32 9.58 -12.56
CA GLU F 18 -42.63 8.71 -11.42
C GLU F 18 -43.43 7.49 -11.90
N GLU F 19 -44.40 7.74 -12.77
CA GLU F 19 -45.24 6.69 -13.35
C GLU F 19 -44.42 5.65 -14.10
N ALA F 20 -43.38 6.12 -14.83
CA ALA F 20 -42.46 5.24 -15.56
C ALA F 20 -41.64 4.38 -14.58
N ALA F 21 -41.17 5.02 -13.46
CA ALA F 21 -40.33 4.48 -12.38
C ALA F 21 -41.04 3.35 -11.70
N TRP F 22 -42.38 3.42 -11.71
CA TRP F 22 -43.24 2.43 -11.11
C TRP F 22 -43.16 1.12 -11.90
N HIS F 23 -43.13 1.21 -13.25
CA HIS F 23 -42.99 0.02 -14.13
C HIS F 23 -41.79 -0.81 -13.75
N HIS F 24 -40.71 -0.17 -13.26
CA HIS F 24 -39.54 -0.88 -12.76
C HIS F 24 -39.16 -0.48 -11.32
N MET F 25 -40.05 -0.76 -10.39
CA MET F 25 -39.80 -0.45 -8.99
C MET F 25 -38.57 -1.12 -8.40
N PRO F 26 -37.89 -0.52 -7.39
CA PRO F 26 -36.72 -1.20 -6.82
C PRO F 26 -37.10 -2.53 -6.17
N HIS F 27 -36.24 -3.51 -6.36
CA HIS F 27 -36.46 -4.85 -5.86
C HIS F 27 -35.83 -4.99 -4.47
N PRO F 28 -36.51 -5.77 -3.57
CA PRO F 28 -35.96 -6.00 -2.23
C PRO F 28 -34.48 -6.31 -2.17
N SER F 29 -33.93 -6.95 -3.22
CA SER F 29 -32.55 -7.38 -3.33
C SER F 29 -31.57 -6.33 -3.89
N ASP F 30 -32.05 -5.18 -4.38
CA ASP F 30 -31.17 -4.12 -4.91
C ASP F 30 -30.34 -3.48 -3.79
N SER F 31 -30.91 -3.49 -2.57
CA SER F 31 -30.44 -2.86 -1.32
C SER F 31 -29.66 -3.79 -0.34
N GLU F 32 -29.39 -5.06 -0.75
CA GLU F 32 -28.66 -6.06 0.06
C GLU F 32 -27.66 -6.84 -0.77
N ARG F 33 -26.57 -7.33 -0.14
CA ARG F 33 -25.52 -8.09 -0.84
C ARG F 33 -26.07 -9.34 -1.59
N ILE F 34 -25.32 -9.84 -2.59
CA ILE F 34 -25.75 -10.95 -3.44
C ILE F 34 -25.94 -12.27 -2.67
N ARG F 35 -27.03 -12.97 -3.01
CA ARG F 35 -27.44 -14.25 -2.47
C ARG F 35 -27.23 -15.23 -3.59
N GLN F 36 -26.20 -16.05 -3.44
CA GLN F 36 -25.83 -17.04 -4.46
C GLN F 36 -26.78 -18.22 -4.51
N TYR F 37 -27.48 -18.53 -3.40
CA TYR F 37 -28.32 -19.74 -3.33
C TYR F 37 -29.79 -19.50 -3.07
N LEU F 38 -30.12 -18.59 -2.16
CA LEU F 38 -31.53 -18.38 -1.89
C LEU F 38 -31.85 -16.90 -2.12
N PRO F 39 -31.89 -16.46 -3.39
CA PRO F 39 -32.23 -15.06 -3.66
C PRO F 39 -33.72 -14.79 -3.43
N ARG F 40 -34.07 -13.51 -3.24
CA ARG F 40 -35.46 -13.07 -3.05
C ARG F 40 -36.25 -13.34 -4.33
N ASN F 41 -37.41 -13.98 -4.18
CA ASN F 41 -38.34 -14.28 -5.25
C ASN F 41 -39.73 -13.93 -4.71
N PRO F 42 -40.02 -12.64 -4.35
CA PRO F 42 -41.35 -12.34 -3.80
C PRO F 42 -42.47 -12.76 -4.74
N CYS F 43 -43.51 -13.36 -4.15
CA CYS F 43 -44.65 -13.87 -4.88
C CYS F 43 -45.94 -13.78 -4.04
N PRO F 44 -47.16 -13.89 -4.65
CA PRO F 44 -48.37 -13.80 -3.83
C PRO F 44 -48.66 -15.11 -3.11
N THR F 45 -48.75 -15.04 -1.77
CA THR F 45 -49.02 -16.18 -0.90
C THR F 45 -50.41 -16.02 -0.27
N PRO F 46 -51.24 -17.10 -0.19
CA PRO F 46 -52.58 -16.96 0.40
C PRO F 46 -52.59 -16.42 1.83
N PRO F 47 -53.55 -15.53 2.17
CA PRO F 47 -53.59 -14.92 3.52
C PRO F 47 -53.68 -15.88 4.71
N TYR F 48 -54.17 -17.12 4.48
CA TYR F 48 -54.28 -18.13 5.54
C TYR F 48 -52.94 -18.73 5.91
N HIS F 49 -51.93 -18.60 5.01
CA HIS F 49 -50.55 -19.04 5.24
C HIS F 49 -49.81 -17.96 6.04
N HIS F 50 -48.74 -18.34 6.77
CA HIS F 50 -47.95 -17.42 7.58
C HIS F 50 -47.13 -16.46 6.74
N GLN F 51 -47.65 -15.24 6.56
CA GLN F 51 -47.01 -14.20 5.75
C GLN F 51 -45.74 -13.60 6.40
N MET F 52 -45.51 -13.97 7.67
CA MET F 52 -44.39 -13.53 8.49
C MET F 52 -43.86 -14.68 9.36
N PRO F 53 -42.56 -14.68 9.71
CA PRO F 53 -42.01 -15.75 10.54
C PRO F 53 -42.45 -15.77 12.01
N PRO F 54 -42.33 -16.94 12.71
CA PRO F 54 -42.70 -17.00 14.14
C PRO F 54 -42.11 -15.91 15.04
N PRO F 55 -42.77 -15.55 16.17
CA PRO F 55 -42.20 -14.53 17.06
C PRO F 55 -40.89 -14.95 17.69
N HIS F 56 -39.94 -13.99 17.75
CA HIS F 56 -38.58 -14.11 18.30
C HIS F 56 -37.79 -15.27 17.68
N SER F 57 -37.82 -15.35 16.35
CA SER F 57 -37.07 -16.35 15.60
C SER F 57 -35.65 -15.86 15.39
N ASP F 58 -35.41 -14.55 15.59
CA ASP F 58 -34.12 -13.86 15.42
C ASP F 58 -33.12 -14.05 16.57
N THR F 59 -33.39 -14.97 17.51
CA THR F 59 -32.55 -15.23 18.68
C THR F 59 -31.75 -16.53 18.53
N VAL F 60 -30.60 -16.65 19.22
CA VAL F 60 -29.76 -17.87 19.18
C VAL F 60 -30.50 -19.06 19.87
N GLU F 61 -31.44 -18.74 20.78
CA GLU F 61 -32.25 -19.72 21.52
C GLU F 61 -33.20 -20.43 20.55
N PHE F 62 -33.71 -19.69 19.54
CA PHE F 62 -34.57 -20.25 18.49
C PHE F 62 -33.77 -21.20 17.59
N TYR F 63 -32.57 -20.78 17.20
CA TYR F 63 -31.74 -21.57 16.32
C TYR F 63 -31.27 -22.84 17.01
N GLN F 64 -31.10 -22.80 18.35
CA GLN F 64 -30.72 -23.99 19.13
C GLN F 64 -31.80 -25.09 19.04
N ARG F 65 -33.08 -24.68 18.86
CA ARG F 65 -34.25 -25.55 18.73
C ARG F 65 -34.24 -26.31 17.38
N LEU F 66 -33.56 -25.73 16.36
CA LEU F 66 -33.48 -26.30 15.01
C LEU F 66 -32.58 -27.52 14.98
N SER F 67 -32.79 -28.38 13.97
CA SER F 67 -31.98 -29.58 13.77
C SER F 67 -30.62 -29.17 13.23
N THR F 68 -29.58 -30.02 13.43
CA THR F 68 -28.25 -29.70 12.93
C THR F 68 -28.26 -29.50 11.41
N GLU F 69 -29.03 -30.33 10.67
CA GLU F 69 -29.13 -30.22 9.22
C GLU F 69 -29.67 -28.85 8.80
N THR F 70 -30.74 -28.39 9.45
CA THR F 70 -31.26 -27.04 9.18
C THR F 70 -30.13 -26.01 9.40
N LEU F 71 -29.35 -26.17 10.52
CA LEU F 71 -28.27 -25.25 10.84
C LEU F 71 -27.13 -25.29 9.84
N PHE F 72 -26.76 -26.47 9.29
CA PHE F 72 -25.72 -26.52 8.26
C PHE F 72 -26.25 -25.96 6.93
N PHE F 73 -27.55 -26.10 6.65
CA PHE F 73 -28.17 -25.52 5.47
C PHE F 73 -28.04 -24.00 5.55
N ILE F 74 -28.27 -23.41 6.76
CA ILE F 74 -28.18 -21.97 6.96
C ILE F 74 -26.69 -21.54 6.82
N PHE F 75 -25.78 -22.32 7.41
CA PHE F 75 -24.35 -22.02 7.36
C PHE F 75 -23.77 -21.98 5.93
N TYR F 76 -24.21 -22.90 5.05
CA TYR F 76 -23.66 -22.99 3.71
C TYR F 76 -24.40 -22.20 2.63
N TYR F 77 -25.74 -22.31 2.53
CA TYR F 77 -26.55 -21.63 1.52
C TYR F 77 -27.14 -20.28 1.98
N LEU F 78 -26.61 -19.67 3.05
CA LEU F 78 -27.09 -18.38 3.56
C LEU F 78 -25.94 -17.54 4.17
N GLU F 79 -24.73 -17.73 3.62
CA GLU F 79 -23.46 -17.10 3.94
C GLU F 79 -23.55 -15.58 3.94
N GLY F 80 -22.84 -14.97 4.89
CA GLY F 80 -22.73 -13.54 5.09
C GLY F 80 -23.94 -12.86 5.71
N THR F 81 -24.81 -13.62 6.36
CA THR F 81 -26.04 -13.04 6.97
C THR F 81 -26.09 -13.24 8.48
N LYS F 82 -27.04 -12.55 9.14
CA LYS F 82 -27.28 -12.66 10.58
C LYS F 82 -27.70 -14.11 10.90
N ALA F 83 -28.53 -14.71 10.01
CA ALA F 83 -29.04 -16.08 10.07
C ALA F 83 -27.90 -17.06 10.15
N GLN F 84 -26.86 -16.88 9.30
CA GLN F 84 -25.66 -17.73 9.27
C GLN F 84 -24.89 -17.57 10.57
N TYR F 85 -24.82 -16.32 11.10
CA TYR F 85 -24.13 -16.01 12.35
C TYR F 85 -24.82 -16.68 13.55
N LEU F 86 -26.16 -16.68 13.55
CA LEU F 86 -26.99 -17.32 14.55
C LEU F 86 -26.84 -18.85 14.47
N ALA F 87 -26.75 -19.39 13.25
CA ALA F 87 -26.58 -20.82 12.99
C ALA F 87 -25.20 -21.28 13.52
N ALA F 88 -24.13 -20.47 13.27
CA ALA F 88 -22.78 -20.78 13.74
C ALA F 88 -22.74 -20.75 15.28
N LYS F 89 -23.37 -19.73 15.88
CA LYS F 89 -23.44 -19.58 17.32
C LYS F 89 -24.17 -20.77 17.97
N ALA F 90 -25.36 -21.16 17.43
CA ALA F 90 -26.16 -22.30 17.91
C ALA F 90 -25.36 -23.59 17.81
N LEU F 91 -24.63 -23.80 16.67
CA LEU F 91 -23.77 -24.97 16.46
C LEU F 91 -22.60 -24.99 17.44
N LYS F 92 -21.99 -23.85 17.73
CA LYS F 92 -20.89 -23.74 18.70
C LYS F 92 -21.40 -24.15 20.09
N LYS F 93 -22.58 -23.62 20.49
CA LYS F 93 -23.28 -23.93 21.75
C LYS F 93 -23.62 -25.41 21.79
N GLN F 94 -23.99 -26.00 20.65
CA GLN F 94 -24.30 -27.42 20.53
C GLN F 94 -23.00 -28.28 20.39
N SER F 95 -21.85 -27.69 20.79
CA SER F 95 -20.49 -28.29 20.91
C SER F 95 -19.81 -28.67 19.58
N TRP F 96 -20.23 -28.06 18.49
CA TRP F 96 -19.60 -28.28 17.19
C TRP F 96 -18.45 -27.28 17.04
N ARG F 97 -17.44 -27.65 16.26
CA ARG F 97 -16.25 -26.83 16.01
C ARG F 97 -15.92 -26.83 14.53
N PHE F 98 -15.84 -25.63 13.96
CA PHE F 98 -15.58 -25.42 12.54
C PHE F 98 -14.10 -25.48 12.17
N HIS F 99 -13.74 -26.39 11.23
CA HIS F 99 -12.38 -26.56 10.74
C HIS F 99 -12.11 -25.50 9.67
N THR F 100 -11.21 -24.53 9.94
CA THR F 100 -10.86 -23.45 9.02
C THR F 100 -10.36 -23.98 7.65
N LYS F 101 -9.57 -25.08 7.64
CA LYS F 101 -9.04 -25.69 6.42
C LYS F 101 -10.11 -26.44 5.60
N TYR F 102 -10.66 -27.54 6.15
CA TYR F 102 -11.65 -28.39 5.49
C TYR F 102 -13.02 -27.73 5.32
N MET F 103 -13.24 -26.59 6.02
CA MET F 103 -14.46 -25.78 6.01
C MET F 103 -15.74 -26.59 6.36
N MET F 104 -15.61 -27.44 7.43
CA MET F 104 -16.64 -28.34 7.96
C MET F 104 -16.77 -28.29 9.48
N TRP F 105 -17.98 -28.59 9.98
CA TRP F 105 -18.28 -28.64 11.41
C TRP F 105 -18.03 -30.02 11.97
N PHE F 106 -17.18 -30.09 12.99
CA PHE F 106 -16.80 -31.33 13.66
C PHE F 106 -17.27 -31.33 15.10
N GLN F 107 -17.73 -32.46 15.59
CA GLN F 107 -18.11 -32.62 16.99
C GLN F 107 -17.37 -33.85 17.53
N ARG F 108 -16.91 -33.78 18.77
CA ARG F 108 -16.23 -34.90 19.42
C ARG F 108 -17.25 -36.01 19.66
N HIS F 109 -16.97 -37.24 19.16
CA HIS F 109 -17.90 -38.35 19.41
C HIS F 109 -17.67 -38.83 20.83
N GLU F 110 -16.40 -38.81 21.24
CA GLU F 110 -15.88 -39.16 22.56
C GLU F 110 -14.72 -38.19 22.84
N GLU F 111 -14.23 -38.16 24.11
CA GLU F 111 -13.10 -37.36 24.57
C GLU F 111 -11.83 -37.80 23.75
N PRO F 112 -11.05 -36.83 23.19
CA PRO F 112 -9.91 -37.22 22.33
C PRO F 112 -8.82 -38.04 23.01
N LYS F 113 -8.21 -38.91 22.22
CA LYS F 113 -7.12 -39.81 22.60
C LYS F 113 -5.87 -39.02 23.05
N THR F 114 -5.60 -37.88 22.38
CA THR F 114 -4.42 -37.04 22.61
C THR F 114 -4.76 -35.56 22.48
N ILE F 115 -4.19 -34.73 23.38
CA ILE F 115 -4.29 -33.27 23.36
C ILE F 115 -2.89 -32.70 23.61
N THR F 116 -2.31 -32.02 22.60
CA THR F 116 -1.01 -31.35 22.68
C THR F 116 -1.31 -29.89 22.42
N ASP F 117 -0.28 -29.02 22.36
CA ASP F 117 -0.57 -27.62 22.09
C ASP F 117 -0.81 -27.35 20.62
N GLU F 118 -0.24 -28.19 19.70
CA GLU F 118 -0.45 -28.04 18.24
C GLU F 118 -1.73 -28.77 17.72
N PHE F 119 -2.09 -29.95 18.28
CA PHE F 119 -3.28 -30.67 17.82
C PHE F 119 -4.11 -31.36 18.92
N GLU F 120 -5.21 -31.95 18.48
CA GLU F 120 -6.20 -32.73 19.23
C GLU F 120 -6.47 -33.94 18.35
N GLN F 121 -6.39 -35.17 18.88
CA GLN F 121 -6.57 -36.38 18.06
C GLN F 121 -7.57 -37.38 18.66
N GLY F 122 -8.55 -37.79 17.86
CA GLY F 122 -9.55 -38.74 18.30
C GLY F 122 -10.64 -39.01 17.28
N THR F 123 -11.79 -39.54 17.76
CA THR F 123 -12.95 -39.84 16.91
C THR F 123 -13.90 -38.63 16.88
N TYR F 124 -14.29 -38.25 15.65
CA TYR F 124 -15.17 -37.11 15.39
C TYR F 124 -16.29 -37.44 14.42
N ILE F 125 -17.45 -36.77 14.60
CA ILE F 125 -18.55 -36.80 13.64
C ILE F 125 -18.47 -35.45 12.94
N TYR F 126 -18.60 -35.46 11.62
CA TYR F 126 -18.54 -34.24 10.82
C TYR F 126 -19.65 -34.15 9.80
N PHE F 127 -19.93 -32.93 9.32
CA PHE F 127 -20.95 -32.77 8.30
C PHE F 127 -20.27 -32.54 6.96
N ASP F 128 -20.54 -33.44 6.00
CA ASP F 128 -19.99 -33.41 4.66
C ASP F 128 -20.91 -32.57 3.76
N TYR F 129 -20.48 -31.34 3.38
CA TYR F 129 -21.26 -30.43 2.52
C TYR F 129 -21.38 -30.87 1.04
N GLU F 130 -20.52 -31.83 0.61
CA GLU F 130 -20.45 -32.39 -0.73
C GLU F 130 -21.52 -33.49 -0.92
N LYS F 131 -21.53 -34.48 -0.01
CA LYS F 131 -22.45 -35.61 0.01
C LYS F 131 -23.74 -35.31 0.81
N TRP F 132 -23.80 -34.12 1.46
CA TRP F 132 -24.89 -33.62 2.31
C TRP F 132 -25.33 -34.62 3.39
N GLY F 133 -24.40 -34.94 4.29
CA GLY F 133 -24.66 -35.87 5.37
C GLY F 133 -23.60 -35.97 6.46
N GLN F 134 -24.03 -36.40 7.65
CA GLN F 134 -23.18 -36.61 8.81
C GLN F 134 -22.34 -37.88 8.58
N ARG F 135 -21.04 -37.82 8.95
CA ARG F 135 -20.06 -38.88 8.73
C ARG F 135 -19.06 -38.95 9.90
N LYS F 136 -18.73 -40.17 10.37
CA LYS F 136 -17.75 -40.41 11.45
C LYS F 136 -16.33 -40.50 10.87
N LYS F 137 -15.32 -40.15 11.68
CA LYS F 137 -13.91 -40.22 11.32
C LYS F 137 -13.06 -40.56 12.54
N GLU F 138 -12.67 -41.82 12.62
CA GLU F 138 -11.83 -42.33 13.71
C GLU F 138 -10.39 -41.86 13.50
N GLY F 139 -9.65 -41.76 14.60
CA GLY F 139 -8.24 -41.35 14.62
C GLY F 139 -7.90 -40.09 13.86
N PHE F 140 -8.88 -39.14 13.79
CA PHE F 140 -8.75 -37.85 13.13
C PHE F 140 -7.87 -36.94 13.99
N THR F 141 -7.02 -36.15 13.33
CA THR F 141 -6.12 -35.22 13.99
C THR F 141 -6.54 -33.76 13.62
N PHE F 142 -7.26 -33.12 14.56
CA PHE F 142 -7.71 -31.75 14.42
C PHE F 142 -6.55 -30.86 14.89
N GLU F 143 -5.83 -30.27 13.90
CA GLU F 143 -4.72 -29.35 14.14
C GLU F 143 -5.33 -28.02 14.60
N TYR F 144 -4.89 -27.53 15.78
CA TYR F 144 -5.38 -26.29 16.41
C TYR F 144 -5.20 -25.05 15.54
N ARG F 145 -4.26 -25.13 14.59
CA ARG F 145 -3.91 -24.18 13.54
C ARG F 145 -5.18 -23.78 12.73
N TYR F 146 -6.17 -24.70 12.63
CA TYR F 146 -7.42 -24.57 11.87
C TYR F 146 -8.68 -24.51 12.77
N LEU F 147 -8.46 -24.14 14.04
CA LEU F 147 -9.52 -23.96 15.02
C LEU F 147 -9.35 -22.63 15.75
N GLU F 148 -10.43 -21.86 15.77
CA GLU F 148 -10.45 -20.60 16.51
C GLU F 148 -10.74 -20.89 17.99
#